data_8UZI
#
_entry.id   8UZI
#
_cell.length_a   83.838
_cell.length_b   101.108
_cell.length_c   123.584
_cell.angle_alpha   90.00
_cell.angle_beta   95.82
_cell.angle_gamma   90.00
#
_symmetry.space_group_name_H-M   'P 1 21 1'
#
loop_
_entity.id
_entity.type
_entity.pdbx_description
1 polymer 'Betaine aldehyde dehydrogenase'
2 non-polymer 'TRIMETHYL GLYCINE'
3 water water
#
_entity_poly.entity_id   1
_entity_poly.type   'polypeptide(L)'
_entity_poly.pdbx_seq_one_letter_code
;MAHHHHHHHMSRMAEQQLYIHGKFVAATSGKTFETINPATGEVLATVQAAGREDVDRAVKSAQQGQKVWAAMSAMARSRI
LRKAVDILRERNDELARLETLDTGKPLSETAAVDIVTGADVLEYYAGLIPALEGSQIPLRDSSFVYTRREPLGVVAGIGA
WNYPIQIALWKSAPALAAGNAMIFKPSEVTPLTALKLAEIYREAGLPDGVFNVLPGIGAETGQYLTEHPDIAKISFTGGV
ASGKKVMANSAASSLKEVTMELGGKSPLIIAEDANLDLAADIAMMANFYSSGQVCTNGTRVFVPAKFKAEFEHKILERVG
RIRAGDLFADDTNFGPLVSFPHRQNVLRYIESGKSEGARLLCGGDVLKGEGFDNGAWVAPTVFTDCTDDMTIVREEIFGP
VMSILSYDDEAEVIRRANATEYGLAAGVVTPDLNRAHRIIHQLEAGICWINSWGESPAEMPVGGYKHSGIGRENGVMTLQ
SYTQVKSIQVEMGPFQSIF
;
_entity_poly.pdbx_strand_id   A,B,C,D
#
loop_
_chem_comp.id
_chem_comp.type
_chem_comp.name
_chem_comp.formula
BET non-polymer 'TRIMETHYL GLYCINE' 'C5 H12 N O2 1'
#
# COMPACT_ATOMS: atom_id res chain seq x y z
N ARG A 12 41.38 -26.81 -19.26
CA ARG A 12 40.36 -26.30 -18.35
C ARG A 12 40.03 -24.85 -18.74
N MET A 13 39.97 -23.93 -17.78
CA MET A 13 39.81 -22.51 -18.05
C MET A 13 40.94 -21.74 -17.38
N ALA A 14 41.01 -20.45 -17.68
CA ALA A 14 42.02 -19.60 -17.07
C ALA A 14 41.73 -19.41 -15.58
N GLU A 15 42.78 -19.07 -14.83
CA GLU A 15 42.62 -18.80 -13.41
C GLU A 15 41.61 -17.69 -13.20
N GLN A 16 40.75 -17.87 -12.22
CA GLN A 16 39.67 -16.95 -11.93
C GLN A 16 40.08 -16.07 -10.76
N GLN A 17 39.93 -14.77 -10.93
CA GLN A 17 40.35 -13.80 -9.94
C GLN A 17 39.12 -13.21 -9.24
N LEU A 18 39.39 -12.31 -8.30
CA LEU A 18 38.34 -11.54 -7.65
C LEU A 18 37.84 -10.45 -8.59
N TYR A 19 36.60 -10.03 -8.39
CA TYR A 19 36.04 -8.91 -9.12
C TYR A 19 35.77 -7.81 -8.10
N ILE A 20 36.61 -6.79 -8.09
CA ILE A 20 36.48 -5.66 -7.19
C ILE A 20 36.57 -4.38 -8.02
N HIS A 21 35.53 -3.55 -7.94
CA HIS A 21 35.52 -2.20 -8.48
C HIS A 21 35.68 -2.19 -10.02
N GLY A 22 34.89 -3.05 -10.67
CA GLY A 22 34.77 -3.03 -12.12
C GLY A 22 35.86 -3.74 -12.87
N LYS A 23 36.71 -4.49 -12.19
CA LYS A 23 37.78 -5.20 -12.88
C LYS A 23 38.15 -6.45 -12.08
N PHE A 24 38.62 -7.46 -12.80
CA PHE A 24 39.24 -8.60 -12.14
C PHE A 24 40.55 -8.16 -11.51
N VAL A 25 40.84 -8.71 -10.35
CA VAL A 25 42.04 -8.34 -9.61
C VAL A 25 42.49 -9.55 -8.78
N ALA A 26 43.81 -9.72 -8.67
CA ALA A 26 44.37 -10.79 -7.89
C ALA A 26 44.03 -10.66 -6.41
N ALA A 27 43.77 -11.79 -5.77
CA ALA A 27 43.63 -11.81 -4.32
C ALA A 27 44.99 -11.66 -3.65
N THR A 28 44.99 -11.00 -2.50
CA THR A 28 46.20 -10.82 -1.70
C THR A 28 46.29 -11.82 -0.55
N SER A 29 45.37 -12.78 -0.50
CA SER A 29 45.41 -13.83 0.50
C SER A 29 46.46 -14.87 0.20
N GLY A 30 46.90 -14.97 -1.06
CA GLY A 30 47.80 -16.02 -1.48
C GLY A 30 47.15 -17.37 -1.70
N LYS A 31 45.86 -17.53 -1.37
CA LYS A 31 45.19 -18.82 -1.38
C LYS A 31 44.36 -19.01 -2.65
N THR A 32 44.15 -20.27 -2.99
CA THR A 32 43.36 -20.65 -4.15
C THR A 32 42.58 -21.92 -3.83
N PHE A 33 41.59 -22.22 -4.66
CA PHE A 33 40.89 -23.50 -4.60
C PHE A 33 40.49 -23.88 -6.02
N GLU A 34 40.04 -25.12 -6.17
CA GLU A 34 39.62 -25.66 -7.45
C GLU A 34 38.12 -25.94 -7.41
N THR A 35 37.45 -25.65 -8.51
CA THR A 35 36.09 -26.11 -8.74
C THR A 35 36.10 -27.20 -9.80
N ILE A 36 35.35 -28.25 -9.53
CA ILE A 36 35.34 -29.47 -10.30
C ILE A 36 34.13 -29.47 -11.23
N ASN A 37 34.21 -30.24 -12.32
CA ASN A 37 33.03 -30.60 -13.10
C ASN A 37 32.45 -31.87 -12.48
N PRO A 38 31.28 -31.81 -11.83
CA PRO A 38 30.78 -33.00 -11.13
C PRO A 38 30.39 -34.15 -12.05
N ALA A 39 30.28 -33.93 -13.36
CA ALA A 39 30.07 -35.04 -14.27
C ALA A 39 31.34 -35.85 -14.54
N THR A 40 32.53 -35.21 -14.50
CA THR A 40 33.76 -35.85 -14.94
C THR A 40 34.86 -35.86 -13.90
N GLY A 41 34.75 -35.07 -12.84
CA GLY A 41 35.80 -34.96 -11.85
C GLY A 41 36.97 -34.10 -12.26
N GLU A 42 36.96 -33.55 -13.47
CA GLU A 42 38.06 -32.73 -13.96
C GLU A 42 38.02 -31.34 -13.35
N VAL A 43 39.20 -30.76 -13.14
CA VAL A 43 39.29 -29.41 -12.60
C VAL A 43 38.80 -28.46 -13.67
N LEU A 44 37.77 -27.68 -13.33
CA LEU A 44 37.27 -26.69 -14.27
C LEU A 44 38.14 -25.44 -14.26
N ALA A 45 38.55 -25.00 -13.07
CA ALA A 45 39.38 -23.83 -12.97
C ALA A 45 39.95 -23.73 -11.56
N THR A 46 41.13 -23.14 -11.48
CA THR A 46 41.66 -22.67 -10.22
C THR A 46 41.10 -21.29 -9.94
N VAL A 47 40.68 -21.06 -8.70
CA VAL A 47 39.97 -19.85 -8.31
C VAL A 47 40.66 -19.24 -7.11
N GLN A 48 40.89 -17.93 -7.16
CA GLN A 48 41.49 -17.26 -6.02
C GLN A 48 40.46 -17.03 -4.91
N ALA A 49 40.92 -17.17 -3.67
CA ALA A 49 40.08 -17.00 -2.49
C ALA A 49 40.35 -15.65 -1.86
N ALA A 50 39.28 -14.98 -1.45
CA ALA A 50 39.40 -13.62 -0.91
C ALA A 50 39.77 -13.65 0.56
N GLY A 51 40.84 -12.94 0.92
CA GLY A 51 41.25 -12.84 2.30
C GLY A 51 40.60 -11.69 3.02
N ARG A 52 41.00 -11.51 4.28
CA ARG A 52 40.41 -10.48 5.12
C ARG A 52 40.70 -9.09 4.56
N GLU A 53 41.91 -8.88 4.04
CA GLU A 53 42.22 -7.60 3.40
C GLU A 53 41.46 -7.42 2.08
N ASP A 54 41.19 -8.51 1.38
CA ASP A 54 40.42 -8.42 0.13
C ASP A 54 38.99 -7.99 0.41
N VAL A 55 38.40 -8.49 1.49
CA VAL A 55 37.04 -8.09 1.86
C VAL A 55 37.01 -6.61 2.21
N ASP A 56 38.02 -6.14 2.95
CA ASP A 56 38.06 -4.71 3.31
C ASP A 56 38.17 -3.84 2.07
N ARG A 57 39.01 -4.23 1.11
CA ARG A 57 39.08 -3.52 -0.15
C ARG A 57 37.72 -3.54 -0.85
N ALA A 58 37.02 -4.67 -0.81
CA ALA A 58 35.73 -4.77 -1.48
C ALA A 58 34.70 -3.85 -0.84
N VAL A 59 34.73 -3.74 0.49
CA VAL A 59 33.79 -2.86 1.20
C VAL A 59 34.06 -1.40 0.84
N LYS A 60 35.33 -1.00 0.78
CA LYS A 60 35.63 0.38 0.43
C LYS A 60 35.29 0.70 -1.02
N SER A 61 35.47 -0.27 -1.92
CA SER A 61 34.98 -0.12 -3.28
C SER A 61 33.46 0.05 -3.31
N ALA A 62 32.75 -0.84 -2.60
CA ALA A 62 31.29 -0.81 -2.57
C ALA A 62 30.76 0.50 -2.01
N GLN A 63 31.39 1.02 -0.95
CA GLN A 63 30.92 2.28 -0.38
C GLN A 63 31.00 3.42 -1.40
N GLN A 64 32.11 3.49 -2.11
CA GLN A 64 32.28 4.56 -3.09
C GLN A 64 31.30 4.41 -4.25
N GLY A 65 31.16 3.17 -4.76
CA GLY A 65 30.21 2.94 -5.83
C GLY A 65 28.78 3.22 -5.39
N GLN A 66 28.44 2.84 -4.17
CA GLN A 66 27.06 2.97 -3.72
C GLN A 66 26.61 4.41 -3.75
N LYS A 67 27.50 5.34 -3.39
CA LYS A 67 27.13 6.75 -3.37
C LYS A 67 26.82 7.26 -4.78
N VAL A 68 27.63 6.86 -5.75
CA VAL A 68 27.34 7.21 -7.14
C VAL A 68 26.00 6.61 -7.56
N TRP A 69 25.81 5.33 -7.27
CA TRP A 69 24.57 4.62 -7.62
C TRP A 69 23.36 5.28 -6.99
N ALA A 70 23.43 5.56 -5.69
CA ALA A 70 22.26 6.08 -5.00
C ALA A 70 21.90 7.49 -5.46
N ALA A 71 22.89 8.25 -5.93
CA ALA A 71 22.63 9.62 -6.36
C ALA A 71 22.00 9.71 -7.75
N MET A 72 22.04 8.64 -8.54
CA MET A 72 21.36 8.63 -9.82
C MET A 72 19.85 8.64 -9.62
N SER A 73 19.13 9.06 -10.66
CA SER A 73 17.68 8.99 -10.62
C SER A 73 17.21 7.53 -10.65
N ALA A 74 15.99 7.32 -10.15
CA ALA A 74 15.43 5.97 -10.12
C ALA A 74 15.37 5.37 -11.52
N MET A 75 14.96 6.16 -12.51
CA MET A 75 14.85 5.61 -13.85
C MET A 75 16.23 5.35 -14.47
N ALA A 76 17.23 6.16 -14.11
CA ALA A 76 18.60 5.85 -14.54
C ALA A 76 19.06 4.49 -14.03
N ARG A 77 18.75 4.17 -12.77
CA ARG A 77 19.04 2.84 -12.23
C ARG A 77 18.24 1.77 -12.94
N SER A 78 16.94 2.02 -13.17
CA SER A 78 16.10 1.05 -13.85
CA SER A 78 16.11 1.05 -13.85
C SER A 78 16.67 0.70 -15.22
N ARG A 79 17.10 1.72 -15.98
CA ARG A 79 17.56 1.45 -17.34
C ARG A 79 18.82 0.60 -17.34
N ILE A 80 19.71 0.80 -16.38
CA ILE A 80 20.93 0.01 -16.28
C ILE A 80 20.62 -1.45 -15.96
N LEU A 81 19.71 -1.71 -15.02
CA LEU A 81 19.44 -3.11 -14.71
C LEU A 81 18.73 -3.80 -15.87
N ARG A 82 17.92 -3.05 -16.62
CA ARG A 82 17.26 -3.60 -17.79
CA ARG A 82 17.26 -3.61 -17.80
C ARG A 82 18.26 -3.93 -18.90
N LYS A 83 19.31 -3.13 -19.03
CA LYS A 83 20.38 -3.47 -19.97
C LYS A 83 21.04 -4.76 -19.56
N ALA A 84 21.22 -4.97 -18.24
CA ALA A 84 21.74 -6.23 -17.74
C ALA A 84 20.79 -7.39 -18.08
N VAL A 85 19.47 -7.17 -17.94
CA VAL A 85 18.51 -8.21 -18.30
C VAL A 85 18.68 -8.61 -19.77
N ASP A 86 18.76 -7.63 -20.67
CA ASP A 86 18.90 -7.93 -22.09
C ASP A 86 20.14 -8.75 -22.37
N ILE A 87 21.25 -8.44 -21.71
CA ILE A 87 22.46 -9.23 -21.91
C ILE A 87 22.23 -10.66 -21.44
N LEU A 88 21.55 -10.83 -20.30
CA LEU A 88 21.32 -12.16 -19.77
C LEU A 88 20.43 -12.98 -20.71
N ARG A 89 19.43 -12.34 -21.34
CA ARG A 89 18.61 -13.06 -22.30
C ARG A 89 19.46 -13.52 -23.49
N GLU A 90 20.36 -12.66 -23.95
CA GLU A 90 21.18 -12.97 -25.12
C GLU A 90 22.17 -14.09 -24.81
N ARG A 91 22.77 -14.10 -23.62
CA ARG A 91 23.74 -15.11 -23.28
C ARG A 91 23.15 -16.29 -22.55
N ASN A 92 21.83 -16.45 -22.57
CA ASN A 92 21.18 -17.50 -21.77
C ASN A 92 21.85 -18.86 -21.97
N ASP A 93 22.12 -19.23 -23.22
CA ASP A 93 22.59 -20.58 -23.48
C ASP A 93 24.05 -20.77 -23.05
N GLU A 94 24.90 -19.78 -23.29
CA GLU A 94 26.28 -19.88 -22.86
C GLU A 94 26.39 -19.94 -21.33
N LEU A 95 25.64 -19.09 -20.64
CA LEU A 95 25.67 -19.12 -19.17
C LEU A 95 25.11 -20.42 -18.63
N ALA A 96 24.05 -20.92 -19.26
CA ALA A 96 23.47 -22.20 -18.84
C ALA A 96 24.47 -23.34 -19.02
N ARG A 97 25.22 -23.34 -20.14
CA ARG A 97 26.20 -24.40 -20.34
C ARG A 97 27.28 -24.35 -19.26
N LEU A 98 27.72 -23.14 -18.92
CA LEU A 98 28.69 -22.99 -17.84
C LEU A 98 28.12 -23.48 -16.53
N GLU A 99 26.86 -23.15 -16.25
CA GLU A 99 26.21 -23.61 -15.04
C GLU A 99 26.16 -25.13 -15.00
N THR A 100 25.83 -25.76 -16.12
CA THR A 100 25.83 -27.22 -16.19
C THR A 100 27.21 -27.78 -15.90
N LEU A 101 28.26 -27.16 -16.45
CA LEU A 101 29.62 -27.63 -16.19
C LEU A 101 29.95 -27.58 -14.71
N ASP A 102 29.61 -26.46 -14.05
CA ASP A 102 30.01 -26.22 -12.67
C ASP A 102 29.14 -26.98 -11.65
N THR A 103 27.86 -27.21 -11.95
CA THR A 103 26.93 -27.81 -10.98
C THR A 103 26.58 -29.27 -11.24
N GLY A 104 26.67 -29.71 -12.49
CA GLY A 104 26.18 -31.01 -12.87
C GLY A 104 24.69 -31.07 -13.14
N LYS A 105 24.03 -29.94 -13.21
CA LYS A 105 22.61 -30.00 -13.54
C LYS A 105 22.43 -30.10 -15.06
N PRO A 106 21.45 -30.85 -15.53
CA PRO A 106 21.26 -30.99 -16.98
C PRO A 106 20.99 -29.64 -17.67
N LEU A 107 21.49 -29.53 -18.90
CA LEU A 107 21.26 -28.33 -19.69
C LEU A 107 19.77 -28.11 -19.95
N SER A 108 18.98 -29.19 -20.02
CA SER A 108 17.53 -29.03 -20.16
C SER A 108 16.95 -28.25 -19.01
N GLU A 109 17.57 -28.29 -17.84
CA GLU A 109 17.17 -27.45 -16.72
C GLU A 109 17.78 -26.05 -16.82
N THR A 110 19.11 -25.97 -16.91
CA THR A 110 19.78 -24.68 -16.79
C THR A 110 19.38 -23.72 -17.90
N ALA A 111 19.14 -24.23 -19.10
CA ALA A 111 18.81 -23.33 -20.19
C ALA A 111 17.34 -22.89 -20.18
N ALA A 112 16.49 -23.56 -19.42
CA ALA A 112 15.08 -23.21 -19.35
C ALA A 112 14.67 -22.54 -18.05
N VAL A 113 15.43 -22.68 -16.97
CA VAL A 113 15.01 -22.19 -15.66
C VAL A 113 16.03 -21.20 -15.09
N ASP A 114 17.29 -21.62 -14.95
CA ASP A 114 18.24 -20.94 -14.06
C ASP A 114 18.42 -19.47 -14.43
N ILE A 115 18.90 -19.18 -15.65
CA ILE A 115 19.08 -17.78 -16.02
C ILE A 115 17.74 -17.15 -16.33
N VAL A 116 16.81 -17.89 -16.93
CA VAL A 116 15.51 -17.32 -17.30
C VAL A 116 14.82 -16.72 -16.08
N THR A 117 14.70 -17.49 -14.99
CA THR A 117 14.01 -16.98 -13.81
C THR A 117 14.88 -16.04 -12.97
N GLY A 118 16.20 -16.09 -13.11
CA GLY A 118 17.04 -15.12 -12.44
C GLY A 118 16.91 -13.76 -13.09
N ALA A 119 16.94 -13.72 -14.43
CA ALA A 119 16.72 -12.47 -15.14
C ALA A 119 15.30 -11.96 -14.95
N ASP A 120 14.30 -12.86 -14.88
CA ASP A 120 12.92 -12.42 -14.61
C ASP A 120 12.85 -11.57 -13.34
N VAL A 121 13.55 -11.98 -12.27
CA VAL A 121 13.50 -11.22 -11.02
C VAL A 121 14.22 -9.89 -11.16
N LEU A 122 15.37 -9.85 -11.85
CA LEU A 122 16.05 -8.59 -12.13
C LEU A 122 15.16 -7.66 -12.94
N GLU A 123 14.54 -8.18 -13.99
CA GLU A 123 13.61 -7.38 -14.79
C GLU A 123 12.49 -6.83 -13.93
N TYR A 124 11.92 -7.69 -13.08
CA TYR A 124 10.84 -7.28 -12.19
C TYR A 124 11.28 -6.10 -11.32
N TYR A 125 12.42 -6.20 -10.65
CA TYR A 125 12.81 -5.14 -9.74
C TYR A 125 13.26 -3.87 -10.47
N ALA A 126 13.87 -3.99 -11.65
CA ALA A 126 14.24 -2.81 -12.42
C ALA A 126 13.04 -1.87 -12.60
N GLY A 127 11.87 -2.44 -12.85
CA GLY A 127 10.68 -1.64 -13.10
C GLY A 127 10.02 -1.07 -11.88
N LEU A 128 10.26 -1.66 -10.70
CA LEU A 128 9.70 -1.15 -9.45
C LEU A 128 10.52 -0.04 -8.81
N ILE A 129 11.77 0.20 -9.23
CA ILE A 129 12.57 1.24 -8.58
C ILE A 129 11.81 2.56 -8.47
N PRO A 130 11.17 3.09 -9.52
CA PRO A 130 10.50 4.39 -9.39
C PRO A 130 9.29 4.38 -8.45
N ALA A 131 8.76 3.22 -8.11
CA ALA A 131 7.61 3.09 -7.22
C ALA A 131 7.99 2.97 -5.75
N LEU A 132 9.26 2.91 -5.42
CA LEU A 132 9.69 2.85 -4.02
C LEU A 132 9.44 4.20 -3.37
N GLU A 133 8.52 4.24 -2.42
CA GLU A 133 8.02 5.49 -1.87
C GLU A 133 8.01 5.42 -0.36
N GLY A 134 8.20 6.56 0.28
CA GLY A 134 7.91 6.74 1.69
C GLY A 134 6.47 7.18 1.90
N SER A 135 6.20 7.63 3.12
CA SER A 135 4.87 8.04 3.54
CA SER A 135 4.86 8.04 3.53
C SER A 135 4.90 9.47 4.06
N GLN A 136 3.70 10.04 4.23
CA GLN A 136 3.54 11.33 4.87
C GLN A 136 2.33 11.19 5.78
N ILE A 137 2.45 11.72 6.98
CA ILE A 137 1.50 11.51 8.05
C ILE A 137 1.24 12.86 8.69
N PRO A 138 0.07 13.47 8.50
CA PRO A 138 -0.21 14.71 9.21
C PRO A 138 -0.47 14.42 10.69
N LEU A 139 0.15 15.21 11.56
CA LEU A 139 -0.13 15.10 12.99
C LEU A 139 -1.14 16.13 13.47
N ARG A 140 -1.00 17.36 12.99
CA ARG A 140 -1.82 18.51 13.35
C ARG A 140 -1.47 19.57 12.30
N ASP A 141 -2.18 20.70 12.36
CA ASP A 141 -1.90 21.74 11.37
C ASP A 141 -0.44 22.17 11.42
N SER A 142 0.19 22.16 12.59
CA SER A 142 1.53 22.71 12.75
C SER A 142 2.65 21.67 12.68
N SER A 143 2.35 20.41 12.37
CA SER A 143 3.41 19.43 12.35
C SER A 143 2.99 18.26 11.48
N PHE A 144 3.97 17.66 10.81
CA PHE A 144 3.72 16.47 10.02
C PHE A 144 5.00 15.67 9.95
N VAL A 145 4.83 14.38 9.62
CA VAL A 145 5.92 13.43 9.51
C VAL A 145 5.94 12.96 8.07
N TYR A 146 7.15 12.80 7.52
CA TYR A 146 7.34 12.05 6.30
C TYR A 146 8.51 11.09 6.49
N THR A 147 8.47 9.99 5.73
CA THR A 147 9.48 8.96 5.81
C THR A 147 10.21 8.81 4.48
N ARG A 148 11.47 8.42 4.58
CA ARG A 148 12.29 8.05 3.44
C ARG A 148 12.65 6.57 3.55
N ARG A 149 12.67 5.92 2.40
CA ARG A 149 13.16 4.56 2.28
C ARG A 149 14.60 4.69 1.76
N GLU A 150 15.48 4.69 2.65
CA GLU A 150 16.87 4.91 2.29
C GLU A 150 17.62 3.61 2.10
N PRO A 151 18.64 3.61 1.24
CA PRO A 151 19.47 2.42 1.08
C PRO A 151 20.13 2.02 2.40
N LEU A 152 20.38 0.72 2.55
CA LEU A 152 21.16 0.23 3.67
C LEU A 152 22.63 0.59 3.53
N GLY A 153 23.12 0.72 2.32
CA GLY A 153 24.53 0.98 2.10
C GLY A 153 25.20 -0.16 1.36
N VAL A 154 26.05 -0.91 2.06
CA VAL A 154 26.70 -2.09 1.52
C VAL A 154 26.08 -3.30 2.17
N VAL A 155 25.63 -4.24 1.34
CA VAL A 155 25.06 -5.48 1.83
C VAL A 155 25.89 -6.61 1.26
N ALA A 156 25.79 -7.77 1.90
CA ALA A 156 26.52 -8.95 1.48
C ALA A 156 25.55 -10.08 1.19
N GLY A 157 25.79 -10.79 0.11
CA GLY A 157 25.04 -11.99 -0.22
C GLY A 157 25.98 -13.18 -0.24
N ILE A 158 25.54 -14.27 0.35
CA ILE A 158 26.28 -15.51 0.44
C ILE A 158 25.45 -16.55 -0.29
N GLY A 159 25.96 -17.04 -1.42
CA GLY A 159 25.18 -17.90 -2.28
C GLY A 159 25.34 -19.36 -1.95
N ALA A 160 24.47 -20.18 -2.53
CA ALA A 160 24.51 -21.63 -2.40
C ALA A 160 24.81 -22.23 -3.77
N TRP A 161 25.04 -23.52 -3.79
CA TRP A 161 25.59 -24.15 -4.98
C TRP A 161 24.55 -24.78 -5.89
N ASN A 162 23.30 -24.90 -5.47
CA ASN A 162 22.37 -25.65 -6.32
C ASN A 162 21.83 -24.80 -7.46
N TYR A 163 21.62 -23.51 -7.26
CA TYR A 163 21.17 -22.58 -8.29
C TYR A 163 22.06 -21.34 -8.26
N PRO A 164 23.32 -21.45 -8.72
CA PRO A 164 24.30 -20.40 -8.41
C PRO A 164 23.94 -19.04 -8.98
N ILE A 165 23.69 -18.93 -10.28
CA ILE A 165 23.45 -17.59 -10.82
C ILE A 165 22.03 -17.13 -10.51
N GLN A 166 21.07 -18.04 -10.40
CA GLN A 166 19.72 -17.62 -10.03
C GLN A 166 19.72 -17.00 -8.64
N ILE A 167 20.41 -17.62 -7.69
CA ILE A 167 20.53 -17.05 -6.35
C ILE A 167 21.26 -15.72 -6.40
N ALA A 168 22.36 -15.64 -7.17
CA ALA A 168 23.07 -14.36 -7.27
C ALA A 168 22.14 -13.26 -7.78
N LEU A 169 21.26 -13.59 -8.73
CA LEU A 169 20.32 -12.60 -9.25
C LEU A 169 19.21 -12.30 -8.26
N TRP A 170 18.68 -13.31 -7.57
CA TRP A 170 17.60 -13.07 -6.62
C TRP A 170 18.05 -12.24 -5.42
N LYS A 171 19.33 -12.29 -5.07
CA LYS A 171 19.84 -11.43 -4.00
C LYS A 171 20.28 -10.06 -4.50
N SER A 172 21.02 -10.01 -5.62
CA SER A 172 21.57 -8.74 -6.06
C SER A 172 20.49 -7.84 -6.66
N ALA A 173 19.47 -8.43 -7.30
CA ALA A 173 18.48 -7.60 -7.98
C ALA A 173 17.72 -6.69 -7.03
N PRO A 174 17.14 -7.14 -5.91
CA PRO A 174 16.47 -6.18 -5.01
C PRO A 174 17.45 -5.27 -4.29
N ALA A 175 18.63 -5.79 -3.92
CA ALA A 175 19.63 -4.97 -3.26
C ALA A 175 20.05 -3.78 -4.12
N LEU A 176 20.40 -4.05 -5.38
CA LEU A 176 20.77 -2.98 -6.30
C LEU A 176 19.58 -2.11 -6.67
N ALA A 177 18.40 -2.71 -6.86
CA ALA A 177 17.23 -1.89 -7.16
C ALA A 177 16.93 -0.91 -6.02
N ALA A 178 17.19 -1.32 -4.78
CA ALA A 178 16.98 -0.49 -3.60
C ALA A 178 18.07 0.57 -3.38
N GLY A 179 19.10 0.63 -4.22
CA GLY A 179 20.14 1.63 -4.06
C GLY A 179 21.37 1.18 -3.32
N ASN A 180 21.49 -0.10 -3.00
CA ASN A 180 22.66 -0.60 -2.30
C ASN A 180 23.74 -1.07 -3.27
N ALA A 181 24.94 -1.22 -2.73
CA ALA A 181 26.00 -2.02 -3.31
C ALA A 181 25.99 -3.37 -2.63
N MET A 182 26.23 -4.43 -3.41
CA MET A 182 26.30 -5.77 -2.87
C MET A 182 27.66 -6.38 -3.12
N ILE A 183 28.21 -7.00 -2.10
CA ILE A 183 29.37 -7.87 -2.22
C ILE A 183 28.85 -9.30 -2.15
N PHE A 184 29.13 -10.09 -3.17
CA PHE A 184 28.57 -11.42 -3.28
C PHE A 184 29.67 -12.47 -3.16
N LYS A 185 29.46 -13.44 -2.27
CA LYS A 185 30.38 -14.58 -2.19
C LYS A 185 29.65 -15.82 -2.70
N PRO A 186 30.02 -16.35 -3.87
CA PRO A 186 29.40 -17.58 -4.35
C PRO A 186 29.90 -18.78 -3.57
N SER A 187 29.18 -19.89 -3.69
CA SER A 187 29.63 -21.12 -3.08
C SER A 187 30.96 -21.56 -3.70
N GLU A 188 31.83 -22.15 -2.87
CA GLU A 188 33.13 -22.58 -3.37
C GLU A 188 32.98 -23.73 -4.35
N VAL A 189 31.84 -24.41 -4.33
CA VAL A 189 31.56 -25.48 -5.28
C VAL A 189 31.25 -24.92 -6.66
N THR A 190 30.76 -23.66 -6.73
CA THR A 190 30.13 -23.17 -7.96
C THR A 190 30.34 -21.66 -8.11
N PRO A 191 31.58 -21.19 -8.25
CA PRO A 191 31.83 -19.74 -8.30
C PRO A 191 31.78 -19.12 -9.69
N LEU A 192 31.71 -19.90 -10.74
CA LEU A 192 32.07 -19.38 -12.07
C LEU A 192 30.99 -18.45 -12.64
N THR A 193 29.71 -18.76 -12.44
CA THR A 193 28.72 -17.91 -13.11
C THR A 193 28.58 -16.56 -12.40
N ALA A 194 28.87 -16.50 -11.11
CA ALA A 194 28.79 -15.21 -10.43
C ALA A 194 29.82 -14.24 -10.99
N LEU A 195 30.98 -14.74 -11.36
CA LEU A 195 31.98 -13.87 -11.96
C LEU A 195 31.52 -13.36 -13.32
N LYS A 196 30.89 -14.24 -14.11
CA LYS A 196 30.35 -13.79 -15.39
C LYS A 196 29.30 -12.70 -15.19
N LEU A 197 28.45 -12.86 -14.17
CA LEU A 197 27.40 -11.87 -13.89
C LEU A 197 28.00 -10.51 -13.52
N ALA A 198 29.08 -10.51 -12.74
CA ALA A 198 29.73 -9.26 -12.38
C ALA A 198 30.19 -8.50 -13.62
N GLU A 199 30.74 -9.22 -14.61
CA GLU A 199 31.12 -8.60 -15.88
C GLU A 199 29.90 -8.06 -16.61
N ILE A 200 28.81 -8.80 -16.60
CA ILE A 200 27.61 -8.38 -17.31
C ILE A 200 27.07 -7.09 -16.71
N TYR A 201 27.04 -7.00 -15.38
CA TYR A 201 26.57 -5.78 -14.74
C TYR A 201 27.40 -4.56 -15.18
N ARG A 202 28.73 -4.69 -15.19
CA ARG A 202 29.56 -3.55 -15.62
C ARG A 202 29.28 -3.20 -17.08
N GLU A 203 29.19 -4.21 -17.94
CA GLU A 203 28.87 -3.96 -19.35
C GLU A 203 27.54 -3.24 -19.51
N ALA A 204 26.60 -3.45 -18.60
CA ALA A 204 25.31 -2.78 -18.65
C ALA A 204 25.36 -1.37 -18.11
N GLY A 205 26.49 -0.95 -17.54
CA GLY A 205 26.62 0.39 -17.02
C GLY A 205 26.56 0.50 -15.52
N LEU A 206 26.54 -0.61 -14.80
CA LEU A 206 26.54 -0.51 -13.34
C LEU A 206 27.81 0.19 -12.88
N PRO A 207 27.72 1.19 -12.01
CA PRO A 207 28.94 1.86 -11.55
C PRO A 207 29.89 0.91 -10.84
N ASP A 208 31.18 1.15 -11.05
CA ASP A 208 32.23 0.37 -10.42
C ASP A 208 32.05 0.31 -8.92
N GLY A 209 32.16 -0.89 -8.36
CA GLY A 209 32.00 -1.10 -6.95
C GLY A 209 30.61 -1.51 -6.51
N VAL A 210 29.60 -1.35 -7.36
CA VAL A 210 28.24 -1.59 -6.90
C VAL A 210 27.99 -3.10 -6.77
N PHE A 211 28.66 -3.93 -7.55
CA PHE A 211 28.57 -5.38 -7.40
C PHE A 211 29.97 -5.98 -7.54
N ASN A 212 30.51 -6.40 -6.41
CA ASN A 212 31.79 -7.06 -6.30
C ASN A 212 31.58 -8.53 -5.94
N VAL A 213 32.44 -9.39 -6.46
CA VAL A 213 32.33 -10.82 -6.25
C VAL A 213 33.62 -11.34 -5.64
N LEU A 214 33.49 -12.03 -4.52
CA LEU A 214 34.61 -12.55 -3.74
C LEU A 214 34.47 -14.06 -3.59
N PRO A 215 35.02 -14.85 -4.50
CA PRO A 215 35.07 -16.29 -4.28
C PRO A 215 35.88 -16.57 -3.03
N GLY A 216 35.59 -17.71 -2.42
CA GLY A 216 36.31 -18.11 -1.23
C GLY A 216 35.66 -19.31 -0.57
N ILE A 217 36.31 -19.76 0.50
CA ILE A 217 35.77 -20.80 1.38
C ILE A 217 34.81 -20.16 2.36
N GLY A 218 33.82 -20.93 2.82
CA GLY A 218 32.91 -20.42 3.83
C GLY A 218 33.60 -20.12 5.14
N ALA A 219 34.53 -20.98 5.54
CA ALA A 219 35.20 -20.81 6.82
C ALA A 219 35.95 -19.49 6.91
N GLU A 220 36.39 -18.94 5.78
CA GLU A 220 37.21 -17.72 5.78
C GLU A 220 36.50 -16.55 5.13
N THR A 221 36.25 -16.59 3.82
CA THR A 221 35.71 -15.42 3.16
C THR A 221 34.31 -15.11 3.69
N GLY A 222 33.48 -16.14 3.85
CA GLY A 222 32.16 -15.92 4.41
C GLY A 222 32.20 -15.31 5.79
N GLN A 223 33.11 -15.78 6.64
CA GLN A 223 33.18 -15.26 8.00
C GLN A 223 33.69 -13.83 8.03
N TYR A 224 34.64 -13.48 7.14
CA TYR A 224 35.10 -12.10 7.07
C TYR A 224 34.01 -11.14 6.61
N LEU A 225 33.08 -11.58 5.75
CA LEU A 225 31.98 -10.71 5.36
C LEU A 225 31.01 -10.49 6.51
N THR A 226 30.64 -11.57 7.22
CA THR A 226 29.69 -11.42 8.32
C THR A 226 30.25 -10.56 9.45
N GLU A 227 31.56 -10.54 9.63
CA GLU A 227 32.19 -9.80 10.73
C GLU A 227 32.48 -8.35 10.38
N HIS A 228 32.49 -7.99 9.11
CA HIS A 228 32.97 -6.67 8.76
C HIS A 228 32.01 -5.61 9.29
N PRO A 229 32.52 -4.54 9.92
CA PRO A 229 31.63 -3.60 10.60
C PRO A 229 30.86 -2.66 9.69
N ASP A 230 31.26 -2.48 8.43
CA ASP A 230 30.59 -1.54 7.52
C ASP A 230 29.60 -2.22 6.58
N ILE A 231 29.28 -3.48 6.81
CA ILE A 231 28.28 -4.20 6.02
C ILE A 231 26.99 -4.18 6.84
N ALA A 232 25.91 -3.68 6.25
CA ALA A 232 24.69 -3.42 6.99
C ALA A 232 23.70 -4.58 6.96
N LYS A 233 23.85 -5.53 6.04
CA LYS A 233 22.89 -6.62 5.92
C LYS A 233 23.58 -7.81 5.29
N ILE A 234 23.23 -9.00 5.77
CA ILE A 234 23.68 -10.28 5.22
C ILE A 234 22.48 -11.04 4.72
N SER A 235 22.57 -11.58 3.50
CA SER A 235 21.55 -12.46 2.97
C SER A 235 22.18 -13.80 2.64
N PHE A 236 21.69 -14.87 3.26
CA PHE A 236 22.33 -16.16 3.21
C PHE A 236 21.35 -17.21 2.71
N THR A 237 21.80 -18.03 1.77
CA THR A 237 21.05 -19.20 1.33
C THR A 237 21.94 -20.42 1.54
N GLY A 238 21.38 -21.46 2.15
CA GLY A 238 22.18 -22.63 2.44
C GLY A 238 21.44 -23.58 3.38
N GLY A 239 22.20 -24.42 4.06
CA GLY A 239 21.61 -25.38 4.96
C GLY A 239 21.22 -24.77 6.30
N VAL A 240 20.28 -25.44 6.98
CA VAL A 240 19.76 -24.93 8.24
C VAL A 240 20.87 -24.78 9.27
N ALA A 241 21.79 -25.74 9.33
CA ALA A 241 22.89 -25.70 10.30
C ALA A 241 23.84 -24.54 10.01
N SER A 242 24.29 -24.41 8.76
CA SER A 242 25.19 -23.31 8.40
C SER A 242 24.53 -21.96 8.68
N GLY A 243 23.21 -21.91 8.62
CA GLY A 243 22.51 -20.66 8.91
C GLY A 243 22.70 -20.21 10.35
N LYS A 244 22.53 -21.14 11.31
CA LYS A 244 22.67 -20.79 12.72
C LYS A 244 24.04 -20.18 13.00
N LYS A 245 25.09 -20.66 12.33
CA LYS A 245 26.43 -20.12 12.54
C LYS A 245 26.55 -18.70 11.98
N VAL A 246 26.09 -18.48 10.75
CA VAL A 246 26.18 -17.15 10.15
C VAL A 246 25.42 -16.13 10.97
N MET A 247 24.21 -16.48 11.42
CA MET A 247 23.36 -15.52 12.12
C MET A 247 23.97 -15.13 13.46
N ALA A 248 24.79 -16.00 14.05
CA ALA A 248 25.42 -15.69 15.33
C ALA A 248 26.52 -14.66 15.18
N ASN A 249 27.38 -14.83 14.18
CA ASN A 249 28.49 -13.91 13.99
C ASN A 249 28.04 -12.54 13.46
N SER A 250 26.88 -12.46 12.83
CA SER A 250 26.36 -11.19 12.33
C SER A 250 25.65 -10.39 13.41
N ALA A 251 25.52 -10.94 14.61
CA ALA A 251 25.11 -10.19 15.78
C ALA A 251 26.29 -9.89 16.70
N ALA A 252 27.13 -10.89 16.95
CA ALA A 252 28.21 -10.73 17.91
C ALA A 252 29.19 -9.65 17.47
N SER A 253 29.48 -9.57 16.17
CA SER A 253 30.48 -8.63 15.67
C SER A 253 29.89 -7.24 15.48
N SER A 254 28.93 -7.10 14.57
CA SER A 254 28.24 -5.85 14.33
C SER A 254 26.80 -6.19 13.99
N LEU A 255 25.87 -5.38 14.47
CA LEU A 255 24.45 -5.72 14.41
C LEU A 255 23.93 -5.52 12.99
N LYS A 256 23.72 -6.62 12.28
CA LYS A 256 23.34 -6.59 10.88
C LYS A 256 21.91 -7.10 10.73
N GLU A 257 21.15 -6.46 9.85
CA GLU A 257 19.93 -7.06 9.33
C GLU A 257 20.29 -8.36 8.62
N VAL A 258 19.39 -9.34 8.69
CA VAL A 258 19.67 -10.69 8.21
C VAL A 258 18.47 -11.26 7.46
N THR A 259 18.77 -11.92 6.34
CA THR A 259 17.79 -12.71 5.59
C THR A 259 18.40 -14.09 5.41
N MET A 260 17.61 -15.13 5.66
CA MET A 260 18.07 -16.52 5.58
C MET A 260 17.07 -17.38 4.86
N GLU A 261 17.54 -18.12 3.85
CA GLU A 261 16.70 -19.06 3.10
C GLU A 261 17.34 -20.43 3.27
N LEU A 262 16.77 -21.22 4.16
CA LEU A 262 17.37 -22.48 4.58
C LEU A 262 16.54 -23.62 3.99
N GLY A 263 16.83 -24.83 4.39
CA GLY A 263 16.18 -25.98 3.80
C GLY A 263 14.81 -26.24 4.40
N GLY A 264 14.26 -27.38 4.02
CA GLY A 264 12.97 -27.77 4.55
C GLY A 264 12.79 -29.26 4.40
N LYS A 265 11.66 -29.73 4.95
CA LYS A 265 11.16 -31.09 4.71
C LYS A 265 9.70 -30.91 4.38
N SER A 266 9.44 -30.49 3.16
CA SER A 266 8.13 -29.92 2.88
C SER A 266 7.11 -31.02 2.59
N PRO A 267 5.90 -30.91 3.11
CA PRO A 267 4.88 -31.93 2.88
C PRO A 267 4.07 -31.70 1.61
N LEU A 268 3.81 -32.78 0.89
CA LEU A 268 2.88 -32.80 -0.23
C LEU A 268 1.72 -33.70 0.13
N ILE A 269 0.53 -33.11 0.25
CA ILE A 269 -0.66 -33.79 0.75
C ILE A 269 -1.56 -34.13 -0.42
N ILE A 270 -1.76 -35.42 -0.65
CA ILE A 270 -2.68 -35.89 -1.72
C ILE A 270 -4.03 -36.21 -1.07
N ALA A 271 -5.08 -35.52 -1.49
CA ALA A 271 -6.44 -35.78 -0.98
C ALA A 271 -7.05 -37.06 -1.58
N GLU A 272 -8.11 -37.56 -0.95
CA GLU A 272 -8.78 -38.79 -1.44
C GLU A 272 -9.48 -38.56 -2.78
N ASP A 273 -9.82 -37.31 -3.11
CA ASP A 273 -10.54 -36.99 -4.37
C ASP A 273 -9.56 -36.67 -5.50
N ALA A 274 -8.27 -36.80 -5.23
CA ALA A 274 -7.28 -36.39 -6.24
C ALA A 274 -7.09 -37.42 -7.35
N ASN A 275 -6.95 -36.93 -8.56
CA ASN A 275 -6.50 -37.78 -9.66
C ASN A 275 -5.06 -38.21 -9.40
N LEU A 276 -4.80 -39.52 -9.38
CA LEU A 276 -3.50 -40.03 -8.93
C LEU A 276 -2.41 -39.88 -9.97
N ASP A 277 -2.75 -39.79 -11.26
CA ASP A 277 -1.76 -39.44 -12.28
C ASP A 277 -1.23 -38.02 -12.06
N LEU A 278 -2.12 -37.07 -11.78
CA LEU A 278 -1.68 -35.72 -11.45
C LEU A 278 -0.86 -35.73 -10.19
N ALA A 279 -1.31 -36.43 -9.16
CA ALA A 279 -0.61 -36.45 -7.89
C ALA A 279 0.80 -37.03 -8.07
N ALA A 280 0.93 -38.10 -8.85
CA ALA A 280 2.25 -38.68 -9.11
C ALA A 280 3.15 -37.74 -9.90
N ASP A 281 2.63 -37.08 -10.93
CA ASP A 281 3.40 -36.09 -11.67
C ASP A 281 3.90 -34.97 -10.76
N ILE A 282 3.04 -34.45 -9.89
CA ILE A 282 3.46 -33.41 -8.97
C ILE A 282 4.53 -33.94 -8.02
N ALA A 283 4.34 -35.15 -7.49
CA ALA A 283 5.33 -35.71 -6.57
C ALA A 283 6.68 -35.92 -7.27
N MET A 284 6.66 -36.39 -8.52
CA MET A 284 7.89 -36.53 -9.27
C MET A 284 8.63 -35.21 -9.39
N MET A 285 7.93 -34.16 -9.82
CA MET A 285 8.55 -32.86 -9.98
C MET A 285 8.96 -32.26 -8.64
N ALA A 286 8.32 -32.67 -7.56
CA ALA A 286 8.65 -32.13 -6.26
C ALA A 286 9.82 -32.86 -5.59
N ASN A 287 10.36 -33.92 -6.20
CA ASN A 287 11.42 -34.69 -5.57
C ASN A 287 12.66 -34.91 -6.42
N PHE A 288 12.51 -34.96 -7.74
CA PHE A 288 13.59 -35.40 -8.60
C PHE A 288 14.13 -34.35 -9.56
N TYR A 289 13.61 -33.13 -9.52
CA TYR A 289 14.22 -32.03 -10.26
C TYR A 289 15.54 -31.61 -9.62
N SER A 290 16.49 -31.20 -10.48
CA SER A 290 17.85 -30.88 -10.03
C SER A 290 18.43 -32.02 -9.19
N SER A 291 18.03 -33.24 -9.54
CA SER A 291 18.45 -34.46 -8.85
C SER A 291 18.19 -34.36 -7.34
N GLY A 292 17.06 -33.77 -6.97
CA GLY A 292 16.68 -33.67 -5.57
C GLY A 292 17.35 -32.57 -4.78
N GLN A 293 18.15 -31.73 -5.42
CA GLN A 293 18.95 -30.73 -4.71
C GLN A 293 18.26 -29.37 -4.73
N VAL A 294 17.10 -29.32 -4.10
CA VAL A 294 16.22 -28.16 -4.09
C VAL A 294 15.61 -28.03 -2.72
N CYS A 295 15.76 -26.85 -2.12
CA CYS A 295 15.33 -26.64 -0.73
C CYS A 295 13.83 -26.82 -0.57
N THR A 296 13.04 -26.42 -1.57
CA THR A 296 11.58 -26.47 -1.50
C THR A 296 10.98 -27.85 -1.84
N ASN A 297 11.78 -28.90 -2.06
CA ASN A 297 11.22 -30.16 -2.50
C ASN A 297 10.24 -30.77 -1.50
N GLY A 298 9.18 -31.39 -2.05
CA GLY A 298 8.11 -32.05 -1.32
C GLY A 298 8.45 -33.50 -1.02
N THR A 299 9.34 -33.68 -0.06
CA THR A 299 9.99 -34.96 0.24
C THR A 299 9.19 -35.82 1.21
N ARG A 300 8.16 -35.28 1.84
CA ARG A 300 7.20 -36.09 2.60
C ARG A 300 5.92 -36.07 1.78
N VAL A 301 5.62 -37.18 1.12
CA VAL A 301 4.43 -37.30 0.29
C VAL A 301 3.39 -38.06 1.09
N PHE A 302 2.32 -37.38 1.48
CA PHE A 302 1.24 -37.99 2.25
C PHE A 302 0.14 -38.43 1.31
N VAL A 303 -0.16 -39.73 1.33
CA VAL A 303 -1.13 -40.31 0.42
C VAL A 303 -2.18 -41.06 1.24
N PRO A 304 -3.50 -40.98 0.91
CA PRO A 304 -4.52 -41.71 1.64
C PRO A 304 -4.24 -43.20 1.65
N ALA A 305 -4.47 -43.83 2.80
CA ALA A 305 -4.16 -45.25 2.94
C ALA A 305 -4.82 -46.07 1.83
N LYS A 306 -6.06 -45.73 1.50
CA LYS A 306 -6.84 -46.52 0.50
C LYS A 306 -6.21 -46.46 -0.90
N PHE A 307 -5.40 -45.45 -1.18
CA PHE A 307 -4.83 -45.30 -2.55
C PHE A 307 -3.33 -45.47 -2.52
N LYS A 308 -2.79 -45.95 -1.41
CA LYS A 308 -1.32 -45.95 -1.31
C LYS A 308 -0.70 -46.92 -2.30
N ALA A 309 -1.26 -48.12 -2.41
CA ALA A 309 -0.68 -49.11 -3.32
C ALA A 309 -0.76 -48.63 -4.76
N GLU A 310 -1.91 -48.09 -5.16
CA GLU A 310 -2.05 -47.59 -6.52
C GLU A 310 -1.10 -46.44 -6.78
N PHE A 311 -0.94 -45.53 -5.82
CA PHE A 311 0.00 -44.43 -6.01
C PHE A 311 1.44 -44.93 -6.15
N GLU A 312 1.80 -45.98 -5.40
CA GLU A 312 3.15 -46.54 -5.49
C GLU A 312 3.46 -47.08 -6.88
N HIS A 313 2.52 -47.76 -7.50
N HIS A 313 2.51 -47.77 -7.51
CA HIS A 313 2.73 -48.27 -8.85
CA HIS A 313 2.75 -48.27 -8.86
C HIS A 313 2.91 -47.13 -9.84
C HIS A 313 2.94 -47.11 -9.83
N LYS A 314 2.17 -46.04 -9.66
CA LYS A 314 2.30 -44.89 -10.54
C LYS A 314 3.66 -44.21 -10.38
N ILE A 315 4.19 -44.19 -9.15
CA ILE A 315 5.53 -43.64 -8.95
C ILE A 315 6.58 -44.52 -9.63
N LEU A 316 6.50 -45.83 -9.41
CA LEU A 316 7.46 -46.75 -10.03
C LEU A 316 7.51 -46.57 -11.54
N GLU A 317 6.34 -46.43 -12.16
CA GLU A 317 6.26 -46.22 -13.60
C GLU A 317 6.96 -44.92 -14.00
N ARG A 318 6.78 -43.85 -13.22
CA ARG A 318 7.38 -42.58 -13.61
C ARG A 318 8.89 -42.58 -13.33
N VAL A 319 9.32 -43.23 -12.25
CA VAL A 319 10.75 -43.25 -11.92
C VAL A 319 11.53 -44.02 -12.99
N GLY A 320 10.94 -45.07 -13.56
CA GLY A 320 11.57 -45.75 -14.67
C GLY A 320 11.83 -44.85 -15.87
N ARG A 321 11.13 -43.72 -15.97
CA ARG A 321 11.32 -42.78 -17.07
C ARG A 321 12.46 -41.80 -16.88
N ILE A 322 13.08 -41.74 -15.71
CA ILE A 322 14.12 -40.76 -15.46
C ILE A 322 15.34 -41.12 -16.30
N ARG A 323 15.90 -40.14 -17.00
CA ARG A 323 16.93 -40.37 -18.00
C ARG A 323 18.22 -39.70 -17.55
N ALA A 324 19.07 -40.47 -16.90
CA ALA A 324 20.42 -40.05 -16.58
C ALA A 324 21.28 -40.20 -17.83
N GLY A 325 22.24 -39.31 -17.99
CA GLY A 325 23.16 -39.42 -19.11
C GLY A 325 23.90 -38.12 -19.37
N ASP A 326 24.33 -37.97 -20.62
CA ASP A 326 25.03 -36.79 -21.11
C ASP A 326 24.27 -35.51 -20.76
N LEU A 327 24.93 -34.66 -19.96
CA LEU A 327 24.25 -33.48 -19.44
C LEU A 327 23.88 -32.46 -20.52
N PHE A 328 24.53 -32.50 -21.69
CA PHE A 328 24.18 -31.58 -22.76
C PHE A 328 23.18 -32.17 -23.77
N ALA A 329 22.84 -33.46 -23.63
CA ALA A 329 21.82 -34.07 -24.49
C ALA A 329 20.43 -33.58 -24.11
N ASP A 330 19.59 -33.37 -25.12
CA ASP A 330 18.29 -32.74 -24.89
C ASP A 330 17.39 -33.57 -23.98
N ASP A 331 17.46 -34.91 -24.08
CA ASP A 331 16.57 -35.77 -23.30
C ASP A 331 17.12 -36.19 -21.94
N THR A 332 18.35 -35.82 -21.58
CA THR A 332 18.79 -36.03 -20.21
C THR A 332 17.98 -35.14 -19.26
N ASN A 333 17.33 -35.74 -18.26
CA ASN A 333 16.59 -34.97 -17.26
C ASN A 333 17.05 -35.25 -15.83
N PHE A 334 18.19 -35.91 -15.64
CA PHE A 334 18.67 -36.27 -14.31
C PHE A 334 20.18 -36.20 -14.34
N GLY A 335 20.76 -35.50 -13.35
CA GLY A 335 22.18 -35.29 -13.30
C GLY A 335 22.81 -35.92 -12.06
N PRO A 336 24.13 -35.87 -11.99
CA PRO A 336 24.80 -36.32 -10.77
C PRO A 336 24.61 -35.30 -9.65
N LEU A 337 24.83 -35.76 -8.43
CA LEU A 337 24.91 -34.83 -7.33
C LEU A 337 26.17 -33.98 -7.48
N VAL A 338 26.18 -32.86 -6.76
CA VAL A 338 27.19 -31.82 -7.01
C VAL A 338 28.60 -32.26 -6.63
N SER A 339 28.76 -33.25 -5.76
CA SER A 339 30.09 -33.64 -5.29
C SER A 339 30.01 -35.00 -4.63
N PHE A 340 31.17 -35.64 -4.52
CA PHE A 340 31.24 -36.96 -3.92
C PHE A 340 30.93 -36.91 -2.43
N PRO A 341 31.39 -35.90 -1.67
CA PRO A 341 30.97 -35.82 -0.27
C PRO A 341 29.47 -35.64 -0.11
N HIS A 342 28.83 -34.83 -0.95
CA HIS A 342 27.38 -34.68 -0.82
C HIS A 342 26.66 -36.01 -1.07
N ARG A 343 27.09 -36.74 -2.11
CA ARG A 343 26.47 -38.03 -2.37
C ARG A 343 26.67 -39.00 -1.20
N GLN A 344 27.83 -38.92 -0.54
CA GLN A 344 28.06 -39.82 0.59
C GLN A 344 27.00 -39.59 1.66
N ASN A 345 26.65 -38.33 1.89
CA ASN A 345 25.61 -38.04 2.88
C ASN A 345 24.26 -38.55 2.44
N VAL A 346 23.92 -38.41 1.16
CA VAL A 346 22.66 -38.94 0.68
C VAL A 346 22.63 -40.46 0.84
N LEU A 347 23.76 -41.12 0.54
CA LEU A 347 23.82 -42.58 0.67
C LEU A 347 23.67 -43.01 2.13
N ARG A 348 24.19 -42.22 3.07
CA ARG A 348 23.99 -42.56 4.49
C ARG A 348 22.53 -42.46 4.90
N TYR A 349 21.80 -41.45 4.42
CA TYR A 349 20.37 -41.40 4.71
C TYR A 349 19.64 -42.58 4.10
N ILE A 350 19.99 -42.94 2.87
CA ILE A 350 19.37 -44.10 2.23
C ILE A 350 19.60 -45.36 3.08
N GLU A 351 20.83 -45.54 3.56
CA GLU A 351 21.11 -46.73 4.37
C GLU A 351 20.34 -46.69 5.69
N SER A 352 20.20 -45.50 6.29
CA SER A 352 19.37 -45.38 7.49
C SER A 352 17.90 -45.70 7.22
N GLY A 353 17.41 -45.37 6.03
CA GLY A 353 16.06 -45.78 5.67
C GLY A 353 15.91 -47.29 5.67
N LYS A 354 16.86 -47.99 5.05
CA LYS A 354 16.81 -49.45 5.03
C LYS A 354 16.92 -50.02 6.44
N SER A 355 17.82 -49.48 7.28
CA SER A 355 18.00 -50.08 8.60
C SER A 355 16.81 -49.81 9.52
N GLU A 356 16.12 -48.69 9.36
CA GLU A 356 15.02 -48.33 10.23
C GLU A 356 13.69 -48.95 9.83
N GLY A 357 13.68 -49.76 8.78
CA GLY A 357 12.49 -50.51 8.40
C GLY A 357 11.61 -49.89 7.35
N ALA A 358 12.03 -48.79 6.72
CA ALA A 358 11.30 -48.30 5.56
C ALA A 358 11.44 -49.31 4.41
N ARG A 359 10.41 -49.38 3.59
CA ARG A 359 10.42 -50.31 2.46
C ARG A 359 10.94 -49.58 1.23
N LEU A 360 12.07 -50.05 0.70
CA LEU A 360 12.66 -49.48 -0.49
C LEU A 360 11.83 -49.89 -1.69
N LEU A 361 11.24 -48.90 -2.35
CA LEU A 361 10.41 -49.14 -3.53
C LEU A 361 11.24 -49.15 -4.80
N CYS A 362 12.25 -48.29 -4.91
CA CYS A 362 13.16 -48.34 -6.05
C CYS A 362 14.41 -47.55 -5.75
N GLY A 363 15.42 -47.77 -6.58
CA GLY A 363 16.65 -47.02 -6.44
C GLY A 363 17.47 -47.47 -5.25
N GLY A 364 18.19 -46.52 -4.68
CA GLY A 364 18.94 -46.75 -3.46
C GLY A 364 20.42 -46.97 -3.63
N ASP A 365 20.96 -46.91 -4.84
CA ASP A 365 22.37 -47.22 -5.06
C ASP A 365 23.03 -46.17 -5.97
N VAL A 366 24.36 -46.10 -5.88
CA VAL A 366 25.11 -45.32 -6.86
C VAL A 366 24.85 -45.89 -8.25
N LEU A 367 25.05 -45.05 -9.26
CA LEU A 367 25.02 -45.50 -10.64
C LEU A 367 26.43 -45.91 -11.05
N LYS A 368 26.50 -46.94 -11.90
CA LYS A 368 27.76 -47.55 -12.32
C LYS A 368 27.79 -47.68 -13.83
N GLY A 369 28.98 -47.74 -14.39
CA GLY A 369 29.16 -47.93 -15.82
C GLY A 369 29.86 -46.74 -16.46
N GLU A 370 30.24 -46.94 -17.72
CA GLU A 370 30.92 -45.88 -18.47
C GLU A 370 30.03 -44.66 -18.53
N GLY A 371 30.60 -43.50 -18.19
CA GLY A 371 29.88 -42.25 -18.13
C GLY A 371 29.36 -41.88 -16.76
N PHE A 372 29.26 -42.84 -15.84
CA PHE A 372 28.83 -42.59 -14.46
C PHE A 372 29.91 -42.78 -13.42
N ASP A 373 30.96 -43.56 -13.71
CA ASP A 373 31.95 -43.87 -12.69
C ASP A 373 32.76 -42.65 -12.27
N ASN A 374 32.73 -41.55 -13.01
CA ASN A 374 33.53 -40.38 -12.68
C ASN A 374 32.74 -39.27 -12.01
N GLY A 375 31.41 -39.37 -11.96
CA GLY A 375 30.59 -38.38 -11.31
C GLY A 375 29.86 -39.02 -10.15
N ALA A 376 29.26 -38.18 -9.34
CA ALA A 376 28.66 -38.64 -8.09
C ALA A 376 27.17 -38.83 -8.28
N TRP A 377 26.84 -39.86 -9.05
CA TRP A 377 25.46 -40.20 -9.38
C TRP A 377 24.83 -41.09 -8.31
N VAL A 378 23.59 -40.80 -7.97
CA VAL A 378 22.75 -41.68 -7.15
C VAL A 378 21.44 -41.94 -7.92
N ALA A 379 20.99 -43.18 -7.91
CA ALA A 379 19.73 -43.52 -8.54
C ALA A 379 18.58 -42.82 -7.84
N PRO A 380 17.58 -42.34 -8.57
CA PRO A 380 16.38 -41.79 -7.90
C PRO A 380 15.76 -42.85 -7.00
N THR A 381 15.46 -42.45 -5.77
CA THR A 381 15.12 -43.39 -4.72
C THR A 381 13.77 -43.05 -4.12
N VAL A 382 12.98 -44.09 -3.83
CA VAL A 382 11.67 -43.93 -3.21
C VAL A 382 11.53 -44.91 -2.05
N PHE A 383 11.20 -44.39 -0.87
CA PHE A 383 10.84 -45.19 0.28
C PHE A 383 9.35 -45.09 0.54
N THR A 384 8.76 -46.18 0.99
CA THR A 384 7.39 -46.17 1.43
C THR A 384 7.28 -46.91 2.75
N ASP A 385 6.06 -47.00 3.27
CA ASP A 385 5.82 -47.54 4.61
C ASP A 385 6.61 -46.74 5.65
N CYS A 386 6.74 -45.44 5.42
CA CYS A 386 7.54 -44.59 6.29
C CYS A 386 6.72 -44.10 7.47
N THR A 387 7.41 -43.82 8.57
CA THR A 387 6.78 -43.32 9.79
C THR A 387 7.47 -42.05 10.24
N ASP A 388 6.73 -41.24 11.00
CA ASP A 388 7.15 -39.89 11.33
C ASP A 388 8.44 -39.87 12.13
N ASP A 389 8.83 -40.98 12.74
CA ASP A 389 10.01 -41.03 13.60
C ASP A 389 11.29 -41.43 12.86
N MET A 390 11.20 -41.75 11.58
CA MET A 390 12.37 -42.20 10.84
C MET A 390 13.24 -41.01 10.44
N THR A 391 14.56 -41.26 10.41
CA THR A 391 15.51 -40.21 10.09
C THR A 391 15.23 -39.63 8.70
N ILE A 392 14.90 -40.48 7.73
CA ILE A 392 14.65 -39.98 6.37
C ILE A 392 13.40 -39.13 6.31
N VAL A 393 12.48 -39.32 7.26
CA VAL A 393 11.29 -38.48 7.31
C VAL A 393 11.58 -37.18 8.04
N ARG A 394 12.46 -37.20 9.03
CA ARG A 394 12.66 -36.05 9.89
C ARG A 394 13.69 -35.05 9.37
N GLU A 395 14.64 -35.48 8.55
CA GLU A 395 15.76 -34.62 8.19
C GLU A 395 15.82 -34.38 6.69
N GLU A 396 16.25 -33.18 6.33
CA GLU A 396 16.44 -32.83 4.93
C GLU A 396 17.62 -33.59 4.36
N ILE A 397 17.41 -34.29 3.26
CA ILE A 397 18.45 -35.10 2.65
C ILE A 397 19.16 -34.34 1.52
N PHE A 398 18.41 -33.54 0.77
CA PHE A 398 18.96 -32.78 -0.35
C PHE A 398 19.50 -33.69 -1.43
N GLY A 399 18.76 -34.75 -1.70
CA GLY A 399 19.08 -35.71 -2.72
C GLY A 399 17.82 -36.33 -3.24
N PRO A 400 17.95 -37.21 -4.21
CA PRO A 400 16.74 -37.74 -4.87
C PRO A 400 16.12 -38.91 -4.11
N VAL A 401 15.47 -38.58 -2.99
CA VAL A 401 14.94 -39.56 -2.05
C VAL A 401 13.55 -39.09 -1.63
N MET A 402 12.51 -39.77 -2.12
CA MET A 402 11.13 -39.50 -1.75
C MET A 402 10.68 -40.44 -0.63
N SER A 403 9.97 -39.90 0.36
CA SER A 403 9.34 -40.67 1.43
C SER A 403 7.82 -40.62 1.30
N ILE A 404 7.21 -41.79 1.17
CA ILE A 404 5.76 -41.93 1.03
C ILE A 404 5.18 -42.35 2.37
N LEU A 405 4.23 -41.56 2.89
CA LEU A 405 3.56 -41.78 4.16
C LEU A 405 2.07 -41.92 3.96
N SER A 406 1.47 -42.91 4.61
CA SER A 406 0.03 -43.14 4.57
CA SER A 406 0.03 -43.09 4.54
C SER A 406 -0.65 -42.33 5.67
N TYR A 407 -1.89 -41.94 5.39
CA TYR A 407 -2.71 -41.19 6.38
C TYR A 407 -4.17 -41.64 6.29
N ASP A 408 -4.92 -41.34 7.34
CA ASP A 408 -6.34 -41.77 7.41
C ASP A 408 -7.31 -40.58 7.33
N ASP A 409 -7.00 -39.43 7.95
CA ASP A 409 -7.97 -38.34 7.97
C ASP A 409 -7.28 -36.98 7.88
N GLU A 410 -8.09 -35.98 7.54
CA GLU A 410 -7.57 -34.66 7.20
C GLU A 410 -6.92 -33.99 8.40
N ALA A 411 -7.55 -34.05 9.57
CA ALA A 411 -6.97 -33.46 10.76
C ALA A 411 -5.62 -34.10 11.09
N GLU A 412 -5.54 -35.43 10.94
CA GLU A 412 -4.30 -36.15 11.17
C GLU A 412 -3.19 -35.67 10.25
N VAL A 413 -3.48 -35.55 8.95
CA VAL A 413 -2.40 -35.21 8.03
C VAL A 413 -1.94 -33.78 8.23
N ILE A 414 -2.85 -32.89 8.63
CA ILE A 414 -2.44 -31.52 8.96
C ILE A 414 -1.50 -31.51 10.14
N ARG A 415 -1.81 -32.30 11.20
CA ARG A 415 -0.94 -32.34 12.37
C ARG A 415 0.44 -32.82 11.98
N ARG A 416 0.50 -33.91 11.23
CA ARG A 416 1.78 -34.53 10.91
C ARG A 416 2.54 -33.69 9.90
N ALA A 417 1.84 -33.02 8.98
CA ALA A 417 2.54 -32.13 8.06
C ALA A 417 3.20 -30.99 8.82
N ASN A 418 2.56 -30.50 9.87
CA ASN A 418 3.09 -29.40 10.66
C ASN A 418 4.04 -29.83 11.79
N ALA A 419 4.17 -31.11 12.11
CA ALA A 419 4.96 -31.53 13.27
C ALA A 419 6.44 -31.65 12.89
N THR A 420 7.08 -30.50 12.78
CA THR A 420 8.41 -30.38 12.21
C THR A 420 8.89 -28.98 12.50
N GLU A 421 10.21 -28.84 12.67
CA GLU A 421 10.83 -27.54 12.85
C GLU A 421 11.05 -26.81 11.54
N TYR A 422 11.00 -27.53 10.43
CA TYR A 422 11.08 -26.95 9.11
C TYR A 422 9.76 -26.31 8.73
N GLY A 423 9.82 -25.38 7.79
CA GLY A 423 8.63 -24.63 7.43
C GLY A 423 8.63 -24.02 6.05
N LEU A 424 9.38 -24.57 5.11
CA LEU A 424 9.64 -23.83 3.89
C LEU A 424 8.43 -23.85 2.96
N ALA A 425 8.05 -25.03 2.48
CA ALA A 425 7.01 -25.16 1.46
C ALA A 425 6.02 -26.24 1.86
N ALA A 426 4.91 -26.25 1.14
CA ALA A 426 3.86 -27.24 1.31
C ALA A 426 2.99 -27.23 0.05
N GLY A 427 2.20 -28.28 -0.09
CA GLY A 427 1.30 -28.36 -1.22
C GLY A 427 0.19 -29.34 -0.94
N VAL A 428 -0.91 -29.17 -1.67
CA VAL A 428 -2.05 -30.07 -1.59
C VAL A 428 -2.54 -30.35 -3.01
N VAL A 429 -2.96 -31.60 -3.26
CA VAL A 429 -3.56 -31.98 -4.53
C VAL A 429 -5.01 -32.37 -4.25
N THR A 430 -5.94 -31.62 -4.84
CA THR A 430 -7.37 -31.83 -4.69
C THR A 430 -8.12 -30.96 -5.67
N PRO A 431 -9.17 -31.49 -6.33
CA PRO A 431 -10.03 -30.64 -7.15
C PRO A 431 -11.11 -29.91 -6.36
N ASP A 432 -11.18 -30.11 -5.05
CA ASP A 432 -12.28 -29.59 -4.25
C ASP A 432 -11.94 -28.20 -3.72
N LEU A 433 -12.85 -27.25 -3.96
CA LEU A 433 -12.64 -25.85 -3.60
C LEU A 433 -12.40 -25.70 -2.11
N ASN A 434 -13.32 -26.22 -1.30
CA ASN A 434 -13.22 -26.06 0.16
C ASN A 434 -11.99 -26.77 0.70
N ARG A 435 -11.75 -28.00 0.26
CA ARG A 435 -10.62 -28.77 0.80
C ARG A 435 -9.30 -28.05 0.54
N ALA A 436 -9.10 -27.55 -0.69
CA ALA A 436 -7.82 -26.94 -1.04
C ALA A 436 -7.49 -25.75 -0.14
N HIS A 437 -8.41 -24.79 -0.02
CA HIS A 437 -8.11 -23.60 0.77
C HIS A 437 -8.10 -23.92 2.26
N ARG A 438 -9.03 -24.77 2.70
CA ARG A 438 -9.13 -25.15 4.10
C ARG A 438 -7.82 -25.77 4.59
N ILE A 439 -7.28 -26.75 3.85
CA ILE A 439 -6.05 -27.39 4.29
C ILE A 439 -4.88 -26.43 4.22
N ILE A 440 -4.76 -25.69 3.13
CA ILE A 440 -3.62 -24.82 2.90
C ILE A 440 -3.54 -23.73 3.97
N HIS A 441 -4.70 -23.22 4.38
CA HIS A 441 -4.70 -22.18 5.40
C HIS A 441 -4.16 -22.69 6.73
N GLN A 442 -4.15 -24.00 6.96
CA GLN A 442 -3.68 -24.55 8.22
C GLN A 442 -2.24 -25.04 8.20
N LEU A 443 -1.57 -25.03 7.06
CA LEU A 443 -0.21 -25.54 6.99
C LEU A 443 0.80 -24.47 7.38
N GLU A 444 1.83 -24.87 8.11
CA GLU A 444 2.83 -23.93 8.61
C GLU A 444 3.99 -23.87 7.64
N ALA A 445 3.79 -23.16 6.53
CA ALA A 445 4.79 -23.04 5.49
C ALA A 445 4.60 -21.74 4.74
N GLY A 446 5.73 -21.17 4.29
CA GLY A 446 5.73 -19.87 3.62
C GLY A 446 5.35 -19.93 2.14
N ILE A 447 5.51 -21.07 1.51
CA ILE A 447 5.30 -21.23 0.07
C ILE A 447 4.35 -22.41 -0.09
N CYS A 448 3.14 -22.15 -0.59
CA CYS A 448 2.11 -23.16 -0.68
C CYS A 448 1.57 -23.27 -2.10
N TRP A 449 1.58 -24.49 -2.64
CA TRP A 449 1.15 -24.78 -4.00
C TRP A 449 -0.09 -25.67 -3.98
N ILE A 450 -1.10 -25.28 -4.75
CA ILE A 450 -2.30 -26.07 -4.94
C ILE A 450 -2.29 -26.64 -6.35
N ASN A 451 -2.21 -27.97 -6.44
CA ASN A 451 -2.28 -28.72 -7.70
C ASN A 451 -1.13 -28.38 -8.62
N SER A 452 0.01 -28.10 -8.02
CA SER A 452 1.23 -27.81 -8.76
CA SER A 452 1.23 -27.75 -8.75
C SER A 452 2.38 -27.90 -7.77
N TRP A 453 3.59 -27.63 -8.25
CA TRP A 453 4.77 -27.57 -7.41
C TRP A 453 5.87 -26.79 -8.14
N GLY A 454 6.59 -25.98 -7.39
CA GLY A 454 7.89 -25.49 -7.80
C GLY A 454 7.91 -24.12 -8.46
N GLU A 455 6.76 -23.61 -8.89
CA GLU A 455 6.78 -22.35 -9.61
C GLU A 455 6.96 -21.19 -8.61
N SER A 456 7.84 -20.26 -8.94
CA SER A 456 8.26 -19.23 -7.99
C SER A 456 8.31 -17.87 -8.70
N PRO A 457 7.14 -17.31 -9.02
CA PRO A 457 7.10 -16.05 -9.79
C PRO A 457 7.79 -14.92 -9.06
N ALA A 458 8.36 -14.00 -9.84
CA ALA A 458 9.06 -12.84 -9.29
C ALA A 458 8.16 -12.04 -8.34
N GLU A 459 6.87 -12.05 -8.58
CA GLU A 459 5.90 -11.31 -7.77
C GLU A 459 5.63 -11.94 -6.40
N MET A 460 5.98 -13.21 -6.21
CA MET A 460 5.52 -14.00 -5.08
C MET A 460 6.60 -14.02 -3.99
N PRO A 461 6.39 -13.40 -2.83
CA PRO A 461 7.38 -13.53 -1.75
C PRO A 461 7.49 -14.99 -1.32
N VAL A 462 8.74 -15.46 -1.19
CA VAL A 462 9.03 -16.84 -0.82
C VAL A 462 10.07 -16.87 0.30
N GLY A 463 9.86 -17.76 1.25
CA GLY A 463 10.75 -17.91 2.39
C GLY A 463 10.08 -18.79 3.40
N GLY A 464 10.80 -19.06 4.49
CA GLY A 464 10.44 -20.12 5.40
C GLY A 464 9.80 -19.67 6.70
N TYR A 465 8.93 -20.52 7.22
CA TYR A 465 8.48 -20.47 8.60
C TYR A 465 9.51 -21.17 9.49
N LYS A 466 9.40 -20.91 10.79
CA LYS A 466 10.11 -21.67 11.83
C LYS A 466 11.60 -21.72 11.46
N HIS A 467 12.24 -22.90 11.44
CA HIS A 467 13.68 -23.02 11.29
C HIS A 467 14.13 -22.95 9.84
N SER A 468 13.21 -22.74 8.90
CA SER A 468 13.57 -22.72 7.50
C SER A 468 13.95 -21.35 6.99
N GLY A 469 13.78 -20.30 7.77
CA GLY A 469 14.38 -19.05 7.37
C GLY A 469 13.96 -17.87 8.22
N ILE A 470 14.56 -16.74 7.87
CA ILE A 470 14.23 -15.41 8.36
C ILE A 470 14.00 -14.56 7.13
N GLY A 471 12.91 -13.81 7.11
CA GLY A 471 12.66 -12.92 6.01
C GLY A 471 12.16 -13.64 4.77
N ARG A 472 12.19 -12.92 3.65
CA ARG A 472 11.62 -13.37 2.40
C ARG A 472 12.49 -12.88 1.25
N GLU A 473 12.33 -13.55 0.12
CA GLU A 473 12.86 -13.08 -1.15
C GLU A 473 11.71 -12.92 -2.14
N ASN A 474 11.97 -12.11 -3.17
CA ASN A 474 11.01 -11.78 -4.22
C ASN A 474 9.79 -11.02 -3.70
N GLY A 475 8.93 -10.57 -4.61
CA GLY A 475 7.82 -9.71 -4.26
C GLY A 475 8.25 -8.28 -3.99
N VAL A 476 7.25 -7.39 -3.97
CA VAL A 476 7.48 -5.99 -3.64
CA VAL A 476 7.53 -6.00 -3.66
C VAL A 476 8.10 -5.86 -2.25
N MET A 477 7.76 -6.75 -1.35
CA MET A 477 8.22 -6.57 0.03
C MET A 477 9.73 -6.73 0.17
N THR A 478 10.35 -7.53 -0.70
CA THR A 478 11.80 -7.71 -0.60
C THR A 478 12.55 -6.49 -1.11
N LEU A 479 11.99 -5.77 -2.09
CA LEU A 479 12.59 -4.49 -2.44
C LEU A 479 12.61 -3.55 -1.23
N GLN A 480 11.50 -3.47 -0.51
CA GLN A 480 11.41 -2.60 0.65
C GLN A 480 12.35 -3.05 1.76
N SER A 481 12.53 -4.37 1.92
CA SER A 481 13.41 -4.91 2.97
C SER A 481 14.89 -4.66 2.73
N TYR A 482 15.28 -4.24 1.53
CA TYR A 482 16.64 -3.80 1.27
C TYR A 482 16.78 -2.29 1.40
N THR A 483 15.78 -1.64 1.99
CA THR A 483 15.86 -0.25 2.45
C THR A 483 15.64 -0.21 3.96
N GLN A 484 15.97 0.93 4.54
CA GLN A 484 15.67 1.21 5.94
C GLN A 484 14.87 2.50 6.01
N VAL A 485 13.95 2.56 6.95
CA VAL A 485 13.04 3.69 7.09
C VAL A 485 13.69 4.76 7.96
N LYS A 486 13.65 6.00 7.49
CA LYS A 486 13.97 7.18 8.29
C LYS A 486 12.69 7.99 8.43
N SER A 487 12.28 8.23 9.66
CA SER A 487 11.12 9.08 9.95
C SER A 487 11.58 10.48 10.32
N ILE A 488 10.94 11.47 9.72
CA ILE A 488 11.32 12.87 9.85
C ILE A 488 10.09 13.63 10.29
N GLN A 489 10.17 14.25 11.46
CA GLN A 489 9.10 15.11 11.92
C GLN A 489 9.47 16.57 11.66
N VAL A 490 8.59 17.26 10.96
CA VAL A 490 8.67 18.70 10.75
C VAL A 490 7.76 19.35 11.77
N GLU A 491 8.35 20.01 12.77
CA GLU A 491 7.59 20.71 13.79
C GLU A 491 7.61 22.20 13.45
N MET A 492 6.46 22.74 13.04
CA MET A 492 6.37 24.15 12.68
C MET A 492 5.84 25.04 13.80
N GLY A 493 5.27 24.47 14.85
CA GLY A 493 4.86 25.27 16.00
C GLY A 493 6.04 25.57 16.92
N PRO A 494 5.79 26.45 17.90
CA PRO A 494 6.85 26.76 18.89
C PRO A 494 7.08 25.60 19.85
N PHE A 495 8.31 25.13 19.91
CA PHE A 495 8.65 24.04 20.81
C PHE A 495 8.55 24.51 22.25
N GLN A 496 7.96 23.68 23.10
CA GLN A 496 7.79 23.99 24.50
C GLN A 496 8.66 23.06 25.34
N SER A 497 9.49 23.65 26.18
CA SER A 497 10.30 22.91 27.14
C SER A 497 9.71 23.09 28.53
N ILE A 498 9.74 22.01 29.32
CA ILE A 498 9.27 22.10 30.71
C ILE A 498 10.36 22.54 31.67
N PHE A 499 11.55 22.87 31.17
CA PHE A 499 12.65 23.34 32.04
C PHE A 499 12.76 24.87 31.98
N ARG B 12 -49.26 8.87 16.52
CA ARG B 12 -48.49 9.50 15.45
C ARG B 12 -47.23 10.12 16.02
N MET B 13 -46.23 10.25 15.15
CA MET B 13 -45.02 10.96 15.59
C MET B 13 -45.25 12.46 15.36
N ALA B 14 -44.45 13.29 16.00
CA ALA B 14 -44.52 14.72 15.77
C ALA B 14 -43.95 15.06 14.40
N GLU B 15 -44.36 16.22 13.88
CA GLU B 15 -43.84 16.67 12.60
C GLU B 15 -42.31 16.74 12.64
N GLN B 16 -41.67 16.19 11.61
CA GLN B 16 -40.22 16.04 11.59
C GLN B 16 -39.61 17.25 10.89
N GLN B 17 -38.58 17.82 11.51
CA GLN B 17 -37.93 19.03 11.02
C GLN B 17 -36.60 18.68 10.33
N LEU B 18 -35.96 19.70 9.76
CA LEU B 18 -34.60 19.54 9.25
C LEU B 18 -33.62 19.51 10.41
N TYR B 19 -32.47 18.90 10.18
CA TYR B 19 -31.41 18.85 11.19
C TYR B 19 -30.20 19.59 10.63
N ILE B 20 -29.97 20.81 11.11
CA ILE B 20 -28.90 21.67 10.63
C ILE B 20 -28.15 22.23 11.82
N HIS B 21 -26.83 22.07 11.80
CA HIS B 21 -25.93 22.59 12.83
C HIS B 21 -26.30 22.11 14.23
N GLY B 22 -26.43 20.79 14.39
CA GLY B 22 -26.60 20.20 15.70
C GLY B 22 -27.95 20.40 16.36
N LYS B 23 -28.98 20.79 15.60
CA LYS B 23 -30.30 20.93 16.18
C LYS B 23 -31.35 20.81 15.09
N PHE B 24 -32.57 20.47 15.50
CA PHE B 24 -33.71 20.48 14.59
C PHE B 24 -34.16 21.91 14.35
N VAL B 25 -34.52 22.19 13.10
CA VAL B 25 -34.84 23.56 12.73
C VAL B 25 -35.90 23.49 11.64
N ALA B 26 -36.81 24.47 11.67
CA ALA B 26 -37.91 24.50 10.71
C ALA B 26 -37.43 24.84 9.30
N ALA B 27 -37.94 24.10 8.32
CA ALA B 27 -37.71 24.47 6.93
C ALA B 27 -38.33 25.84 6.63
N THR B 28 -37.76 26.53 5.64
CA THR B 28 -38.33 27.78 5.13
C THR B 28 -39.02 27.58 3.77
N SER B 29 -39.12 26.34 3.29
CA SER B 29 -39.78 26.07 2.03
C SER B 29 -41.29 26.31 2.09
N GLY B 30 -41.88 26.15 3.27
CA GLY B 30 -43.32 26.12 3.34
C GLY B 30 -43.94 24.84 2.83
N LYS B 31 -43.14 23.82 2.57
CA LYS B 31 -43.63 22.57 2.01
C LYS B 31 -43.31 21.41 2.93
N THR B 32 -44.20 20.42 2.94
CA THR B 32 -44.06 19.21 3.73
C THR B 32 -44.45 18.02 2.87
N PHE B 33 -44.17 16.82 3.38
CA PHE B 33 -44.61 15.60 2.74
C PHE B 33 -44.88 14.58 3.84
N GLU B 34 -45.59 13.51 3.49
CA GLU B 34 -45.93 12.47 4.44
C GLU B 34 -45.18 11.19 4.08
N THR B 35 -44.76 10.45 5.11
CA THR B 35 -44.27 9.10 4.92
C THR B 35 -45.30 8.12 5.47
N ILE B 36 -45.49 7.04 4.73
CA ILE B 36 -46.55 6.07 4.97
C ILE B 36 -45.95 4.83 5.60
N ASN B 37 -46.71 4.23 6.51
CA ASN B 37 -46.41 2.88 6.99
C ASN B 37 -46.89 1.91 5.93
N PRO B 38 -45.99 1.20 5.24
CA PRO B 38 -46.43 0.40 4.08
C PRO B 38 -47.21 -0.83 4.44
N ALA B 39 -47.23 -1.22 5.72
CA ALA B 39 -48.00 -2.36 6.15
C ALA B 39 -49.46 -2.02 6.41
N THR B 40 -49.77 -0.74 6.61
CA THR B 40 -51.13 -0.33 6.98
C THR B 40 -51.72 0.76 6.11
N GLY B 41 -50.90 1.56 5.43
CA GLY B 41 -51.39 2.70 4.68
C GLY B 41 -51.46 3.98 5.48
N GLU B 42 -51.28 3.91 6.79
CA GLU B 42 -51.39 5.08 7.67
C GLU B 42 -50.21 6.02 7.53
N VAL B 43 -50.47 7.29 7.85
CA VAL B 43 -49.43 8.31 7.81
C VAL B 43 -48.56 8.17 9.05
N LEU B 44 -47.27 7.86 8.83
CA LEU B 44 -46.36 7.77 9.96
C LEU B 44 -46.04 9.13 10.52
N ALA B 45 -45.76 10.10 9.65
CA ALA B 45 -45.37 11.42 10.09
C ALA B 45 -45.43 12.36 8.90
N THR B 46 -45.59 13.64 9.22
CA THR B 46 -45.40 14.71 8.28
C THR B 46 -43.98 15.22 8.44
N VAL B 47 -43.32 15.45 7.31
CA VAL B 47 -41.88 15.76 7.26
C VAL B 47 -41.69 17.03 6.45
N GLN B 48 -40.96 17.98 7.02
CA GLN B 48 -40.67 19.23 6.32
C GLN B 48 -39.65 19.01 5.20
N ALA B 49 -39.84 19.72 4.11
CA ALA B 49 -38.98 19.60 2.93
C ALA B 49 -38.03 20.79 2.86
N ALA B 50 -36.77 20.52 2.57
CA ALA B 50 -35.77 21.57 2.52
C ALA B 50 -35.80 22.26 1.16
N GLY B 51 -35.96 23.59 1.17
CA GLY B 51 -35.91 24.37 -0.04
C GLY B 51 -34.50 24.87 -0.34
N ARG B 52 -34.36 25.68 -1.38
CA ARG B 52 -33.02 26.15 -1.81
C ARG B 52 -32.30 26.90 -0.67
N GLU B 53 -33.01 27.74 0.07
CA GLU B 53 -32.39 28.54 1.16
C GLU B 53 -31.97 27.61 2.30
N ASP B 54 -32.73 26.55 2.54
CA ASP B 54 -32.37 25.54 3.56
C ASP B 54 -31.05 24.85 3.18
N VAL B 55 -30.89 24.51 1.91
CA VAL B 55 -29.64 23.85 1.44
C VAL B 55 -28.46 24.84 1.61
N ASP B 56 -28.68 26.11 1.28
CA ASP B 56 -27.61 27.13 1.44
C ASP B 56 -27.19 27.23 2.91
N ARG B 57 -28.15 27.16 3.82
CA ARG B 57 -27.85 27.28 5.27
C ARG B 57 -27.09 26.02 5.71
N ALA B 58 -27.51 24.85 5.24
CA ALA B 58 -26.83 23.58 5.57
C ALA B 58 -25.38 23.57 5.07
N VAL B 59 -25.14 24.12 3.87
CA VAL B 59 -23.77 24.14 3.31
C VAL B 59 -22.92 25.10 4.17
N LYS B 60 -23.45 26.27 4.49
CA LYS B 60 -22.71 27.23 5.35
C LYS B 60 -22.44 26.55 6.70
N SER B 61 -23.44 25.88 7.26
CA SER B 61 -23.22 25.09 8.48
C SER B 61 -22.13 24.03 8.28
N ALA B 62 -22.19 23.29 7.18
CA ALA B 62 -21.23 22.23 6.94
C ALA B 62 -19.82 22.79 6.83
N GLN B 63 -19.67 23.90 6.12
CA GLN B 63 -18.36 24.49 5.92
C GLN B 63 -17.73 24.88 7.25
N GLN B 64 -18.51 25.47 8.14
CA GLN B 64 -18.00 25.83 9.45
C GLN B 64 -17.61 24.60 10.26
N GLY B 65 -18.52 23.62 10.36
CA GLY B 65 -18.25 22.42 11.13
C GLY B 65 -17.10 21.61 10.59
N GLN B 66 -16.97 21.56 9.26
CA GLN B 66 -15.89 20.78 8.66
C GLN B 66 -14.53 21.28 9.13
N LYS B 67 -14.38 22.60 9.28
CA LYS B 67 -13.10 23.17 9.71
C LYS B 67 -12.74 22.71 11.11
N VAL B 68 -13.72 22.68 12.01
CA VAL B 68 -13.47 22.21 13.37
C VAL B 68 -13.07 20.74 13.35
N TRP B 69 -13.86 19.93 12.65
CA TRP B 69 -13.68 18.49 12.63
C TRP B 69 -12.32 18.10 12.08
N ALA B 70 -11.90 18.73 11.00
CA ALA B 70 -10.64 18.39 10.35
C ALA B 70 -9.43 18.90 11.12
N ALA B 71 -9.58 19.98 11.89
CA ALA B 71 -8.49 20.48 12.71
C ALA B 71 -8.20 19.58 13.91
N MET B 72 -9.16 18.73 14.29
CA MET B 72 -8.95 17.75 15.35
C MET B 72 -7.90 16.70 14.94
N SER B 73 -7.31 16.07 15.95
CA SER B 73 -6.42 14.97 15.68
C SER B 73 -7.19 13.79 15.08
N ALA B 74 -6.45 12.93 14.37
CA ALA B 74 -7.04 11.72 13.80
C ALA B 74 -7.66 10.85 14.89
N MET B 75 -6.96 10.68 16.02
CA MET B 75 -7.52 9.81 17.06
C MET B 75 -8.72 10.45 17.75
N ALA B 76 -8.79 11.78 17.84
CA ALA B 76 -9.98 12.44 18.38
C ALA B 76 -11.20 12.19 17.50
N ARG B 77 -11.03 12.26 16.18
CA ARG B 77 -12.13 11.91 15.29
C ARG B 77 -12.51 10.45 15.46
N SER B 78 -11.51 9.58 15.61
CA SER B 78 -11.76 8.14 15.78
CA SER B 78 -11.78 8.15 15.77
C SER B 78 -12.62 7.87 17.01
N ARG B 79 -12.31 8.52 18.13
CA ARG B 79 -13.02 8.22 19.37
C ARG B 79 -14.47 8.67 19.28
N ILE B 80 -14.73 9.80 18.60
CA ILE B 80 -16.09 10.29 18.48
C ILE B 80 -16.93 9.33 17.65
N LEU B 81 -16.40 8.82 16.53
CA LEU B 81 -17.18 7.87 15.74
C LEU B 81 -17.38 6.57 16.49
N ARG B 82 -16.41 6.16 17.33
CA ARG B 82 -16.59 4.96 18.14
CA ARG B 82 -16.62 4.96 18.12
C ARG B 82 -17.69 5.15 19.17
N LYS B 83 -17.82 6.37 19.72
CA LYS B 83 -18.92 6.62 20.64
C LYS B 83 -20.27 6.50 19.90
N ALA B 84 -20.32 6.98 18.66
CA ALA B 84 -21.55 6.82 17.88
C ALA B 84 -21.87 5.35 17.64
N VAL B 85 -20.84 4.54 17.38
CA VAL B 85 -21.03 3.10 17.23
C VAL B 85 -21.64 2.52 18.51
N ASP B 86 -21.11 2.90 19.66
CA ASP B 86 -21.64 2.35 20.91
C ASP B 86 -23.12 2.69 21.10
N ILE B 87 -23.51 3.92 20.74
CA ILE B 87 -24.92 4.28 20.89
C ILE B 87 -25.77 3.50 19.89
N LEU B 88 -25.26 3.31 18.68
CA LEU B 88 -26.01 2.55 17.68
C LEU B 88 -26.21 1.11 18.13
N ARG B 89 -25.19 0.50 18.74
CA ARG B 89 -25.36 -0.85 19.28
C ARG B 89 -26.39 -0.86 20.40
N GLU B 90 -26.36 0.14 21.27
CA GLU B 90 -27.32 0.18 22.38
C GLU B 90 -28.75 0.35 21.89
N ARG B 91 -28.93 1.18 20.85
N ARG B 91 -28.93 1.19 20.86
CA ARG B 91 -30.26 1.52 20.37
CA ARG B 91 -30.27 1.51 20.37
C ARG B 91 -30.68 0.69 19.15
C ARG B 91 -30.66 0.69 19.14
N ASN B 92 -30.01 -0.45 18.92
CA ASN B 92 -30.29 -1.26 17.73
C ASN B 92 -31.77 -1.61 17.61
N ASP B 93 -32.36 -2.14 18.69
CA ASP B 93 -33.76 -2.58 18.63
C ASP B 93 -34.70 -1.41 18.33
N GLU B 94 -34.51 -0.28 19.02
CA GLU B 94 -35.37 0.87 18.79
C GLU B 94 -35.24 1.38 17.36
N LEU B 95 -34.00 1.48 16.87
CA LEU B 95 -33.81 1.93 15.48
C LEU B 95 -34.42 0.95 14.49
N ALA B 96 -34.25 -0.36 14.72
CA ALA B 96 -34.80 -1.37 13.81
C ALA B 96 -36.32 -1.30 13.76
N ARG B 97 -36.96 -1.12 14.92
CA ARG B 97 -38.42 -1.03 14.94
C ARG B 97 -38.91 0.15 14.14
N LEU B 98 -38.22 1.29 14.24
CA LEU B 98 -38.56 2.45 13.43
C LEU B 98 -38.35 2.18 11.94
N GLU B 99 -37.24 1.51 11.59
CA GLU B 99 -37.00 1.16 10.19
C GLU B 99 -38.06 0.22 9.65
N THR B 100 -38.49 -0.74 10.47
CA THR B 100 -39.57 -1.64 10.05
C THR B 100 -40.86 -0.87 9.77
N LEU B 101 -41.16 0.15 10.59
CA LEU B 101 -42.38 0.93 10.39
C LEU B 101 -42.32 1.75 9.11
N ASP B 102 -41.14 2.30 8.79
CA ASP B 102 -40.98 3.21 7.66
C ASP B 102 -40.84 2.48 6.33
N THR B 103 -40.24 1.28 6.33
CA THR B 103 -39.89 0.58 5.10
C THR B 103 -40.76 -0.65 4.82
N GLY B 104 -41.38 -1.22 5.85
CA GLY B 104 -42.09 -2.47 5.70
C GLY B 104 -41.24 -3.70 5.79
N LYS B 105 -39.96 -3.58 6.10
CA LYS B 105 -39.16 -4.78 6.19
C LYS B 105 -39.39 -5.46 7.55
N PRO B 106 -39.42 -6.78 7.59
CA PRO B 106 -39.63 -7.48 8.87
C PRO B 106 -38.57 -7.12 9.91
N LEU B 107 -39.01 -7.02 11.16
CA LEU B 107 -38.06 -6.81 12.25
C LEU B 107 -37.01 -7.90 12.31
N SER B 108 -37.37 -9.12 11.89
CA SER B 108 -36.41 -10.21 11.83
C SER B 108 -35.24 -9.89 10.91
N GLU B 109 -35.43 -8.96 9.95
CA GLU B 109 -34.32 -8.46 9.15
C GLU B 109 -33.68 -7.24 9.81
N THR B 110 -34.50 -6.21 10.07
CA THR B 110 -33.95 -4.90 10.42
C THR B 110 -33.13 -4.95 11.68
N ALA B 111 -33.55 -5.75 12.65
CA ALA B 111 -32.83 -5.83 13.92
C ALA B 111 -31.56 -6.66 13.83
N ALA B 112 -31.40 -7.43 12.76
CA ALA B 112 -30.25 -8.32 12.60
C ALA B 112 -29.25 -7.83 11.57
N VAL B 113 -29.65 -6.93 10.68
CA VAL B 113 -28.85 -6.51 9.54
C VAL B 113 -28.65 -5.00 9.50
N ASP B 114 -29.75 -4.24 9.45
CA ASP B 114 -29.67 -2.85 8.97
C ASP B 114 -28.72 -2.02 9.83
N ILE B 115 -28.95 -1.97 11.13
CA ILE B 115 -28.07 -1.17 11.97
C ILE B 115 -26.80 -1.95 12.29
N VAL B 116 -26.89 -3.27 12.42
CA VAL B 116 -25.71 -4.08 12.74
C VAL B 116 -24.61 -3.87 11.71
N THR B 117 -24.95 -3.99 10.41
CA THR B 117 -23.94 -3.82 9.39
C THR B 117 -23.68 -2.35 9.05
N GLY B 118 -24.64 -1.46 9.32
CA GLY B 118 -24.34 -0.05 9.22
C GLY B 118 -23.30 0.37 10.24
N ALA B 119 -23.54 0.01 11.51
CA ALA B 119 -22.58 0.32 12.56
C ALA B 119 -21.25 -0.40 12.36
N ASP B 120 -21.24 -1.59 11.74
CA ASP B 120 -19.97 -2.26 11.47
C ASP B 120 -19.06 -1.41 10.60
N VAL B 121 -19.64 -0.73 9.60
CA VAL B 121 -18.84 0.06 8.67
C VAL B 121 -18.33 1.32 9.34
N LEU B 122 -19.15 1.98 10.15
CA LEU B 122 -18.69 3.14 10.90
C LEU B 122 -17.56 2.74 11.85
N GLU B 123 -17.72 1.60 12.52
CA GLU B 123 -16.70 1.09 13.42
C GLU B 123 -15.40 0.80 12.68
N TYR B 124 -15.51 0.23 11.48
CA TYR B 124 -14.36 -0.07 10.65
C TYR B 124 -13.61 1.20 10.27
N TYR B 125 -14.31 2.20 9.74
CA TYR B 125 -13.65 3.44 9.35
C TYR B 125 -13.12 4.22 10.55
N ALA B 126 -13.78 4.16 11.71
CA ALA B 126 -13.27 4.87 12.87
C ALA B 126 -11.83 4.44 13.18
N GLY B 127 -11.55 3.15 13.09
CA GLY B 127 -10.21 2.66 13.38
C GLY B 127 -9.17 2.97 12.32
N LEU B 128 -9.60 3.23 11.07
CA LEU B 128 -8.65 3.49 10.00
C LEU B 128 -8.22 4.94 9.86
N ILE B 129 -8.87 5.86 10.55
CA ILE B 129 -8.56 7.27 10.36
C ILE B 129 -7.06 7.51 10.54
N PRO B 130 -6.41 6.92 11.55
CA PRO B 130 -4.97 7.21 11.76
C PRO B 130 -4.06 6.62 10.70
N ALA B 131 -4.52 5.65 9.90
CA ALA B 131 -3.72 5.09 8.83
C ALA B 131 -3.88 5.82 7.49
N LEU B 132 -4.71 6.85 7.41
CA LEU B 132 -4.81 7.69 6.22
C LEU B 132 -3.51 8.46 6.03
N GLU B 133 -2.74 8.09 5.01
CA GLU B 133 -1.37 8.57 4.84
C GLU B 133 -1.15 9.02 3.41
N GLY B 134 -0.37 10.08 3.24
CA GLY B 134 0.19 10.44 1.95
C GLY B 134 1.46 9.67 1.64
N SER B 135 2.15 10.14 0.61
CA SER B 135 3.38 9.51 0.12
CA SER B 135 3.38 9.51 0.14
C SER B 135 4.50 10.53 0.08
N GLN B 136 5.74 10.02 0.00
CA GLN B 136 6.92 10.82 -0.21
C GLN B 136 7.74 10.14 -1.31
N ILE B 137 8.19 10.92 -2.28
CA ILE B 137 8.88 10.43 -3.46
C ILE B 137 10.17 11.23 -3.64
N PRO B 138 11.35 10.64 -3.51
CA PRO B 138 12.60 11.38 -3.76
C PRO B 138 12.92 11.46 -5.24
N LEU B 139 13.02 12.68 -5.78
CA LEU B 139 13.38 12.85 -7.18
C LEU B 139 14.88 12.79 -7.39
N ARG B 140 15.63 13.47 -6.53
CA ARG B 140 17.07 13.61 -6.62
C ARG B 140 17.53 14.17 -5.28
N ASP B 141 18.85 14.27 -5.11
CA ASP B 141 19.37 14.75 -3.83
C ASP B 141 18.74 16.08 -3.44
N SER B 142 18.48 16.94 -4.41
CA SER B 142 18.07 18.32 -4.15
C SER B 142 16.56 18.56 -4.27
N SER B 143 15.75 17.52 -4.44
CA SER B 143 14.32 17.73 -4.61
C SER B 143 13.56 16.46 -4.24
N PHE B 144 12.39 16.64 -3.62
CA PHE B 144 11.50 15.54 -3.32
C PHE B 144 10.06 16.02 -3.42
N VAL B 145 9.15 15.05 -3.45
CA VAL B 145 7.71 15.27 -3.51
C VAL B 145 7.09 14.61 -2.30
N TYR B 146 6.10 15.26 -1.69
CA TYR B 146 5.23 14.54 -0.76
C TYR B 146 3.80 14.90 -1.08
N THR B 147 2.88 14.01 -0.69
CA THR B 147 1.46 14.20 -0.97
C THR B 147 0.68 14.25 0.33
N ARG B 148 -0.38 15.06 0.31
CA ARG B 148 -1.37 15.10 1.37
C ARG B 148 -2.68 14.54 0.84
N ARG B 149 -3.36 13.78 1.68
CA ARG B 149 -4.70 13.32 1.39
C ARG B 149 -5.64 14.23 2.17
N GLU B 150 -6.14 15.24 1.52
CA GLU B 150 -6.93 16.28 2.17
C GLU B 150 -8.41 15.98 2.06
N PRO B 151 -9.20 16.49 3.00
CA PRO B 151 -10.66 16.40 2.86
C PRO B 151 -11.14 17.12 1.60
N LEU B 152 -12.20 16.58 1.01
CA LEU B 152 -12.88 17.28 -0.08
C LEU B 152 -13.58 18.55 0.42
N GLY B 153 -14.00 18.57 1.68
CA GLY B 153 -14.75 19.69 2.21
C GLY B 153 -16.14 19.28 2.63
N VAL B 154 -17.14 19.73 1.88
CA VAL B 154 -18.53 19.36 2.12
C VAL B 154 -18.95 18.40 1.00
N VAL B 155 -19.44 17.24 1.39
CA VAL B 155 -19.91 16.23 0.45
C VAL B 155 -21.38 16.00 0.72
N ALA B 156 -22.09 15.50 -0.28
CA ALA B 156 -23.51 15.24 -0.17
C ALA B 156 -23.80 13.78 -0.42
N GLY B 157 -24.67 13.21 0.38
CA GLY B 157 -25.12 11.86 0.17
C GLY B 157 -26.61 11.85 -0.09
N ILE B 158 -27.05 11.08 -1.10
CA ILE B 158 -28.47 10.95 -1.40
C ILE B 158 -28.82 9.47 -1.24
N GLY B 159 -29.63 9.16 -0.23
CA GLY B 159 -29.93 7.78 0.07
C GLY B 159 -31.12 7.22 -0.70
N ALA B 160 -31.20 5.89 -0.72
CA ALA B 160 -32.34 5.18 -1.25
C ALA B 160 -33.19 4.65 -0.11
N TRP B 161 -34.35 4.11 -0.46
CA TRP B 161 -35.36 3.80 0.54
C TRP B 161 -35.31 2.37 1.03
N ASN B 162 -34.51 1.50 0.45
CA ASN B 162 -34.63 0.10 0.85
C ASN B 162 -33.80 -0.24 2.09
N TYR B 163 -32.67 0.42 2.30
CA TYR B 163 -31.85 0.22 3.50
C TYR B 163 -31.51 1.58 4.07
N PRO B 164 -32.50 2.30 4.63
CA PRO B 164 -32.28 3.74 4.89
C PRO B 164 -31.14 4.05 5.83
N ILE B 165 -31.10 3.44 7.02
CA ILE B 165 -30.03 3.81 7.93
C ILE B 165 -28.70 3.15 7.55
N GLN B 166 -28.71 1.95 6.97
CA GLN B 166 -27.47 1.35 6.51
C GLN B 166 -26.80 2.22 5.45
N ILE B 167 -27.59 2.72 4.49
CA ILE B 167 -27.03 3.56 3.44
C ILE B 167 -26.47 4.85 4.04
N ALA B 168 -27.21 5.46 4.96
CA ALA B 168 -26.73 6.68 5.58
C ALA B 168 -25.40 6.47 6.31
N LEU B 169 -25.23 5.33 6.97
CA LEU B 169 -23.97 5.02 7.64
C LEU B 169 -22.87 4.70 6.64
N TRP B 170 -23.17 3.92 5.59
CA TRP B 170 -22.15 3.56 4.61
C TRP B 170 -21.64 4.78 3.87
N LYS B 171 -22.48 5.80 3.69
CA LYS B 171 -22.02 7.02 3.03
C LYS B 171 -21.34 7.96 4.02
N SER B 172 -21.93 8.17 5.21
CA SER B 172 -21.38 9.16 6.11
C SER B 172 -20.11 8.68 6.82
N ALA B 173 -19.96 7.37 7.06
CA ALA B 173 -18.80 6.88 7.81
C ALA B 173 -17.48 7.17 7.11
N PRO B 174 -17.28 6.83 5.83
CA PRO B 174 -16.01 7.20 5.20
C PRO B 174 -15.89 8.70 4.97
N ALA B 175 -17.00 9.39 4.70
CA ALA B 175 -16.92 10.84 4.49
C ALA B 175 -16.44 11.54 5.76
N LEU B 176 -17.04 11.22 6.90
CA LEU B 176 -16.62 11.81 8.16
C LEU B 176 -15.22 11.36 8.56
N ALA B 177 -14.93 10.08 8.39
CA ALA B 177 -13.61 9.57 8.76
C ALA B 177 -12.49 10.20 7.94
N ALA B 178 -12.78 10.59 6.69
CA ALA B 178 -11.81 11.29 5.86
C ALA B 178 -11.70 12.78 6.18
N GLY B 179 -12.46 13.27 7.15
CA GLY B 179 -12.41 14.65 7.56
C GLY B 179 -13.42 15.58 6.91
N ASN B 180 -14.39 15.07 6.18
CA ASN B 180 -15.40 15.93 5.57
C ASN B 180 -16.60 16.11 6.46
N ALA B 181 -17.43 17.06 6.09
CA ALA B 181 -18.80 17.15 6.55
C ALA B 181 -19.71 16.63 5.44
N MET B 182 -20.78 15.95 5.83
CA MET B 182 -21.76 15.43 4.88
C MET B 182 -23.12 16.04 5.16
N ILE B 183 -23.75 16.55 4.11
CA ILE B 183 -25.18 16.83 4.08
C ILE B 183 -25.86 15.61 3.46
N PHE B 184 -26.77 14.98 4.20
CA PHE B 184 -27.43 13.76 3.75
C PHE B 184 -28.91 14.04 3.46
N LYS B 185 -29.36 13.58 2.30
CA LYS B 185 -30.79 13.69 1.91
C LYS B 185 -31.38 12.28 1.85
N PRO B 186 -32.18 11.89 2.85
CA PRO B 186 -32.84 10.59 2.82
C PRO B 186 -33.92 10.53 1.74
N SER B 187 -34.31 9.32 1.36
CA SER B 187 -35.42 9.15 0.39
C SER B 187 -36.73 9.68 0.99
N GLU B 188 -37.53 10.37 0.18
CA GLU B 188 -38.85 10.87 0.61
C GLU B 188 -39.72 9.72 1.15
N VAL B 189 -39.48 8.51 0.67
CA VAL B 189 -40.23 7.35 1.15
C VAL B 189 -39.88 7.00 2.59
N THR B 190 -38.62 7.21 3.00
CA THR B 190 -38.10 6.66 4.26
C THR B 190 -37.17 7.66 4.95
N PRO B 191 -37.70 8.80 5.42
CA PRO B 191 -36.85 9.83 6.01
C PRO B 191 -36.53 9.70 7.50
N LEU B 192 -37.18 8.81 8.25
CA LEU B 192 -37.19 8.93 9.69
C LEU B 192 -35.88 8.49 10.36
N THR B 193 -35.27 7.38 9.94
CA THR B 193 -34.09 6.94 10.68
C THR B 193 -32.88 7.85 10.45
N ALA B 194 -32.80 8.51 9.28
CA ALA B 194 -31.68 9.42 9.04
C ALA B 194 -31.66 10.56 10.06
N LEU B 195 -32.84 11.03 10.46
CA LEU B 195 -32.91 12.10 11.45
C LEU B 195 -32.48 11.63 12.83
N LYS B 196 -32.77 10.36 13.15
CA LYS B 196 -32.28 9.80 14.41
C LYS B 196 -30.77 9.69 14.41
N LEU B 197 -30.19 9.30 13.27
CA LEU B 197 -28.73 9.17 13.18
C LEU B 197 -28.06 10.51 13.43
N ALA B 198 -28.65 11.60 12.93
CA ALA B 198 -28.08 12.92 13.17
C ALA B 198 -28.02 13.21 14.67
N GLU B 199 -29.07 12.89 15.41
CA GLU B 199 -29.06 13.08 16.85
C GLU B 199 -28.01 12.20 17.51
N ILE B 200 -27.83 10.98 17.01
CA ILE B 200 -26.85 10.08 17.61
C ILE B 200 -25.44 10.61 17.41
N TYR B 201 -25.13 11.09 16.21
CA TYR B 201 -23.79 11.65 15.98
C TYR B 201 -23.52 12.82 16.93
N ARG B 202 -24.51 13.71 17.14
CA ARG B 202 -24.25 14.84 18.02
C ARG B 202 -24.01 14.38 19.45
N GLU B 203 -24.81 13.41 19.92
CA GLU B 203 -24.65 12.86 21.26
C GLU B 203 -23.28 12.19 21.44
N ALA B 204 -22.70 11.68 20.34
CA ALA B 204 -21.36 11.15 20.42
C ALA B 204 -20.28 12.22 20.43
N GLY B 205 -20.61 13.47 20.12
CA GLY B 205 -19.64 14.55 20.08
C GLY B 205 -19.28 15.07 18.71
N LEU B 206 -19.99 14.65 17.67
CA LEU B 206 -19.67 15.18 16.36
C LEU B 206 -19.87 16.70 16.39
N PRO B 207 -18.91 17.49 15.92
CA PRO B 207 -19.13 18.94 15.90
C PRO B 207 -20.36 19.31 15.07
N ASP B 208 -21.01 20.38 15.51
CA ASP B 208 -22.20 20.85 14.85
C ASP B 208 -21.91 21.25 13.40
N GLY B 209 -22.79 20.83 12.50
CA GLY B 209 -22.62 21.07 11.09
C GLY B 209 -21.93 19.96 10.34
N VAL B 210 -21.34 18.99 11.03
CA VAL B 210 -20.58 17.96 10.32
C VAL B 210 -21.50 16.93 9.68
N PHE B 211 -22.66 16.64 10.27
CA PHE B 211 -23.65 15.78 9.64
C PHE B 211 -25.01 16.46 9.74
N ASN B 212 -25.48 16.99 8.62
CA ASN B 212 -26.75 17.66 8.49
C ASN B 212 -27.68 16.79 7.65
N VAL B 213 -28.97 16.81 7.97
CA VAL B 213 -29.94 15.95 7.30
C VAL B 213 -31.07 16.82 6.76
N LEU B 214 -31.36 16.68 5.46
CA LEU B 214 -32.35 17.48 4.74
C LEU B 214 -33.37 16.56 4.09
N PRO B 215 -34.47 16.23 4.76
CA PRO B 215 -35.55 15.55 4.07
C PRO B 215 -36.08 16.43 2.95
N GLY B 216 -36.61 15.78 1.93
CA GLY B 216 -37.17 16.50 0.78
C GLY B 216 -37.41 15.58 -0.40
N ILE B 217 -37.76 16.16 -1.55
CA ILE B 217 -38.07 15.38 -2.78
C ILE B 217 -36.84 15.44 -3.70
N GLY B 218 -36.69 14.44 -4.55
CA GLY B 218 -35.53 14.37 -5.45
C GLY B 218 -35.50 15.56 -6.37
N ALA B 219 -36.65 15.91 -6.91
CA ALA B 219 -36.69 16.99 -7.87
C ALA B 219 -36.36 18.34 -7.28
N GLU B 220 -36.45 18.51 -5.95
CA GLU B 220 -36.14 19.79 -5.34
C GLU B 220 -34.91 19.69 -4.44
N THR B 221 -35.00 19.02 -3.29
CA THR B 221 -33.87 19.01 -2.36
C THR B 221 -32.68 18.29 -2.98
N GLY B 222 -32.90 17.14 -3.59
CA GLY B 222 -31.80 16.43 -4.21
C GLY B 222 -31.12 17.26 -5.28
N GLN B 223 -31.91 17.89 -6.16
CA GLN B 223 -31.32 18.69 -7.23
C GLN B 223 -30.57 19.89 -6.68
N TYR B 224 -31.08 20.53 -5.62
CA TYR B 224 -30.38 21.68 -5.08
C TYR B 224 -28.99 21.28 -4.57
N LEU B 225 -28.89 20.09 -3.95
CA LEU B 225 -27.60 19.62 -3.47
C LEU B 225 -26.65 19.33 -4.63
N THR B 226 -27.13 18.65 -5.66
CA THR B 226 -26.28 18.30 -6.79
C THR B 226 -25.84 19.52 -7.57
N GLU B 227 -26.53 20.63 -7.42
CA GLU B 227 -26.24 21.85 -8.15
C GLU B 227 -25.40 22.84 -7.34
N HIS B 228 -25.30 22.66 -6.03
CA HIS B 228 -24.64 23.67 -5.16
C HIS B 228 -23.17 23.83 -5.49
N PRO B 229 -22.70 25.08 -5.71
CA PRO B 229 -21.29 25.29 -6.09
C PRO B 229 -20.29 24.89 -5.01
N ASP B 230 -20.67 24.86 -3.73
CA ASP B 230 -19.73 24.62 -2.64
C ASP B 230 -19.77 23.20 -2.10
N ILE B 231 -20.38 22.28 -2.82
CA ILE B 231 -20.36 20.86 -2.49
C ILE B 231 -19.36 20.19 -3.42
N ALA B 232 -18.44 19.42 -2.84
CA ALA B 232 -17.30 18.91 -3.60
C ALA B 232 -17.52 17.52 -4.17
N LYS B 233 -18.47 16.76 -3.64
CA LYS B 233 -18.66 15.39 -4.07
C LYS B 233 -20.10 14.99 -3.80
N ILE B 234 -20.67 14.18 -4.69
CA ILE B 234 -22.02 13.64 -4.51
C ILE B 234 -21.90 12.12 -4.46
N SER B 235 -22.54 11.51 -3.48
CA SER B 235 -22.64 10.06 -3.44
C SER B 235 -24.10 9.67 -3.47
N PHE B 236 -24.48 8.88 -4.48
CA PHE B 236 -25.88 8.61 -4.78
C PHE B 236 -26.15 7.11 -4.85
N THR B 237 -27.21 6.67 -4.21
CA THR B 237 -27.68 5.30 -4.31
C THR B 237 -29.13 5.38 -4.78
N GLY B 238 -29.47 4.60 -5.79
CA GLY B 238 -30.79 4.68 -6.38
C GLY B 238 -30.85 3.88 -7.67
N GLY B 239 -31.90 4.14 -8.46
CA GLY B 239 -32.08 3.41 -9.70
C GLY B 239 -31.21 3.93 -10.82
N VAL B 240 -31.00 3.09 -11.83
CA VAL B 240 -30.11 3.45 -12.93
C VAL B 240 -30.58 4.73 -13.61
N ALA B 241 -31.90 4.87 -13.84
CA ALA B 241 -32.43 6.05 -14.52
C ALA B 241 -32.16 7.31 -13.72
N SER B 242 -32.44 7.28 -12.42
CA SER B 242 -32.18 8.43 -11.56
C SER B 242 -30.70 8.79 -11.51
N GLY B 243 -29.83 7.78 -11.54
CA GLY B 243 -28.41 8.04 -11.53
C GLY B 243 -27.96 8.94 -12.67
N LYS B 244 -28.46 8.67 -13.88
CA LYS B 244 -28.05 9.47 -15.05
C LYS B 244 -28.40 10.94 -14.88
N LYS B 245 -29.59 11.26 -14.36
CA LYS B 245 -29.94 12.65 -14.11
C LYS B 245 -29.04 13.25 -13.03
N VAL B 246 -28.80 12.52 -11.94
CA VAL B 246 -27.96 13.03 -10.87
C VAL B 246 -26.55 13.29 -11.39
N MET B 247 -26.02 12.34 -12.14
CA MET B 247 -24.66 12.45 -12.63
C MET B 247 -24.50 13.64 -13.57
N ALA B 248 -25.56 13.96 -14.34
CA ALA B 248 -25.49 15.04 -15.30
C ALA B 248 -25.47 16.42 -14.64
N ASN B 249 -26.38 16.66 -13.68
CA ASN B 249 -26.42 17.98 -13.03
C ASN B 249 -25.16 18.24 -12.23
N SER B 250 -24.53 17.19 -11.70
CA SER B 250 -23.30 17.35 -10.92
C SER B 250 -22.13 17.80 -11.78
N ALA B 251 -22.28 17.84 -13.09
CA ALA B 251 -21.30 18.43 -14.00
C ALA B 251 -21.74 19.75 -14.57
N ALA B 252 -22.99 19.86 -14.99
CA ALA B 252 -23.49 21.07 -15.62
C ALA B 252 -23.40 22.28 -14.69
N SER B 253 -23.36 22.06 -13.38
CA SER B 253 -23.31 23.14 -12.40
C SER B 253 -21.89 23.43 -11.93
N SER B 254 -21.26 22.44 -11.31
CA SER B 254 -19.91 22.55 -10.77
C SER B 254 -19.35 21.15 -10.76
N LEU B 255 -18.05 21.02 -11.00
CA LEU B 255 -17.46 19.75 -11.42
C LEU B 255 -17.19 18.86 -10.22
N LYS B 256 -18.24 18.17 -9.77
CA LYS B 256 -18.19 17.36 -8.56
C LYS B 256 -17.65 15.97 -8.82
N GLU B 257 -16.88 15.45 -7.86
CA GLU B 257 -16.61 14.03 -7.83
C GLU B 257 -17.94 13.30 -7.62
N VAL B 258 -18.02 12.07 -8.10
CA VAL B 258 -19.26 11.32 -8.05
C VAL B 258 -18.98 9.87 -7.69
N THR B 259 -19.85 9.33 -6.84
CA THR B 259 -19.98 7.90 -6.58
C THR B 259 -21.45 7.54 -6.81
N MET B 260 -21.70 6.44 -7.49
CA MET B 260 -23.06 5.99 -7.75
C MET B 260 -23.17 4.49 -7.54
N GLU B 261 -24.15 4.08 -6.74
CA GLU B 261 -24.49 2.67 -6.54
C GLU B 261 -25.89 2.49 -7.09
N LEU B 262 -25.99 1.82 -8.23
CA LEU B 262 -27.28 1.72 -8.91
C LEU B 262 -27.72 0.26 -8.96
N GLY B 263 -28.77 -0.01 -9.73
CA GLY B 263 -29.35 -1.33 -9.72
C GLY B 263 -28.49 -2.33 -10.47
N GLY B 264 -28.98 -3.56 -10.49
CA GLY B 264 -28.38 -4.62 -11.25
C GLY B 264 -29.43 -5.60 -11.74
N LYS B 265 -28.97 -6.55 -12.56
CA LYS B 265 -29.72 -7.75 -12.87
C LYS B 265 -28.71 -8.90 -12.75
N SER B 266 -28.45 -9.29 -11.53
CA SER B 266 -27.24 -10.05 -11.29
C SER B 266 -27.49 -11.53 -11.55
N PRO B 267 -26.54 -12.23 -12.16
CA PRO B 267 -26.75 -13.66 -12.44
C PRO B 267 -26.27 -14.52 -11.29
N LEU B 268 -27.04 -15.58 -11.01
CA LEU B 268 -26.64 -16.68 -10.15
C LEU B 268 -26.48 -17.93 -11.01
N ILE B 269 -25.24 -18.43 -11.10
CA ILE B 269 -24.90 -19.54 -11.98
C ILE B 269 -24.77 -20.80 -11.13
N ILE B 270 -25.66 -21.74 -11.36
CA ILE B 270 -25.62 -23.05 -10.71
C ILE B 270 -24.88 -23.99 -11.65
N ALA B 271 -23.78 -24.57 -11.17
CA ALA B 271 -22.98 -25.48 -11.98
C ALA B 271 -23.56 -26.89 -11.97
N GLU B 272 -23.11 -27.70 -12.94
CA GLU B 272 -23.60 -29.06 -13.10
C GLU B 272 -23.24 -29.97 -11.93
N ASP B 273 -22.24 -29.62 -11.12
CA ASP B 273 -21.87 -30.44 -9.98
C ASP B 273 -22.36 -29.88 -8.65
N ALA B 274 -23.25 -28.89 -8.69
CA ALA B 274 -23.72 -28.27 -7.45
C ALA B 274 -24.74 -29.14 -6.73
N ASN B 275 -24.68 -29.11 -5.40
CA ASN B 275 -25.76 -29.66 -4.60
C ASN B 275 -27.00 -28.77 -4.76
N LEU B 276 -28.13 -29.38 -5.15
CA LEU B 276 -29.29 -28.58 -5.55
C LEU B 276 -30.03 -27.97 -4.36
N ASP B 277 -29.90 -28.55 -3.17
CA ASP B 277 -30.46 -27.93 -1.98
C ASP B 277 -29.71 -26.65 -1.61
N LEU B 278 -28.37 -26.67 -1.70
CA LEU B 278 -27.59 -25.45 -1.50
C LEU B 278 -27.93 -24.41 -2.55
N ALA B 279 -27.94 -24.83 -3.82
CA ALA B 279 -28.29 -23.90 -4.89
C ALA B 279 -29.66 -23.28 -4.62
N ALA B 280 -30.64 -24.08 -4.22
CA ALA B 280 -31.97 -23.55 -3.94
C ALA B 280 -31.95 -22.58 -2.77
N ASP B 281 -31.19 -22.90 -1.72
CA ASP B 281 -31.14 -22.01 -0.55
C ASP B 281 -30.51 -20.67 -0.92
N ILE B 282 -29.42 -20.72 -1.70
CA ILE B 282 -28.77 -19.49 -2.15
C ILE B 282 -29.72 -18.68 -3.04
N ALA B 283 -30.40 -19.35 -3.96
CA ALA B 283 -31.32 -18.64 -4.86
C ALA B 283 -32.43 -17.98 -4.07
N MET B 284 -32.96 -18.65 -3.04
CA MET B 284 -33.99 -18.02 -2.20
C MET B 284 -33.45 -16.75 -1.56
N MET B 285 -32.26 -16.83 -0.93
CA MET B 285 -31.73 -15.66 -0.27
C MET B 285 -31.37 -14.57 -1.26
N ALA B 286 -31.04 -14.94 -2.48
CA ALA B 286 -30.67 -13.99 -3.51
C ALA B 286 -31.87 -13.32 -4.15
N ASN B 287 -33.09 -13.71 -3.79
CA ASN B 287 -34.27 -13.19 -4.47
C ASN B 287 -35.34 -12.62 -3.56
N PHE B 288 -35.54 -13.20 -2.38
CA PHE B 288 -36.70 -12.86 -1.56
C PHE B 288 -36.37 -12.19 -0.23
N TYR B 289 -35.09 -11.93 0.05
CA TYR B 289 -34.79 -11.11 1.20
C TYR B 289 -35.29 -9.69 0.96
N SER B 290 -35.79 -9.05 2.03
CA SER B 290 -36.33 -7.68 1.96
C SER B 290 -37.40 -7.58 0.86
N SER B 291 -38.12 -8.67 0.62
CA SER B 291 -39.17 -8.72 -0.39
C SER B 291 -38.65 -8.44 -1.78
N GLY B 292 -37.41 -8.84 -2.04
CA GLY B 292 -36.83 -8.64 -3.36
C GLY B 292 -36.33 -7.24 -3.63
N GLN B 293 -36.31 -6.36 -2.63
CA GLN B 293 -35.96 -4.96 -2.83
C GLN B 293 -34.49 -4.73 -2.45
N VAL B 294 -33.61 -5.36 -3.22
CA VAL B 294 -32.18 -5.30 -2.97
C VAL B 294 -31.47 -5.17 -4.31
N CYS B 295 -30.54 -4.21 -4.42
CA CYS B 295 -29.88 -3.97 -5.71
C CYS B 295 -29.03 -5.15 -6.15
N THR B 296 -28.50 -5.92 -5.20
CA THR B 296 -27.58 -7.01 -5.52
C THR B 296 -28.27 -8.33 -5.78
N ASN B 297 -29.60 -8.39 -5.84
CA ASN B 297 -30.28 -9.68 -5.90
C ASN B 297 -29.93 -10.46 -7.16
N GLY B 298 -29.86 -11.79 -7.01
CA GLY B 298 -29.55 -12.73 -8.07
C GLY B 298 -30.80 -13.18 -8.78
N THR B 299 -31.37 -12.25 -9.53
CA THR B 299 -32.70 -12.40 -10.12
C THR B 299 -32.70 -13.15 -11.46
N ARG B 300 -31.54 -13.42 -12.04
CA ARG B 300 -31.42 -14.33 -13.18
C ARG B 300 -30.69 -15.57 -12.67
N VAL B 301 -31.44 -16.65 -12.44
CA VAL B 301 -30.88 -17.88 -11.92
C VAL B 301 -30.70 -18.84 -13.09
N PHE B 302 -29.43 -19.09 -13.42
CA PHE B 302 -29.06 -19.97 -14.51
C PHE B 302 -28.86 -21.38 -13.98
N VAL B 303 -29.61 -22.33 -14.51
CA VAL B 303 -29.61 -23.71 -14.02
C VAL B 303 -29.33 -24.63 -15.20
N PRO B 304 -28.51 -25.68 -15.06
CA PRO B 304 -28.32 -26.62 -16.17
C PRO B 304 -29.64 -27.27 -16.58
N ALA B 305 -29.80 -27.49 -17.88
CA ALA B 305 -31.03 -28.07 -18.39
C ALA B 305 -31.36 -29.37 -17.67
N LYS B 306 -30.36 -30.20 -17.41
CA LYS B 306 -30.61 -31.52 -16.85
C LYS B 306 -31.08 -31.47 -15.39
N PHE B 307 -30.89 -30.35 -14.70
CA PHE B 307 -31.29 -30.18 -13.31
C PHE B 307 -32.47 -29.25 -13.16
N LYS B 308 -32.95 -28.63 -14.23
CA LYS B 308 -33.91 -27.56 -14.08
C LYS B 308 -35.18 -28.04 -13.39
N ALA B 309 -35.74 -29.16 -13.85
CA ALA B 309 -37.02 -29.59 -13.27
C ALA B 309 -36.86 -29.86 -11.78
N GLU B 310 -35.75 -30.49 -11.38
CA GLU B 310 -35.55 -30.76 -9.97
C GLU B 310 -35.30 -29.49 -9.18
N PHE B 311 -34.58 -28.52 -9.77
CA PHE B 311 -34.35 -27.27 -9.09
C PHE B 311 -35.68 -26.53 -8.86
N GLU B 312 -36.55 -26.49 -9.86
CA GLU B 312 -37.83 -25.82 -9.70
C GLU B 312 -38.62 -26.41 -8.54
N HIS B 313 -38.60 -27.74 -8.41
CA HIS B 313 -39.29 -28.40 -7.32
C HIS B 313 -38.75 -27.95 -5.95
N LYS B 314 -37.44 -27.83 -5.83
CA LYS B 314 -36.85 -27.37 -4.58
C LYS B 314 -37.17 -25.90 -4.30
N ILE B 315 -37.21 -25.06 -5.32
CA ILE B 315 -37.58 -23.66 -5.13
C ILE B 315 -39.01 -23.54 -4.62
N LEU B 316 -39.93 -24.31 -5.20
CA LEU B 316 -41.34 -24.20 -4.82
C LEU B 316 -41.56 -24.66 -3.38
N GLU B 317 -40.91 -25.76 -2.99
CA GLU B 317 -40.98 -26.21 -1.60
C GLU B 317 -40.51 -25.11 -0.64
N ARG B 318 -39.43 -24.41 -0.99
CA ARG B 318 -38.94 -23.34 -0.11
C ARG B 318 -39.84 -22.11 -0.18
N VAL B 319 -40.34 -21.75 -1.37
CA VAL B 319 -41.25 -20.62 -1.45
C VAL B 319 -42.48 -20.86 -0.57
N GLY B 320 -42.89 -22.12 -0.44
CA GLY B 320 -44.05 -22.43 0.38
C GLY B 320 -43.82 -22.26 1.86
N ARG B 321 -42.56 -22.22 2.29
CA ARG B 321 -42.22 -21.93 3.68
C ARG B 321 -42.23 -20.42 3.99
N ILE B 322 -42.27 -19.56 2.98
CA ILE B 322 -42.16 -18.12 3.23
C ILE B 322 -43.33 -17.67 4.09
N ARG B 323 -43.03 -16.92 5.15
CA ARG B 323 -44.00 -16.53 6.16
C ARG B 323 -44.18 -15.02 6.14
N ALA B 324 -45.22 -14.56 5.46
CA ALA B 324 -45.68 -13.19 5.55
C ALA B 324 -46.61 -13.02 6.76
N GLY B 325 -46.64 -11.82 7.31
CA GLY B 325 -47.51 -11.53 8.44
C GLY B 325 -47.06 -10.28 9.19
N ASP B 326 -47.46 -10.23 10.45
CA ASP B 326 -47.09 -9.15 11.36
C ASP B 326 -45.59 -8.94 11.33
N LEU B 327 -45.17 -7.74 10.95
CA LEU B 327 -43.75 -7.46 10.74
C LEU B 327 -42.95 -7.46 12.03
N PHE B 328 -43.61 -7.47 13.19
CA PHE B 328 -42.92 -7.53 14.48
C PHE B 328 -42.88 -8.93 15.06
N ALA B 329 -43.56 -9.89 14.44
CA ALA B 329 -43.52 -11.28 14.91
C ALA B 329 -42.19 -11.94 14.56
N ASP B 330 -41.66 -12.72 15.51
CA ASP B 330 -40.34 -13.30 15.36
C ASP B 330 -40.20 -14.13 14.09
N ASP B 331 -41.27 -14.83 13.70
CA ASP B 331 -41.16 -15.76 12.58
C ASP B 331 -41.58 -15.16 11.24
N THR B 332 -42.01 -13.91 11.19
CA THR B 332 -42.26 -13.27 9.90
C THR B 332 -40.93 -13.01 9.19
N ASN B 333 -40.82 -13.47 7.94
CA ASN B 333 -39.58 -13.29 7.19
C ASN B 333 -39.86 -12.70 5.80
N PHE B 334 -41.05 -12.16 5.60
CA PHE B 334 -41.43 -11.57 4.32
C PHE B 334 -42.35 -10.40 4.60
N GLY B 335 -42.08 -9.27 3.94
CA GLY B 335 -42.80 -8.04 4.18
C GLY B 335 -43.45 -7.49 2.92
N PRO B 336 -44.27 -6.45 3.08
CA PRO B 336 -44.82 -5.77 1.90
C PRO B 336 -43.74 -4.95 1.19
N LEU B 337 -44.06 -4.53 -0.03
CA LEU B 337 -43.18 -3.60 -0.70
C LEU B 337 -43.31 -2.22 -0.06
N VAL B 338 -42.31 -1.38 -0.34
CA VAL B 338 -42.12 -0.13 0.38
C VAL B 338 -43.27 0.84 0.18
N SER B 339 -43.99 0.74 -0.95
CA SER B 339 -45.03 1.71 -1.25
C SER B 339 -45.96 1.11 -2.30
N PHE B 340 -47.14 1.73 -2.45
CA PHE B 340 -48.14 1.25 -3.39
C PHE B 340 -47.78 1.60 -4.83
N PRO B 341 -47.23 2.80 -5.12
CA PRO B 341 -46.73 3.03 -6.48
C PRO B 341 -45.64 2.05 -6.89
N HIS B 342 -44.77 1.66 -5.97
CA HIS B 342 -43.76 0.67 -6.33
C HIS B 342 -44.42 -0.68 -6.62
N ARG B 343 -45.42 -1.06 -5.84
CA ARG B 343 -46.09 -2.33 -6.12
C ARG B 343 -46.69 -2.32 -7.52
N GLN B 344 -47.27 -1.19 -7.95
CA GLN B 344 -47.85 -1.12 -9.29
C GLN B 344 -46.78 -1.39 -10.34
N ASN B 345 -45.59 -0.82 -10.18
CA ASN B 345 -44.52 -1.11 -11.13
C ASN B 345 -44.16 -2.60 -11.13
N VAL B 346 -44.07 -3.21 -9.95
CA VAL B 346 -43.70 -4.62 -9.89
C VAL B 346 -44.77 -5.47 -10.55
N LEU B 347 -46.05 -5.14 -10.34
CA LEU B 347 -47.14 -5.85 -11.00
C LEU B 347 -47.12 -5.66 -12.51
N ARG B 348 -46.73 -4.48 -13.00
CA ARG B 348 -46.57 -4.32 -14.45
C ARG B 348 -45.53 -5.29 -15.01
N TYR B 349 -44.39 -5.44 -14.33
CA TYR B 349 -43.40 -6.41 -14.80
C TYR B 349 -43.92 -7.84 -14.73
N ILE B 350 -44.64 -8.20 -13.66
CA ILE B 350 -45.14 -9.57 -13.56
C ILE B 350 -46.10 -9.85 -14.72
N GLU B 351 -46.91 -8.85 -15.08
CA GLU B 351 -47.85 -9.03 -16.18
C GLU B 351 -47.13 -9.15 -17.52
N SER B 352 -46.03 -8.42 -17.71
CA SER B 352 -45.25 -8.59 -18.94
C SER B 352 -44.65 -9.99 -19.02
N GLY B 353 -44.24 -10.57 -17.89
CA GLY B 353 -43.73 -11.92 -17.92
C GLY B 353 -44.77 -12.92 -18.42
N LYS B 354 -46.01 -12.78 -17.94
CA LYS B 354 -47.09 -13.65 -18.39
C LYS B 354 -47.35 -13.45 -19.89
N SER B 355 -47.40 -12.21 -20.34
CA SER B 355 -47.82 -11.97 -21.72
C SER B 355 -46.72 -12.32 -22.71
N GLU B 356 -45.47 -12.27 -22.29
CA GLU B 356 -44.35 -12.64 -23.14
C GLU B 356 -44.07 -14.15 -23.13
N GLY B 357 -44.88 -14.94 -22.44
CA GLY B 357 -44.77 -16.39 -22.55
C GLY B 357 -43.87 -17.06 -21.54
N ALA B 358 -43.44 -16.35 -20.50
CA ALA B 358 -42.75 -17.03 -19.40
C ALA B 358 -43.75 -17.80 -18.56
N ARG B 359 -43.30 -18.93 -18.00
CA ARG B 359 -44.20 -19.81 -17.26
C ARG B 359 -44.20 -19.39 -15.80
N LEU B 360 -45.35 -18.96 -15.31
CA LEU B 360 -45.48 -18.61 -13.90
C LEU B 360 -45.56 -19.89 -13.08
N LEU B 361 -44.64 -20.04 -12.14
CA LEU B 361 -44.63 -21.20 -11.26
C LEU B 361 -45.29 -20.95 -9.92
N CYS B 362 -45.29 -19.72 -9.44
CA CYS B 362 -45.96 -19.40 -8.19
C CYS B 362 -46.05 -17.89 -8.09
N GLY B 363 -46.95 -17.44 -7.21
CA GLY B 363 -47.06 -16.03 -6.94
C GLY B 363 -47.72 -15.33 -8.10
N GLY B 364 -47.22 -14.14 -8.41
CA GLY B 364 -47.71 -13.34 -9.51
C GLY B 364 -48.88 -12.43 -9.19
N ASP B 365 -49.28 -12.32 -7.93
CA ASP B 365 -50.42 -11.49 -7.56
C ASP B 365 -50.16 -10.84 -6.20
N VAL B 366 -50.99 -9.84 -5.89
CA VAL B 366 -50.99 -9.28 -4.55
C VAL B 366 -51.47 -10.33 -3.55
N LEU B 367 -51.11 -10.11 -2.29
CA LEU B 367 -51.66 -10.89 -1.18
C LEU B 367 -52.95 -10.24 -0.69
N LYS B 368 -53.87 -11.07 -0.22
CA LYS B 368 -55.23 -10.63 0.13
C LYS B 368 -55.64 -11.20 1.48
N GLY B 369 -56.60 -10.55 2.10
CA GLY B 369 -57.17 -10.99 3.35
C GLY B 369 -56.91 -10.01 4.48
N GLU B 370 -57.47 -10.34 5.64
CA GLU B 370 -57.25 -9.52 6.82
C GLU B 370 -55.75 -9.43 7.07
N GLY B 371 -55.27 -8.21 7.27
CA GLY B 371 -53.87 -7.95 7.52
C GLY B 371 -53.06 -7.60 6.29
N PHE B 372 -53.55 -7.95 5.10
CA PHE B 372 -52.84 -7.70 3.85
C PHE B 372 -53.49 -6.66 2.97
N ASP B 373 -54.82 -6.51 3.04
CA ASP B 373 -55.51 -5.62 2.12
C ASP B 373 -55.00 -4.19 2.20
N ASN B 374 -54.57 -3.75 3.37
CA ASN B 374 -54.08 -2.39 3.51
C ASN B 374 -52.57 -2.27 3.33
N GLY B 375 -51.87 -3.38 3.09
CA GLY B 375 -50.44 -3.34 2.83
C GLY B 375 -50.12 -3.47 1.34
N ALA B 376 -48.91 -3.06 0.97
CA ALA B 376 -48.49 -3.07 -0.42
C ALA B 376 -47.84 -4.42 -0.78
N TRP B 377 -48.59 -5.49 -0.54
CA TRP B 377 -48.02 -6.84 -0.58
C TRP B 377 -48.06 -7.42 -2.00
N VAL B 378 -47.01 -8.13 -2.35
CA VAL B 378 -46.91 -8.93 -3.57
C VAL B 378 -46.42 -10.32 -3.16
N ALA B 379 -47.10 -11.35 -3.68
CA ALA B 379 -46.69 -12.72 -3.39
C ALA B 379 -45.31 -13.02 -3.96
N PRO B 380 -44.52 -13.85 -3.29
CA PRO B 380 -43.25 -14.29 -3.88
C PRO B 380 -43.49 -15.01 -5.21
N THR B 381 -42.82 -14.53 -6.26
CA THR B 381 -43.12 -14.92 -7.64
C THR B 381 -41.89 -15.56 -8.28
N VAL B 382 -42.11 -16.68 -8.97
CA VAL B 382 -41.05 -17.36 -9.72
C VAL B 382 -41.55 -17.62 -11.14
N PHE B 383 -40.76 -17.21 -12.12
CA PHE B 383 -40.99 -17.58 -13.51
C PHE B 383 -39.92 -18.57 -13.95
N THR B 384 -40.29 -19.51 -14.81
CA THR B 384 -39.30 -20.36 -15.45
C THR B 384 -39.54 -20.37 -16.95
N ASP B 385 -38.69 -21.10 -17.66
CA ASP B 385 -38.70 -21.10 -19.12
C ASP B 385 -38.47 -19.70 -19.67
N CYS B 386 -37.63 -18.93 -18.99
CA CYS B 386 -37.34 -17.57 -19.41
C CYS B 386 -36.25 -17.55 -20.48
N THR B 387 -36.32 -16.55 -21.35
CA THR B 387 -35.33 -16.35 -22.40
C THR B 387 -34.76 -14.94 -22.30
N ASP B 388 -33.58 -14.76 -22.89
CA ASP B 388 -32.79 -13.56 -22.62
C ASP B 388 -33.42 -12.29 -23.17
N ASP B 389 -34.40 -12.41 -24.08
CA ASP B 389 -35.07 -11.26 -24.67
C ASP B 389 -36.26 -10.75 -23.86
N MET B 390 -36.70 -11.48 -22.85
CA MET B 390 -37.89 -11.10 -22.09
C MET B 390 -37.62 -9.88 -21.20
N THR B 391 -38.67 -9.09 -20.98
CA THR B 391 -38.52 -7.86 -20.21
C THR B 391 -38.16 -8.16 -18.76
N ILE B 392 -38.74 -9.21 -18.19
CA ILE B 392 -38.44 -9.54 -16.79
C ILE B 392 -37.01 -10.07 -16.62
N VAL B 393 -36.37 -10.50 -17.70
CA VAL B 393 -35.00 -10.96 -17.64
C VAL B 393 -34.04 -9.80 -17.87
N ARG B 394 -34.44 -8.83 -18.68
CA ARG B 394 -33.54 -7.75 -19.08
C ARG B 394 -33.55 -6.57 -18.12
N GLU B 395 -34.63 -6.34 -17.39
CA GLU B 395 -34.78 -5.12 -16.61
C GLU B 395 -34.89 -5.45 -15.13
N GLU B 396 -34.40 -4.54 -14.31
CA GLU B 396 -34.47 -4.68 -12.87
C GLU B 396 -35.88 -4.39 -12.40
N ILE B 397 -36.42 -5.27 -11.55
CA ILE B 397 -37.79 -5.16 -11.09
C ILE B 397 -37.87 -4.61 -9.66
N PHE B 398 -36.90 -4.95 -8.82
CA PHE B 398 -36.87 -4.52 -7.43
C PHE B 398 -38.09 -5.01 -6.65
N GLY B 399 -38.55 -6.20 -7.02
CA GLY B 399 -39.56 -6.87 -6.26
C GLY B 399 -39.20 -8.34 -6.16
N PRO B 400 -40.06 -9.11 -5.51
CA PRO B 400 -39.81 -10.54 -5.28
C PRO B 400 -40.18 -11.40 -6.49
N VAL B 401 -39.31 -11.39 -7.50
CA VAL B 401 -39.56 -12.02 -8.80
C VAL B 401 -38.27 -12.67 -9.28
N MET B 402 -38.22 -14.00 -9.22
CA MET B 402 -37.08 -14.80 -9.68
C MET B 402 -37.37 -15.28 -11.10
N SER B 403 -36.35 -15.23 -11.95
CA SER B 403 -36.38 -15.78 -13.30
C SER B 403 -35.40 -16.94 -13.40
N ILE B 404 -35.89 -18.12 -13.75
CA ILE B 404 -35.05 -19.30 -13.91
C ILE B 404 -34.78 -19.53 -15.39
N LEU B 405 -33.50 -19.57 -15.76
CA LEU B 405 -33.07 -19.73 -17.14
C LEU B 405 -32.25 -21.00 -17.27
N SER B 406 -32.62 -21.85 -18.21
CA SER B 406 -31.87 -23.07 -18.47
CA SER B 406 -31.84 -23.06 -18.43
C SER B 406 -30.64 -22.77 -19.34
N TYR B 407 -29.59 -23.58 -19.19
CA TYR B 407 -28.41 -23.46 -20.04
C TYR B 407 -27.76 -24.82 -20.23
N ASP B 408 -26.91 -24.91 -21.25
CA ASP B 408 -26.31 -26.18 -21.66
C ASP B 408 -24.81 -26.29 -21.42
N ASP B 409 -24.03 -25.22 -21.48
CA ASP B 409 -22.60 -25.35 -21.23
C ASP B 409 -22.02 -24.05 -20.65
N GLU B 410 -20.79 -24.19 -20.13
CA GLU B 410 -20.17 -23.14 -19.34
C GLU B 410 -19.89 -21.87 -20.16
N ALA B 411 -19.35 -22.03 -21.37
CA ALA B 411 -19.08 -20.86 -22.20
C ALA B 411 -20.36 -20.09 -22.48
N GLU B 412 -21.46 -20.82 -22.70
CA GLU B 412 -22.74 -20.18 -23.00
C GLU B 412 -23.25 -19.37 -21.81
N VAL B 413 -23.19 -19.95 -20.61
CA VAL B 413 -23.77 -19.22 -19.48
C VAL B 413 -22.91 -18.00 -19.15
N ILE B 414 -21.60 -18.06 -19.37
CA ILE B 414 -20.78 -16.89 -19.14
C ILE B 414 -21.16 -15.75 -20.09
N ARG B 415 -21.32 -16.07 -21.38
CA ARG B 415 -21.72 -15.05 -22.34
C ARG B 415 -23.08 -14.46 -21.97
N ARG B 416 -24.03 -15.31 -21.60
CA ARG B 416 -25.37 -14.82 -21.29
C ARG B 416 -25.38 -14.04 -19.98
N ALA B 417 -24.61 -14.49 -18.99
CA ALA B 417 -24.50 -13.74 -17.75
C ALA B 417 -23.99 -12.33 -17.99
N ASN B 418 -23.03 -12.17 -18.92
CA ASN B 418 -22.37 -10.90 -19.18
C ASN B 418 -23.08 -10.02 -20.20
N ALA B 419 -24.07 -10.54 -20.91
CA ALA B 419 -24.71 -9.83 -22.02
C ALA B 419 -25.79 -8.92 -21.48
N THR B 420 -25.37 -7.89 -20.76
CA THR B 420 -26.28 -6.98 -20.07
C THR B 420 -25.52 -5.67 -19.84
N GLU B 421 -26.28 -4.59 -19.72
CA GLU B 421 -25.68 -3.31 -19.36
C GLU B 421 -25.41 -3.22 -17.86
N TYR B 422 -26.11 -4.02 -17.05
CA TYR B 422 -25.91 -4.07 -15.62
C TYR B 422 -24.63 -4.85 -15.29
N GLY B 423 -24.11 -4.60 -14.10
CA GLY B 423 -22.86 -5.21 -13.69
C GLY B 423 -22.60 -5.25 -12.21
N LEU B 424 -23.62 -5.32 -11.35
CA LEU B 424 -23.38 -5.11 -9.93
C LEU B 424 -22.80 -6.35 -9.25
N ALA B 425 -23.54 -7.45 -9.26
CA ALA B 425 -23.15 -8.65 -8.53
C ALA B 425 -23.24 -9.87 -9.43
N ALA B 426 -22.68 -10.97 -8.93
CA ALA B 426 -22.83 -12.27 -9.57
C ALA B 426 -22.42 -13.34 -8.58
N GLY B 427 -22.77 -14.59 -8.90
CA GLY B 427 -22.35 -15.69 -8.05
C GLY B 427 -22.34 -17.01 -8.79
N VAL B 428 -21.59 -17.94 -8.25
CA VAL B 428 -21.47 -19.28 -8.77
C VAL B 428 -21.62 -20.26 -7.62
N VAL B 429 -22.33 -21.36 -7.87
CA VAL B 429 -22.51 -22.45 -6.91
C VAL B 429 -21.82 -23.67 -7.51
N THR B 430 -20.74 -24.12 -6.87
CA THR B 430 -19.95 -25.25 -7.35
C THR B 430 -18.96 -25.68 -6.28
N PRO B 431 -18.77 -26.98 -6.05
CA PRO B 431 -17.70 -27.43 -5.16
C PRO B 431 -16.33 -27.58 -5.81
N ASP B 432 -16.22 -27.31 -7.11
CA ASP B 432 -14.98 -27.56 -7.85
C ASP B 432 -14.09 -26.32 -7.79
N LEU B 433 -12.84 -26.51 -7.36
CA LEU B 433 -11.91 -25.41 -7.25
C LEU B 433 -11.75 -24.65 -8.57
N ASN B 434 -11.43 -25.39 -9.64
CA ASN B 434 -11.11 -24.71 -10.90
C ASN B 434 -12.33 -24.00 -11.46
N ARG B 435 -13.49 -24.66 -11.43
CA ARG B 435 -14.70 -24.05 -11.97
C ARG B 435 -15.07 -22.78 -11.23
N ALA B 436 -14.97 -22.78 -9.89
CA ALA B 436 -15.42 -21.62 -9.14
C ALA B 436 -14.59 -20.39 -9.47
N HIS B 437 -13.27 -20.49 -9.38
CA HIS B 437 -12.44 -19.33 -9.71
C HIS B 437 -12.50 -19.00 -11.20
N ARG B 438 -12.47 -20.02 -12.06
CA ARG B 438 -12.43 -19.80 -13.50
C ARG B 438 -13.66 -19.05 -13.98
N ILE B 439 -14.85 -19.47 -13.53
CA ILE B 439 -16.07 -18.78 -13.91
C ILE B 439 -16.10 -17.38 -13.32
N ILE B 440 -15.79 -17.24 -12.03
CA ILE B 440 -15.93 -15.95 -11.38
C ILE B 440 -15.05 -14.93 -12.07
N HIS B 441 -13.85 -15.33 -12.47
CA HIS B 441 -12.91 -14.41 -13.12
C HIS B 441 -13.43 -13.88 -14.46
N GLN B 442 -14.36 -14.57 -15.11
CA GLN B 442 -14.88 -14.10 -16.40
C GLN B 442 -16.17 -13.32 -16.28
N LEU B 443 -16.75 -13.19 -15.09
CA LEU B 443 -18.02 -12.47 -14.97
C LEU B 443 -17.74 -10.98 -14.84
N GLU B 444 -18.58 -10.18 -15.48
CA GLU B 444 -18.39 -8.72 -15.54
C GLU B 444 -19.26 -8.10 -14.45
N ALA B 445 -18.79 -8.22 -13.20
CA ALA B 445 -19.53 -7.68 -12.06
C ALA B 445 -18.55 -7.35 -10.96
N GLY B 446 -18.91 -6.39 -10.11
CA GLY B 446 -17.99 -5.93 -9.06
C GLY B 446 -18.02 -6.70 -7.74
N ILE B 447 -19.11 -7.44 -7.51
CA ILE B 447 -19.37 -8.17 -6.26
C ILE B 447 -19.67 -9.61 -6.65
N CYS B 448 -18.78 -10.53 -6.29
CA CYS B 448 -18.91 -11.93 -6.69
C CYS B 448 -18.88 -12.86 -5.48
N TRP B 449 -19.86 -13.75 -5.42
CA TRP B 449 -20.03 -14.67 -4.31
C TRP B 449 -19.90 -16.10 -4.81
N ILE B 450 -19.07 -16.88 -4.13
CA ILE B 450 -18.90 -18.29 -4.40
C ILE B 450 -19.57 -19.06 -3.26
N ASN B 451 -20.57 -19.85 -3.62
CA ASN B 451 -21.28 -20.72 -2.67
C ASN B 451 -21.91 -19.92 -1.53
N SER B 452 -22.34 -18.71 -1.83
CA SER B 452 -23.09 -17.91 -0.88
CA SER B 452 -23.03 -17.86 -0.87
C SER B 452 -23.76 -16.76 -1.63
N TRP B 453 -24.35 -15.84 -0.88
CA TRP B 453 -24.95 -14.63 -1.43
C TRP B 453 -25.17 -13.63 -0.32
N GLY B 454 -24.97 -12.35 -0.63
CA GLY B 454 -25.48 -11.26 0.17
C GLY B 454 -24.53 -10.68 1.21
N GLU B 455 -23.50 -11.42 1.62
CA GLU B 455 -22.64 -10.93 2.70
C GLU B 455 -21.76 -9.81 2.15
N SER B 456 -21.72 -8.68 2.86
CA SER B 456 -21.03 -7.48 2.40
C SER B 456 -20.14 -6.94 3.52
N PRO B 457 -19.00 -7.60 3.78
CA PRO B 457 -18.14 -7.18 4.89
C PRO B 457 -17.63 -5.76 4.71
N ALA B 458 -17.42 -5.08 5.85
CA ALA B 458 -16.95 -3.70 5.81
C ALA B 458 -15.66 -3.56 5.01
N GLU B 459 -14.80 -4.58 5.05
CA GLU B 459 -13.49 -4.54 4.41
C GLU B 459 -13.57 -4.72 2.88
N MET B 460 -14.72 -5.11 2.37
CA MET B 460 -14.82 -5.54 0.98
C MET B 460 -15.41 -4.42 0.11
N PRO B 461 -14.63 -3.84 -0.81
CA PRO B 461 -15.21 -2.83 -1.70
C PRO B 461 -16.32 -3.42 -2.55
N VAL B 462 -17.41 -2.67 -2.68
CA VAL B 462 -18.58 -3.11 -3.44
C VAL B 462 -19.06 -1.97 -4.33
N GLY B 463 -19.37 -2.33 -5.57
CA GLY B 463 -19.96 -1.41 -6.52
C GLY B 463 -20.06 -2.09 -7.86
N GLY B 464 -20.55 -1.34 -8.84
CA GLY B 464 -20.93 -1.91 -10.11
C GLY B 464 -20.00 -1.68 -11.30
N TYR B 465 -19.87 -2.72 -12.12
CA TYR B 465 -19.40 -2.55 -13.48
C TYR B 465 -20.46 -1.86 -14.34
N LYS B 466 -20.01 -1.25 -15.44
CA LYS B 466 -20.87 -0.80 -16.56
C LYS B 466 -21.93 0.16 -16.02
N HIS B 467 -23.21 -0.07 -16.28
CA HIS B 467 -24.21 0.92 -15.90
C HIS B 467 -24.66 0.79 -14.48
N SER B 468 -24.11 -0.15 -13.71
CA SER B 468 -24.54 -0.34 -12.34
C SER B 468 -23.83 0.57 -11.35
N GLY B 469 -22.82 1.34 -11.75
CA GLY B 469 -22.27 2.28 -10.81
C GLY B 469 -21.03 2.99 -11.30
N ILE B 470 -20.63 3.98 -10.49
CA ILE B 470 -19.35 4.66 -10.56
C ILE B 470 -18.74 4.60 -9.17
N GLY B 471 -17.48 4.18 -9.08
CA GLY B 471 -16.82 4.12 -7.77
C GLY B 471 -17.24 2.92 -6.94
N ARG B 472 -16.90 2.99 -5.67
CA ARG B 472 -17.08 1.87 -4.76
C ARG B 472 -17.44 2.40 -3.38
N GLU B 473 -18.02 1.52 -2.59
CA GLU B 473 -18.23 1.73 -1.16
C GLU B 473 -17.56 0.62 -0.38
N ASN B 474 -17.24 0.93 0.88
CA ASN B 474 -16.58 0.05 1.84
C ASN B 474 -15.14 -0.25 1.46
N GLY B 475 -14.40 -0.98 2.30
CA GLY B 475 -12.98 -1.14 2.08
C GLY B 475 -12.11 0.11 2.32
N VAL B 476 -10.80 -0.10 2.35
CA VAL B 476 -9.87 1.00 2.56
CA VAL B 476 -9.88 1.00 2.57
C VAL B 476 -9.92 2.01 1.43
N MET B 477 -10.15 1.53 0.20
CA MET B 477 -10.12 2.45 -0.93
C MET B 477 -11.20 3.53 -0.85
N THR B 478 -12.34 3.25 -0.22
CA THR B 478 -13.41 4.25 -0.16
C THR B 478 -13.08 5.36 0.84
N LEU B 479 -12.33 5.07 1.89
CA LEU B 479 -11.85 6.15 2.73
C LEU B 479 -10.97 7.10 1.93
N GLN B 480 -10.06 6.54 1.13
CA GLN B 480 -9.20 7.35 0.28
C GLN B 480 -9.98 8.12 -0.78
N SER B 481 -11.07 7.54 -1.30
CA SER B 481 -11.87 8.25 -2.31
C SER B 481 -12.64 9.42 -1.74
N TYR B 482 -12.75 9.56 -0.42
CA TYR B 482 -13.32 10.77 0.17
C TYR B 482 -12.25 11.77 0.57
N THR B 483 -11.03 11.60 0.08
CA THR B 483 -10.01 12.62 0.14
C THR B 483 -9.61 12.97 -1.27
N GLN B 484 -8.90 14.09 -1.41
CA GLN B 484 -8.26 14.47 -2.65
C GLN B 484 -6.77 14.63 -2.41
N VAL B 485 -5.98 14.25 -3.41
CA VAL B 485 -4.53 14.26 -3.31
C VAL B 485 -4.00 15.63 -3.69
N LYS B 486 -3.13 16.17 -2.84
CA LYS B 486 -2.32 17.35 -3.14
C LYS B 486 -0.87 16.90 -3.24
N SER B 487 -0.24 17.14 -4.39
CA SER B 487 1.18 16.84 -4.57
C SER B 487 1.98 18.11 -4.34
N ILE B 488 3.06 17.99 -3.59
CA ILE B 488 3.90 19.13 -3.21
C ILE B 488 5.34 18.77 -3.56
N GLN B 489 5.96 19.56 -4.43
CA GLN B 489 7.37 19.42 -4.73
C GLN B 489 8.17 20.48 -3.99
N VAL B 490 9.19 20.02 -3.26
CA VAL B 490 10.13 20.90 -2.60
C VAL B 490 11.40 20.89 -3.45
N GLU B 491 11.70 22.03 -4.07
CA GLU B 491 12.90 22.18 -4.89
C GLU B 491 13.93 22.96 -4.08
N MET B 492 14.99 22.27 -3.64
CA MET B 492 16.08 22.83 -2.85
C MET B 492 17.31 23.21 -3.68
N GLY B 493 17.28 22.95 -4.99
CA GLY B 493 18.36 23.35 -5.86
C GLY B 493 18.05 24.68 -6.53
N PRO B 494 19.02 25.23 -7.27
CA PRO B 494 18.78 26.50 -7.95
C PRO B 494 17.80 26.31 -9.11
N PHE B 495 16.87 27.25 -9.24
CA PHE B 495 15.90 27.20 -10.33
C PHE B 495 16.50 27.84 -11.57
N GLN B 496 16.33 27.15 -12.71
CA GLN B 496 16.96 27.54 -13.97
C GLN B 496 15.86 27.98 -14.94
N SER B 497 15.87 29.24 -15.30
CA SER B 497 14.93 29.79 -16.25
C SER B 497 15.57 29.83 -17.63
N ILE B 498 14.79 29.48 -18.65
CA ILE B 498 15.27 29.60 -20.04
C ILE B 498 15.18 31.02 -20.56
N PHE B 499 14.51 31.92 -19.83
CA PHE B 499 14.38 33.31 -20.23
C PHE B 499 15.42 34.20 -19.53
N ARG C 12 6.84 -2.97 51.75
CA ARG C 12 7.10 -4.12 50.90
C ARG C 12 5.76 -4.80 50.56
N MET C 13 5.45 -4.86 49.26
CA MET C 13 4.24 -5.53 48.80
C MET C 13 4.40 -7.04 48.94
N ALA C 14 3.31 -7.75 48.71
CA ALA C 14 3.35 -9.21 48.77
C ALA C 14 4.25 -9.76 47.66
N GLU C 15 4.89 -10.90 47.94
CA GLU C 15 5.77 -11.54 46.96
C GLU C 15 5.07 -11.67 45.62
N GLN C 16 5.66 -11.07 44.60
CA GLN C 16 5.04 -11.03 43.28
C GLN C 16 5.28 -12.34 42.55
N GLN C 17 4.26 -12.83 41.86
CA GLN C 17 4.32 -14.11 41.18
C GLN C 17 4.34 -13.91 39.66
N LEU C 18 4.54 -15.03 38.96
CA LEU C 18 4.43 -15.05 37.51
C LEU C 18 2.96 -14.88 37.11
N TYR C 19 2.73 -14.43 35.87
CA TYR C 19 1.38 -14.35 35.31
C TYR C 19 1.34 -15.28 34.11
N ILE C 20 0.66 -16.42 34.27
CA ILE C 20 0.58 -17.45 33.24
C ILE C 20 -0.87 -17.90 33.10
N HIS C 21 -1.38 -17.86 31.87
CA HIS C 21 -2.71 -18.35 31.52
C HIS C 21 -3.82 -17.70 32.35
N GLY C 22 -3.82 -16.38 32.41
CA GLY C 22 -4.92 -15.65 33.00
C GLY C 22 -4.93 -15.60 34.50
N LYS C 23 -3.84 -15.99 35.15
CA LYS C 23 -3.81 -15.98 36.61
C LYS C 23 -2.36 -15.85 37.08
N PHE C 24 -2.20 -15.35 38.30
CA PHE C 24 -0.94 -15.39 39.01
C PHE C 24 -0.65 -16.82 39.45
N VAL C 25 0.60 -17.24 39.29
CA VAL C 25 0.99 -18.59 39.63
C VAL C 25 2.43 -18.56 40.14
N ALA C 26 2.73 -19.43 41.09
CA ALA C 26 4.06 -19.45 41.70
C ALA C 26 5.06 -20.06 40.73
N ALA C 27 6.26 -19.47 40.70
CA ALA C 27 7.38 -20.07 40.00
C ALA C 27 7.83 -21.36 40.70
N THR C 28 8.31 -22.30 39.90
CA THR C 28 8.94 -23.51 40.41
C THR C 28 10.46 -23.42 40.38
N SER C 29 11.01 -22.23 40.13
CA SER C 29 12.45 -22.08 40.04
C SER C 29 13.11 -22.06 41.41
N GLY C 30 12.39 -21.63 42.45
CA GLY C 30 12.98 -21.44 43.75
C GLY C 30 13.84 -20.21 43.91
N LYS C 31 13.87 -19.33 42.90
CA LYS C 31 14.69 -18.13 42.92
C LYS C 31 13.82 -16.89 42.94
N THR C 32 14.30 -15.84 43.60
CA THR C 32 13.59 -14.57 43.69
C THR C 32 14.60 -13.44 43.58
N PHE C 33 14.09 -12.24 43.32
CA PHE C 33 14.91 -11.03 43.36
C PHE C 33 14.09 -9.88 43.93
N GLU C 34 14.74 -8.75 44.13
CA GLU C 34 14.13 -7.58 44.76
C GLU C 34 14.22 -6.39 43.84
N THR C 35 13.20 -5.54 43.88
CA THR C 35 13.22 -4.27 43.19
C THR C 35 13.17 -3.16 44.22
N ILE C 36 13.96 -2.13 43.97
CA ILE C 36 14.21 -1.07 44.92
C ILE C 36 13.51 0.20 44.46
N ASN C 37 13.09 0.99 45.42
CA ASN C 37 12.70 2.37 45.17
C ASN C 37 13.98 3.20 45.10
N PRO C 38 14.34 3.74 43.92
CA PRO C 38 15.61 4.47 43.83
C PRO C 38 15.59 5.82 44.51
N ALA C 39 14.45 6.27 45.01
CA ALA C 39 14.40 7.51 45.77
C ALA C 39 14.70 7.32 47.25
N THR C 40 14.60 6.10 47.76
CA THR C 40 14.76 5.85 49.19
C THR C 40 15.64 4.66 49.51
N GLY C 41 15.97 3.82 48.53
CA GLY C 41 16.71 2.60 48.78
C GLY C 41 15.89 1.46 49.33
N GLU C 42 14.60 1.70 49.61
CA GLU C 42 13.74 0.67 50.19
C GLU C 42 13.39 -0.40 49.17
N VAL C 43 13.16 -1.61 49.68
CA VAL C 43 12.67 -2.71 48.86
C VAL C 43 11.18 -2.52 48.61
N LEU C 44 10.80 -2.42 47.33
CA LEU C 44 9.39 -2.33 46.97
C LEU C 44 8.71 -3.69 47.04
N ALA C 45 9.39 -4.75 46.63
CA ALA C 45 8.78 -6.07 46.65
C ALA C 45 9.81 -7.12 46.32
N THR C 46 9.59 -8.31 46.84
CA THR C 46 10.23 -9.52 46.35
C THR C 46 9.47 -10.03 45.15
N VAL C 47 10.21 -10.51 44.14
CA VAL C 47 9.63 -10.95 42.88
C VAL C 47 10.22 -12.31 42.53
N GLN C 48 9.35 -13.27 42.23
CA GLN C 48 9.79 -14.60 41.82
C GLN C 48 10.34 -14.57 40.39
N ALA C 49 11.30 -15.46 40.12
CA ALA C 49 12.01 -15.54 38.86
C ALA C 49 11.59 -16.80 38.11
N ALA C 50 11.27 -16.65 36.82
CA ALA C 50 10.78 -17.76 36.03
C ALA C 50 11.91 -18.72 35.66
N GLY C 51 11.73 -19.99 35.99
CA GLY C 51 12.69 -21.02 35.64
C GLY C 51 12.44 -21.59 34.27
N ARG C 52 13.30 -22.53 33.89
CA ARG C 52 13.25 -23.10 32.55
C ARG C 52 11.93 -23.83 32.33
N GLU C 53 11.44 -24.52 33.38
CA GLU C 53 10.15 -25.20 33.31
C GLU C 53 9.00 -24.21 33.25
N ASP C 54 9.14 -23.08 33.94
CA ASP C 54 8.14 -22.02 33.91
C ASP C 54 8.02 -21.41 32.51
N VAL C 55 9.14 -21.22 31.82
CA VAL C 55 9.09 -20.70 30.47
C VAL C 55 8.34 -21.68 29.56
N ASP C 56 8.62 -22.97 29.69
CA ASP C 56 7.93 -23.99 28.84
C ASP C 56 6.42 -23.99 29.14
N ARG C 57 6.05 -23.88 30.40
CA ARG C 57 4.64 -23.80 30.74
C ARG C 57 4.00 -22.56 30.11
N ALA C 58 4.70 -21.44 30.12
CA ALA C 58 4.16 -20.21 29.54
C ALA C 58 4.00 -20.34 28.03
N VAL C 59 4.94 -21.03 27.37
CA VAL C 59 4.85 -21.22 25.93
C VAL C 59 3.64 -22.08 25.59
N LYS C 60 3.39 -23.11 26.39
CA LYS C 60 2.27 -24.00 26.09
C LYS C 60 0.93 -23.32 26.39
N SER C 61 0.90 -22.49 27.44
CA SER C 61 -0.26 -21.62 27.67
C SER C 61 -0.45 -20.66 26.51
N ALA C 62 0.64 -20.06 26.03
CA ALA C 62 0.55 -19.09 24.94
C ALA C 62 0.11 -19.76 23.64
N GLN C 63 0.53 -20.99 23.41
CA GLN C 63 0.11 -21.69 22.19
C GLN C 63 -1.39 -21.92 22.18
N GLN C 64 -1.95 -22.31 23.33
CA GLN C 64 -3.38 -22.53 23.43
C GLN C 64 -4.18 -21.24 23.31
N GLY C 65 -3.73 -20.16 23.95
CA GLY C 65 -4.44 -18.90 23.87
C GLY C 65 -4.41 -18.29 22.48
N GLN C 66 -3.27 -18.39 21.80
CA GLN C 66 -3.13 -17.79 20.48
C GLN C 66 -4.15 -18.38 19.52
N LYS C 67 -4.42 -19.69 19.64
CA LYS C 67 -5.39 -20.32 18.75
C LYS C 67 -6.79 -19.74 18.93
N VAL C 68 -7.21 -19.53 20.18
CA VAL C 68 -8.48 -18.87 20.46
C VAL C 68 -8.50 -17.47 19.88
N TRP C 69 -7.44 -16.72 20.12
CA TRP C 69 -7.36 -15.30 19.76
C TRP C 69 -7.37 -15.12 18.24
N ALA C 70 -6.60 -15.92 17.52
CA ALA C 70 -6.56 -15.82 16.07
C ALA C 70 -7.86 -16.28 15.43
N ALA C 71 -8.62 -17.14 16.10
CA ALA C 71 -9.88 -17.63 15.52
C ALA C 71 -10.99 -16.59 15.57
N MET C 72 -10.87 -15.61 16.46
CA MET C 72 -11.85 -14.53 16.55
C MET C 72 -11.85 -13.68 15.28
N SER C 73 -12.92 -12.91 15.10
CA SER C 73 -12.91 -11.93 14.03
C SER C 73 -11.93 -10.80 14.35
N ALA C 74 -11.50 -10.12 13.30
CA ALA C 74 -10.64 -8.96 13.46
C ALA C 74 -11.30 -7.93 14.37
N MET C 75 -12.58 -7.64 14.14
CA MET C 75 -13.22 -6.60 14.93
C MET C 75 -13.42 -7.04 16.38
N ALA C 76 -13.58 -8.34 16.63
CA ALA C 76 -13.65 -8.83 18.01
C ALA C 76 -12.34 -8.60 18.74
N ARG C 77 -11.20 -8.83 18.07
CA ARG C 77 -9.92 -8.52 18.70
C ARG C 77 -9.77 -7.02 18.90
N SER C 78 -10.23 -6.23 17.94
CA SER C 78 -10.15 -4.78 18.06
CA SER C 78 -10.16 -4.78 18.06
C SER C 78 -10.88 -4.30 19.31
N ARG C 79 -12.09 -4.82 19.54
CA ARG C 79 -12.89 -4.36 20.68
C ARG C 79 -12.21 -4.70 22.00
N ILE C 80 -11.57 -5.87 22.08
CA ILE C 80 -10.91 -6.29 23.34
C ILE C 80 -9.73 -5.34 23.63
N LEU C 81 -8.91 -5.05 22.61
CA LEU C 81 -7.80 -4.11 22.82
C LEU C 81 -8.32 -2.70 23.16
N ARG C 82 -9.45 -2.30 22.58
CA ARG C 82 -10.03 -0.99 22.91
CA ARG C 82 -10.01 -0.99 22.92
C ARG C 82 -10.50 -0.94 24.36
N LYS C 83 -11.07 -2.03 24.88
CA LYS C 83 -11.43 -2.12 26.32
C LYS C 83 -10.16 -1.94 27.19
N ALA C 84 -9.07 -2.59 26.80
CA ALA C 84 -7.84 -2.42 27.58
C ALA C 84 -7.41 -0.97 27.60
N VAL C 85 -7.49 -0.30 26.44
CA VAL C 85 -7.19 1.13 26.35
C VAL C 85 -8.02 1.92 27.35
N ASP C 86 -9.33 1.66 27.39
CA ASP C 86 -10.21 2.40 28.30
C ASP C 86 -9.82 2.18 29.75
N ILE C 87 -9.47 0.94 30.12
CA ILE C 87 -9.02 0.68 31.49
C ILE C 87 -7.72 1.44 31.77
N LEU C 88 -6.81 1.48 30.79
CA LEU C 88 -5.53 2.16 31.01
C LEU C 88 -5.74 3.65 31.25
N ARG C 89 -6.65 4.27 30.49
CA ARG C 89 -6.94 5.69 30.69
C ARG C 89 -7.51 5.92 32.08
N GLU C 90 -8.45 5.08 32.49
CA GLU C 90 -9.10 5.21 33.79
C GLU C 90 -8.10 5.04 34.94
N ARG C 91 -7.17 4.09 34.80
CA ARG C 91 -6.22 3.76 35.84
C ARG C 91 -4.88 4.47 35.68
N ASN C 92 -4.85 5.55 34.91
CA ASN C 92 -3.60 6.22 34.59
C ASN C 92 -2.86 6.65 35.85
N ASP C 93 -3.55 7.32 36.76
CA ASP C 93 -2.88 7.91 37.93
C ASP C 93 -2.33 6.83 38.86
N GLU C 94 -3.11 5.78 39.11
CA GLU C 94 -2.63 4.67 39.91
C GLU C 94 -1.42 3.99 39.26
N LEU C 95 -1.47 3.75 37.94
CA LEU C 95 -0.33 3.11 37.30
C LEU C 95 0.89 4.03 37.30
N ALA C 96 0.66 5.32 37.05
CA ALA C 96 1.76 6.27 37.00
C ALA C 96 2.47 6.34 38.35
N ARG C 97 1.71 6.33 39.43
CA ARG C 97 2.33 6.36 40.76
C ARG C 97 3.21 5.14 40.98
N LEU C 98 2.72 3.96 40.63
CA LEU C 98 3.53 2.75 40.76
C LEU C 98 4.78 2.85 39.89
N GLU C 99 4.66 3.38 38.67
CA GLU C 99 5.82 3.52 37.81
C GLU C 99 6.87 4.43 38.43
N THR C 100 6.43 5.52 39.06
CA THR C 100 7.33 6.42 39.74
C THR C 100 8.07 5.74 40.90
N LEU C 101 7.35 4.97 41.70
CA LEU C 101 8.00 4.24 42.80
C LEU C 101 9.06 3.27 42.30
N ASP C 102 8.81 2.63 41.15
CA ASP C 102 9.71 1.58 40.66
C ASP C 102 10.88 2.15 39.88
N THR C 103 10.67 3.24 39.12
CA THR C 103 11.67 3.79 38.21
C THR C 103 12.37 5.04 38.75
N GLY C 104 11.74 5.78 39.66
CA GLY C 104 12.27 7.05 40.08
C GLY C 104 11.92 8.21 39.19
N LYS C 105 11.18 7.99 38.11
CA LYS C 105 10.81 9.10 37.27
C LYS C 105 9.72 9.93 37.96
N PRO C 106 9.74 11.25 37.82
CA PRO C 106 8.72 12.08 38.48
C PRO C 106 7.33 11.75 37.99
N LEU C 107 6.35 11.89 38.90
CA LEU C 107 4.95 11.73 38.55
C LEU C 107 4.52 12.73 37.46
N SER C 108 5.15 13.91 37.45
CA SER C 108 4.88 14.88 36.40
C SER C 108 5.15 14.30 35.01
N GLU C 109 6.08 13.34 34.90
CA GLU C 109 6.31 12.63 33.64
C GLU C 109 5.43 11.40 33.49
N THR C 110 5.40 10.53 34.51
CA THR C 110 4.77 9.22 34.37
C THR C 110 3.28 9.37 34.17
N ALA C 111 2.67 10.37 34.81
CA ALA C 111 1.23 10.59 34.68
C ALA C 111 0.86 11.21 33.33
N ALA C 112 1.80 11.85 32.65
CA ALA C 112 1.52 12.55 31.41
C ALA C 112 2.09 11.84 30.19
N VAL C 113 2.98 10.86 30.35
CA VAL C 113 3.66 10.28 29.20
C VAL C 113 3.55 8.76 29.17
N ASP C 114 4.00 8.12 30.25
CA ASP C 114 4.27 6.68 30.19
C ASP C 114 3.05 5.87 29.78
N ILE C 115 1.97 5.95 30.56
CA ILE C 115 0.77 5.19 30.23
C ILE C 115 0.03 5.83 29.07
N VAL C 116 0.02 7.17 28.99
CA VAL C 116 -0.74 7.86 27.93
C VAL C 116 -0.21 7.46 26.55
N THR C 117 1.11 7.52 26.35
CA THR C 117 1.64 7.19 25.03
C THR C 117 1.67 5.70 24.78
N GLY C 118 1.82 4.90 25.84
CA GLY C 118 1.65 3.47 25.68
C GLY C 118 0.25 3.12 25.25
N ALA C 119 -0.75 3.71 25.89
CA ALA C 119 -2.12 3.41 25.50
C ALA C 119 -2.46 4.00 24.13
N ASP C 120 -1.82 5.11 23.74
CA ASP C 120 -2.04 5.64 22.40
C ASP C 120 -1.66 4.62 21.34
N VAL C 121 -0.57 3.88 21.57
CA VAL C 121 -0.11 2.91 20.59
C VAL C 121 -1.04 1.70 20.56
N LEU C 122 -1.49 1.25 21.73
CA LEU C 122 -2.45 0.15 21.74
C LEU C 122 -3.74 0.54 21.03
N GLU C 123 -4.17 1.79 21.21
CA GLU C 123 -5.39 2.28 20.59
C GLU C 123 -5.22 2.38 19.09
N TYR C 124 -4.05 2.81 18.64
CA TYR C 124 -3.73 2.87 17.22
C TYR C 124 -3.82 1.50 16.57
N TYR C 125 -3.14 0.51 17.15
CA TYR C 125 -3.14 -0.82 16.55
C TYR C 125 -4.50 -1.50 16.63
N ALA C 126 -5.24 -1.26 17.72
CA ALA C 126 -6.59 -1.80 17.82
C ALA C 126 -7.42 -1.46 16.60
N GLY C 127 -7.31 -0.22 16.09
CA GLY C 127 -8.11 0.17 14.95
C GLY C 127 -7.63 -0.37 13.60
N LEU C 128 -6.33 -0.71 13.47
CA LEU C 128 -5.80 -1.22 12.23
C LEU C 128 -5.99 -2.71 12.01
N ILE C 129 -6.40 -3.49 13.03
CA ILE C 129 -6.51 -4.93 12.86
C ILE C 129 -7.33 -5.28 11.61
N PRO C 130 -8.49 -4.67 11.36
CA PRO C 130 -9.30 -5.06 10.19
C PRO C 130 -8.69 -4.68 8.86
N ALA C 131 -7.73 -3.75 8.82
CA ALA C 131 -7.08 -3.37 7.58
C ALA C 131 -5.84 -4.20 7.28
N LEU C 132 -5.51 -5.17 8.12
CA LEU C 132 -4.40 -6.09 7.85
C LEU C 132 -4.79 -7.05 6.73
N GLU C 133 -4.23 -6.85 5.53
CA GLU C 133 -4.64 -7.56 4.32
C GLU C 133 -3.43 -8.20 3.65
N GLY C 134 -3.67 -9.30 2.96
CA GLY C 134 -2.72 -9.86 2.03
C GLY C 134 -2.90 -9.25 0.65
N SER C 135 -2.32 -9.93 -0.34
CA SER C 135 -2.34 -9.48 -1.72
CA SER C 135 -2.35 -9.48 -1.71
C SER C 135 -2.85 -10.60 -2.61
N GLN C 136 -3.21 -10.23 -3.83
CA GLN C 136 -3.60 -11.19 -4.86
C GLN C 136 -2.90 -10.74 -6.12
N ILE C 137 -2.34 -11.69 -6.86
CA ILE C 137 -1.51 -11.39 -8.03
C ILE C 137 -1.92 -12.35 -9.13
N PRO C 138 -2.48 -11.87 -10.25
CA PRO C 138 -2.75 -12.78 -11.38
C PRO C 138 -1.47 -13.06 -12.13
N LEU C 139 -1.25 -14.33 -12.43
CA LEU C 139 -0.10 -14.73 -13.24
C LEU C 139 -0.50 -14.91 -14.69
N ARG C 140 -1.65 -15.54 -14.91
CA ARG C 140 -2.20 -15.85 -16.23
C ARG C 140 -3.65 -16.27 -16.00
N ASP C 141 -4.39 -16.42 -17.10
CA ASP C 141 -5.79 -16.81 -16.98
C ASP C 141 -5.95 -18.07 -16.10
N SER C 142 -5.00 -18.99 -16.19
CA SER C 142 -5.16 -20.28 -15.52
C SER C 142 -4.48 -20.36 -14.15
N SER C 143 -3.91 -19.27 -13.63
CA SER C 143 -3.28 -19.37 -12.31
C SER C 143 -3.17 -17.99 -11.65
N PHE C 144 -3.30 -17.98 -10.32
CA PHE C 144 -3.09 -16.75 -9.55
C PHE C 144 -2.46 -17.08 -8.20
N VAL C 145 -1.94 -16.03 -7.56
CA VAL C 145 -1.33 -16.11 -6.24
C VAL C 145 -2.11 -15.19 -5.31
N TYR C 146 -2.30 -15.63 -4.08
CA TYR C 146 -2.71 -14.72 -3.03
C TYR C 146 -1.87 -14.99 -1.79
N THR C 147 -1.71 -13.96 -0.98
CA THR C 147 -0.92 -14.08 0.24
C THR C 147 -1.81 -13.88 1.46
N ARG C 148 -1.40 -14.53 2.55
CA ARG C 148 -1.98 -14.32 3.87
C ARG C 148 -0.91 -13.79 4.81
N ARG C 149 -1.29 -12.82 5.61
CA ARG C 149 -0.45 -12.33 6.70
C ARG C 149 -0.86 -13.09 7.93
N GLU C 150 -0.12 -14.15 8.23
CA GLU C 150 -0.47 -15.05 9.31
C GLU C 150 0.27 -14.67 10.58
N PRO C 151 -0.32 -14.93 11.74
CA PRO C 151 0.42 -14.74 13.00
C PRO C 151 1.70 -15.53 13.00
N LEU C 152 2.71 -14.99 13.67
CA LEU C 152 3.92 -15.75 13.94
C LEU C 152 3.65 -16.88 14.93
N GLY C 153 2.67 -16.70 15.81
CA GLY C 153 2.38 -17.69 16.83
C GLY C 153 2.65 -17.14 18.21
N VAL C 154 3.64 -17.69 18.88
CA VAL C 154 4.08 -17.21 20.18
C VAL C 154 5.34 -16.37 19.98
N VAL C 155 5.32 -15.13 20.47
CA VAL C 155 6.46 -14.22 20.36
C VAL C 155 6.86 -13.83 21.77
N ALA C 156 8.09 -13.32 21.91
CA ALA C 156 8.60 -12.92 23.21
C ALA C 156 9.12 -11.49 23.16
N GLY C 157 8.76 -10.72 24.16
CA GLY C 157 9.22 -9.35 24.30
C GLY C 157 10.08 -9.26 25.56
N ILE C 158 11.22 -8.60 25.43
CA ILE C 158 12.12 -8.36 26.55
C ILE C 158 12.23 -6.85 26.76
N GLY C 159 11.81 -6.40 27.92
CA GLY C 159 11.65 -4.99 28.20
C GLY C 159 12.83 -4.39 28.94
N ALA C 160 12.99 -3.08 28.78
CA ALA C 160 14.02 -2.33 29.47
C ALA C 160 13.38 -1.58 30.64
N TRP C 161 14.21 -0.89 31.42
CA TRP C 161 13.73 -0.35 32.68
C TRP C 161 13.39 1.13 32.65
N ASN C 162 13.68 1.85 31.57
CA ASN C 162 13.50 3.29 31.65
C ASN C 162 12.03 3.68 31.45
N TYR C 163 11.32 3.00 30.56
CA TYR C 163 9.89 3.23 30.33
C TYR C 163 9.18 1.89 30.39
N PRO C 164 9.01 1.32 31.59
CA PRO C 164 8.58 -0.07 31.69
C PRO C 164 7.23 -0.38 31.04
N ILE C 165 6.18 0.34 31.44
CA ILE C 165 4.86 -0.03 30.92
C ILE C 165 4.68 0.46 29.50
N GLN C 166 5.33 1.58 29.11
CA GLN C 166 5.22 2.05 27.74
C GLN C 166 5.85 1.06 26.78
N ILE C 167 7.01 0.50 27.15
CA ILE C 167 7.65 -0.51 26.33
C ILE C 167 6.80 -1.78 26.24
N ALA C 168 6.27 -2.24 27.38
CA ALA C 168 5.42 -3.43 27.35
C ALA C 168 4.23 -3.23 26.41
N LEU C 169 3.69 -2.02 26.35
CA LEU C 169 2.59 -1.75 25.44
C LEU C 169 3.06 -1.62 24.00
N TRP C 170 4.23 -1.02 23.77
CA TRP C 170 4.71 -0.84 22.41
C TRP C 170 5.07 -2.16 21.76
N LYS C 171 5.45 -3.16 22.56
CA LYS C 171 5.72 -4.50 22.04
C LYS C 171 4.46 -5.33 21.93
N SER C 172 3.62 -5.30 22.97
CA SER C 172 2.48 -6.21 23.01
C SER C 172 1.36 -5.75 22.09
N ALA C 173 1.18 -4.45 21.90
CA ALA C 173 0.09 -3.97 21.05
C ALA C 173 0.19 -4.46 19.62
N PRO C 174 1.30 -4.29 18.88
CA PRO C 174 1.33 -4.86 17.52
C PRO C 174 1.29 -6.36 17.52
N ALA C 175 1.93 -7.00 18.51
CA ALA C 175 1.98 -8.45 18.58
C ALA C 175 0.58 -9.04 18.76
N LEU C 176 -0.21 -8.50 19.69
CA LEU C 176 -1.58 -8.97 19.90
C LEU C 176 -2.48 -8.57 18.73
N ALA C 177 -2.31 -7.36 18.21
CA ALA C 177 -3.13 -6.91 17.11
C ALA C 177 -2.97 -7.82 15.90
N ALA C 178 -1.78 -8.40 15.71
CA ALA C 178 -1.47 -9.24 14.57
C ALA C 178 -1.92 -10.69 14.76
N GLY C 179 -2.52 -11.02 15.90
CA GLY C 179 -3.02 -12.36 16.15
C GLY C 179 -2.11 -13.26 16.95
N ASN C 180 -1.02 -12.75 17.49
CA ASN C 180 -0.07 -13.55 18.25
C ASN C 180 -0.40 -13.55 19.74
N ALA C 181 0.28 -14.44 20.46
CA ALA C 181 0.43 -14.34 21.90
C ALA C 181 1.85 -13.90 22.23
N MET C 182 1.99 -13.04 23.24
CA MET C 182 3.29 -12.58 23.69
C MET C 182 3.57 -13.06 25.10
N ILE C 183 4.79 -13.58 25.30
CA ILE C 183 5.38 -13.77 26.61
C ILE C 183 6.34 -12.61 26.83
N PHE C 184 6.07 -11.80 27.83
CA PHE C 184 6.82 -10.58 28.11
C PHE C 184 7.66 -10.77 29.36
N LYS C 185 8.95 -10.45 29.26
CA LYS C 185 9.86 -10.45 30.40
C LYS C 185 10.22 -9.01 30.74
N PRO C 186 9.70 -8.44 31.82
CA PRO C 186 10.12 -7.09 32.20
C PRO C 186 11.56 -7.10 32.69
N SER C 187 12.14 -5.90 32.72
CA SER C 187 13.46 -5.73 33.30
C SER C 187 13.42 -6.03 34.79
N GLU C 188 14.43 -6.74 35.29
CA GLU C 188 14.49 -7.03 36.72
C GLU C 188 14.52 -5.77 37.58
N VAL C 189 14.97 -4.65 37.02
CA VAL C 189 14.98 -3.40 37.79
C VAL C 189 13.57 -2.87 38.01
N THR C 190 12.64 -3.13 37.09
CA THR C 190 11.31 -2.51 37.09
C THR C 190 10.25 -3.52 36.65
N PRO C 191 9.98 -4.54 37.46
CA PRO C 191 9.04 -5.59 37.04
C PRO C 191 7.55 -5.36 37.36
N LEU C 192 7.18 -4.31 38.10
CA LEU C 192 5.86 -4.26 38.72
C LEU C 192 4.74 -3.90 37.75
N THR C 193 4.94 -2.90 36.90
CA THR C 193 3.81 -2.44 36.08
C THR C 193 3.41 -3.46 35.04
N ALA C 194 4.35 -4.31 34.61
CA ALA C 194 4.03 -5.32 33.62
C ALA C 194 3.06 -6.35 34.18
N LEU C 195 3.18 -6.66 35.47
CA LEU C 195 2.24 -7.58 36.10
C LEU C 195 0.85 -6.96 36.18
N LYS C 196 0.77 -5.65 36.44
CA LYS C 196 -0.51 -4.95 36.40
C LYS C 196 -1.10 -4.93 34.99
N LEU C 197 -0.25 -4.77 33.97
CA LEU C 197 -0.74 -4.75 32.60
C LEU C 197 -1.42 -6.05 32.26
N ALA C 198 -0.85 -7.17 32.73
CA ALA C 198 -1.41 -8.47 32.42
C ALA C 198 -2.81 -8.64 32.97
N GLU C 199 -3.07 -8.16 34.20
CA GLU C 199 -4.42 -8.26 34.76
C GLU C 199 -5.40 -7.38 33.97
N ILE C 200 -4.93 -6.22 33.50
CA ILE C 200 -5.77 -5.29 32.74
C ILE C 200 -6.21 -5.93 31.44
N TYR C 201 -5.27 -6.55 30.72
CA TYR C 201 -5.60 -7.24 29.48
C TYR C 201 -6.65 -8.33 29.71
N ARG C 202 -6.49 -9.12 30.78
CA ARG C 202 -7.45 -10.17 31.06
C ARG C 202 -8.81 -9.59 31.44
N GLU C 203 -8.80 -8.52 32.22
CA GLU C 203 -10.02 -7.81 32.56
C GLU C 203 -10.73 -7.28 31.32
N ALA C 204 -9.96 -6.98 30.28
CA ALA C 204 -10.52 -6.46 29.01
C ALA C 204 -11.12 -7.56 28.14
N GLY C 205 -10.79 -8.82 28.44
CA GLY C 205 -11.33 -9.95 27.66
C GLY C 205 -10.28 -10.68 26.85
N LEU C 206 -9.02 -10.31 27.00
CA LEU C 206 -7.98 -11.05 26.29
C LEU C 206 -8.03 -12.51 26.73
N PRO C 207 -8.02 -13.46 25.80
CA PRO C 207 -8.06 -14.87 26.20
C PRO C 207 -6.89 -15.26 27.05
N ASP C 208 -7.10 -16.23 27.95
CA ASP C 208 -6.01 -16.73 28.78
C ASP C 208 -4.88 -17.26 27.93
N GLY C 209 -3.64 -16.87 28.28
CA GLY C 209 -2.47 -17.30 27.57
C GLY C 209 -1.94 -16.30 26.55
N VAL C 210 -2.74 -15.33 26.14
CA VAL C 210 -2.32 -14.47 25.04
C VAL C 210 -1.25 -13.47 25.50
N PHE C 211 -1.28 -13.05 26.76
CA PHE C 211 -0.23 -12.16 27.32
C PHE C 211 0.17 -12.72 28.68
N ASN C 212 1.31 -13.38 28.72
CA ASN C 212 1.92 -13.91 29.94
C ASN C 212 3.13 -13.06 30.30
N VAL C 213 3.33 -12.85 31.61
CA VAL C 213 4.44 -12.05 32.11
C VAL C 213 5.32 -12.93 32.99
N LEU C 214 6.60 -13.00 32.66
CA LEU C 214 7.58 -13.82 33.39
C LEU C 214 8.71 -12.94 33.89
N PRO C 215 8.63 -12.44 35.12
CA PRO C 215 9.78 -11.73 35.70
C PRO C 215 10.96 -12.67 35.83
N GLY C 216 12.15 -12.07 35.84
CA GLY C 216 13.36 -12.83 36.03
C GLY C 216 14.58 -12.02 35.66
N ILE C 217 15.71 -12.72 35.56
CA ILE C 217 17.00 -12.12 35.25
C ILE C 217 17.32 -12.39 33.77
N GLY C 218 18.12 -11.51 33.18
CA GLY C 218 18.47 -11.67 31.77
C GLY C 218 19.26 -12.95 31.54
N ALA C 219 20.20 -13.26 32.43
CA ALA C 219 21.04 -14.44 32.28
C ALA C 219 20.23 -15.73 32.30
N GLU C 220 19.18 -15.79 33.12
CA GLU C 220 18.41 -17.02 33.19
C GLU C 220 17.09 -16.93 32.41
N THR C 221 16.15 -16.11 32.89
CA THR C 221 14.83 -16.10 32.28
C THR C 221 14.91 -15.60 30.84
N GLY C 222 15.62 -14.49 30.63
CA GLY C 222 15.76 -13.97 29.28
C GLY C 222 16.36 -15.00 28.35
N GLN C 223 17.33 -15.78 28.83
CA GLN C 223 17.99 -16.77 27.98
C GLN C 223 17.06 -17.93 27.65
N TYR C 224 16.26 -18.36 28.63
CA TYR C 224 15.34 -19.47 28.39
C TYR C 224 14.33 -19.10 27.31
N LEU C 225 13.89 -17.85 27.28
CA LEU C 225 12.99 -17.38 26.22
C LEU C 225 13.68 -17.39 24.87
N THR C 226 14.93 -16.93 24.81
CA THR C 226 15.61 -16.86 23.52
C THR C 226 15.98 -18.24 22.99
N GLU C 227 15.98 -19.26 23.85
CA GLU C 227 16.38 -20.61 23.46
C GLU C 227 15.21 -21.49 23.08
N HIS C 228 14.00 -21.13 23.46
CA HIS C 228 12.88 -22.06 23.35
C HIS C 228 12.54 -22.29 21.88
N PRO C 229 12.41 -23.55 21.44
CA PRO C 229 12.21 -23.81 20.00
C PRO C 229 10.86 -23.35 19.47
N ASP C 230 9.85 -23.13 20.32
CA ASP C 230 8.49 -22.83 19.86
C ASP C 230 8.12 -21.36 19.95
N ILE C 231 9.09 -20.49 20.23
CA ILE C 231 8.90 -19.05 20.15
C ILE C 231 9.42 -18.58 18.81
N ALA C 232 8.59 -17.85 18.07
CA ALA C 232 8.94 -17.56 16.68
C ALA C 232 9.65 -16.23 16.49
N LYS C 233 9.61 -15.34 17.48
CA LYS C 233 10.16 -14.00 17.32
C LYS C 233 10.53 -13.45 18.68
N ILE C 234 11.62 -12.69 18.73
CA ILE C 234 12.06 -11.99 19.92
C ILE C 234 12.10 -10.51 19.58
N SER C 235 11.51 -9.68 20.43
CA SER C 235 11.67 -8.24 20.36
C SER C 235 12.35 -7.77 21.64
N PHE C 236 13.52 -7.12 21.50
CA PHE C 236 14.37 -6.74 22.60
C PHE C 236 14.64 -5.24 22.60
N THR C 237 14.58 -4.64 23.79
CA THR C 237 14.94 -3.24 24.00
C THR C 237 15.93 -3.22 25.13
N GLY C 238 17.07 -2.58 24.91
CA GLY C 238 18.13 -2.63 25.91
C GLY C 238 19.39 -1.97 25.39
N GLY C 239 20.50 -2.30 26.04
CA GLY C 239 21.77 -1.79 25.60
C GLY C 239 22.35 -2.56 24.43
N VAL C 240 23.28 -1.89 23.73
CA VAL C 240 23.89 -2.48 22.54
C VAL C 240 24.58 -3.79 22.87
N ALA C 241 25.31 -3.83 23.98
CA ALA C 241 26.05 -5.04 24.35
C ALA C 241 25.12 -6.22 24.54
N SER C 242 24.10 -6.06 25.40
CA SER C 242 23.17 -7.15 25.68
C SER C 242 22.41 -7.58 24.43
N GLY C 243 22.19 -6.65 23.50
CA GLY C 243 21.47 -6.99 22.28
C GLY C 243 22.23 -7.96 21.40
N LYS C 244 23.55 -7.79 21.31
CA LYS C 244 24.36 -8.74 20.55
C LYS C 244 24.28 -10.15 21.15
N LYS C 245 24.33 -10.26 22.48
CA LYS C 245 24.15 -11.55 23.12
C LYS C 245 22.78 -12.15 22.80
N VAL C 246 21.72 -11.36 22.99
CA VAL C 246 20.36 -11.85 22.77
C VAL C 246 20.18 -12.31 21.33
N MET C 247 20.59 -11.47 20.38
CA MET C 247 20.43 -11.82 18.97
C MET C 247 21.19 -13.10 18.61
N ALA C 248 22.31 -13.36 19.30
CA ALA C 248 23.14 -14.52 18.99
C ALA C 248 22.49 -15.82 19.47
N ASN C 249 21.99 -15.84 20.71
CA ASN C 249 21.34 -17.04 21.23
C ASN C 249 20.08 -17.38 20.44
N SER C 250 19.34 -16.35 20.02
CA SER C 250 18.14 -16.53 19.20
C SER C 250 18.45 -17.08 17.82
N ALA C 251 19.72 -17.33 17.51
CA ALA C 251 20.14 -18.01 16.29
C ALA C 251 20.67 -19.40 16.57
N ALA C 252 21.60 -19.52 17.53
CA ALA C 252 22.23 -20.79 17.82
C ALA C 252 21.23 -21.84 18.28
N SER C 253 20.06 -21.43 18.77
CA SER C 253 19.07 -22.36 19.31
C SER C 253 17.93 -22.63 18.32
N SER C 254 17.24 -21.57 17.92
CA SER C 254 16.10 -21.67 17.03
C SER C 254 16.07 -20.36 16.23
N LEU C 255 15.81 -20.48 14.94
CA LEU C 255 16.02 -19.38 14.01
C LEU C 255 14.85 -18.42 14.11
N LYS C 256 14.96 -17.45 15.01
CA LYS C 256 13.85 -16.56 15.34
C LYS C 256 13.93 -15.27 14.54
N GLU C 257 12.77 -14.73 14.19
CA GLU C 257 12.73 -13.34 13.74
C GLU C 257 13.10 -12.44 14.93
N VAL C 258 13.69 -11.29 14.64
CA VAL C 258 14.26 -10.44 15.69
C VAL C 258 13.96 -8.97 15.42
N THR C 259 13.63 -8.25 16.49
CA THR C 259 13.58 -6.80 16.53
C THR C 259 14.42 -6.34 17.70
N MET C 260 15.21 -5.28 17.50
CA MET C 260 16.03 -4.73 18.58
C MET C 260 16.00 -3.21 18.52
N GLU C 261 15.67 -2.60 19.66
CA GLU C 261 15.79 -1.16 19.88
C GLU C 261 16.90 -0.99 20.91
N LEU C 262 18.06 -0.50 20.49
CA LEU C 262 19.20 -0.40 21.37
C LEU C 262 19.50 1.08 21.65
N GLY C 263 20.63 1.35 22.26
CA GLY C 263 20.93 2.73 22.60
C GLY C 263 21.36 3.55 21.40
N GLY C 264 21.71 4.80 21.69
CA GLY C 264 22.24 5.71 20.70
C GLY C 264 23.17 6.74 21.28
N LYS C 265 23.76 7.53 20.38
CA LYS C 265 24.56 8.70 20.73
C LYS C 265 24.16 9.82 19.78
N SER C 266 22.90 10.19 19.85
CA SER C 266 22.25 10.94 18.78
C SER C 266 22.74 12.40 18.74
N PRO C 267 22.97 12.94 17.55
CA PRO C 267 23.40 14.34 17.44
C PRO C 267 22.25 15.33 17.26
N LEU C 268 22.39 16.46 17.94
CA LEU C 268 21.53 17.62 17.76
C LEU C 268 22.36 18.71 17.07
N ILE C 269 22.02 19.02 15.83
CA ILE C 269 22.78 20.00 15.06
C ILE C 269 22.05 21.34 15.10
N ILE C 270 22.72 22.34 15.65
CA ILE C 270 22.25 23.71 15.72
C ILE C 270 22.85 24.47 14.54
N ALA C 271 22.01 24.96 13.65
CA ALA C 271 22.48 25.72 12.50
C ALA C 271 22.86 27.14 12.90
N GLU C 272 23.68 27.77 12.04
CA GLU C 272 24.12 29.14 12.30
C GLU C 272 22.96 30.13 12.30
N ASP C 273 21.81 29.78 11.71
CA ASP C 273 20.67 30.69 11.68
C ASP C 273 19.62 30.32 12.72
N ALA C 274 19.96 29.44 13.65
CA ALA C 274 19.00 29.03 14.65
C ALA C 274 18.85 30.11 15.70
N ASN C 275 17.61 30.33 16.13
CA ASN C 275 17.37 31.05 17.37
C ASN C 275 17.96 30.27 18.54
N LEU C 276 18.85 30.88 19.30
CA LEU C 276 19.56 30.10 20.32
C LEU C 276 18.71 29.79 21.53
N ASP C 277 17.64 30.54 21.79
CA ASP C 277 16.71 30.19 22.86
C ASP C 277 15.95 28.90 22.52
N LEU C 278 15.47 28.79 21.29
CA LEU C 278 14.83 27.54 20.86
C LEU C 278 15.81 26.38 20.92
N ALA C 279 17.03 26.60 20.45
CA ALA C 279 18.05 25.55 20.43
C ALA C 279 18.37 25.07 21.83
N ALA C 280 18.49 26.00 22.79
CA ALA C 280 18.76 25.61 24.16
C ALA C 280 17.60 24.82 24.75
N ASP C 281 16.36 25.22 24.44
CA ASP C 281 15.18 24.50 24.92
C ASP C 281 15.12 23.09 24.35
N ILE C 282 15.44 22.94 23.07
CA ILE C 282 15.46 21.60 22.47
C ILE C 282 16.58 20.77 23.08
N ALA C 283 17.75 21.36 23.27
CA ALA C 283 18.86 20.63 23.88
C ALA C 283 18.52 20.17 25.29
N MET C 284 17.86 21.02 26.09
CA MET C 284 17.46 20.61 27.43
C MET C 284 16.50 19.42 27.38
N MET C 285 15.46 19.49 26.57
CA MET C 285 14.51 18.40 26.48
C MET C 285 15.15 17.16 25.91
N ALA C 286 16.18 17.31 25.09
CA ALA C 286 16.83 16.15 24.50
C ALA C 286 17.83 15.49 25.44
N ASN C 287 18.12 16.07 26.61
CA ASN C 287 19.15 15.54 27.49
C ASN C 287 18.72 15.21 28.91
N PHE C 288 17.70 15.89 29.45
CA PHE C 288 17.45 15.83 30.87
C PHE C 288 16.05 15.37 31.21
N TYR C 289 15.21 15.10 30.21
CA TYR C 289 13.95 14.42 30.50
C TYR C 289 14.28 13.03 31.02
N SER C 290 13.49 12.57 31.99
CA SER C 290 13.69 11.25 32.61
C SER C 290 15.11 11.09 33.12
N SER C 291 15.71 12.19 33.57
CA SER C 291 17.08 12.19 34.11
C SER C 291 18.07 11.61 33.11
N GLY C 292 17.85 11.85 31.82
CA GLY C 292 18.77 11.44 30.79
C GLY C 292 18.72 9.97 30.44
N GLN C 293 17.73 9.24 30.94
CA GLN C 293 17.66 7.81 30.70
C GLN C 293 16.72 7.51 29.53
N VAL C 294 17.08 8.01 28.36
CA VAL C 294 16.25 7.89 27.16
C VAL C 294 17.17 7.53 26.00
N CYS C 295 16.89 6.40 25.33
CA CYS C 295 17.79 5.94 24.27
C CYS C 295 17.94 6.96 23.16
N THR C 296 16.89 7.74 22.89
CA THR C 296 16.84 8.69 21.78
C THR C 296 17.47 10.04 22.10
N ASN C 297 18.11 10.21 23.27
CA ASN C 297 18.53 11.54 23.68
C ASN C 297 19.64 12.09 22.80
N GLY C 298 19.58 13.41 22.55
CA GLY C 298 20.56 14.12 21.75
C GLY C 298 21.74 14.59 22.59
N THR C 299 22.59 13.63 22.93
CA THR C 299 23.67 13.82 23.89
C THR C 299 24.95 14.40 23.28
N ARG C 300 25.01 14.55 21.95
CA ARG C 300 26.06 15.28 21.28
C ARG C 300 25.38 16.47 20.62
N VAL C 301 25.61 17.64 21.19
CA VAL C 301 25.00 18.89 20.75
C VAL C 301 26.05 19.66 19.98
N PHE C 302 25.84 19.81 18.69
CA PHE C 302 26.79 20.49 17.81
C PHE C 302 26.38 21.95 17.69
N VAL C 303 27.27 22.86 18.04
CA VAL C 303 26.96 24.28 18.00
C VAL C 303 28.05 25.01 17.21
N PRO C 304 27.69 25.97 16.36
CA PRO C 304 28.73 26.72 15.64
C PRO C 304 29.65 27.42 16.62
N ALA C 305 30.93 27.50 16.25
CA ALA C 305 31.92 28.11 17.13
C ALA C 305 31.51 29.52 17.53
N LYS C 306 31.05 30.30 16.55
CA LYS C 306 30.70 31.70 16.82
C LYS C 306 29.54 31.86 17.81
N PHE C 307 28.79 30.81 18.11
CA PHE C 307 27.67 30.89 19.03
C PHE C 307 27.89 30.09 20.31
N LYS C 308 29.02 29.40 20.45
CA LYS C 308 29.17 28.42 21.52
C LYS C 308 29.05 29.08 22.89
N ALA C 309 29.73 30.22 23.08
CA ALA C 309 29.72 30.88 24.39
C ALA C 309 28.32 31.35 24.78
N GLU C 310 27.62 32.01 23.85
CA GLU C 310 26.25 32.43 24.15
C GLU C 310 25.36 31.23 24.45
N PHE C 311 25.50 30.16 23.68
CA PHE C 311 24.70 28.96 23.92
C PHE C 311 25.00 28.35 25.29
N GLU C 312 26.27 28.26 25.67
CA GLU C 312 26.62 27.76 27.00
C GLU C 312 25.92 28.55 28.10
N HIS C 313 25.90 29.88 28.00
CA HIS C 313 25.19 30.68 29.01
C HIS C 313 23.72 30.32 29.05
N LYS C 314 23.07 30.19 27.88
CA LYS C 314 21.67 29.81 27.85
C LYS C 314 21.44 28.43 28.45
N ILE C 315 22.33 27.48 28.20
CA ILE C 315 22.17 26.17 28.83
C ILE C 315 22.25 26.30 30.35
N LEU C 316 23.23 27.06 30.85
CA LEU C 316 23.42 27.17 32.30
C LEU C 316 22.18 27.75 32.98
N GLU C 317 21.57 28.77 32.37
CA GLU C 317 20.36 29.36 32.92
C GLU C 317 19.23 28.33 33.03
N ARG C 318 19.03 27.52 31.99
CA ARG C 318 17.94 26.55 32.03
C ARG C 318 18.25 25.38 32.95
N VAL C 319 19.52 24.99 33.06
CA VAL C 319 19.89 23.96 34.05
C VAL C 319 19.56 24.46 35.45
N GLY C 320 19.75 25.76 35.69
CA GLY C 320 19.39 26.33 36.99
C GLY C 320 17.93 26.13 37.34
N ARG C 321 17.06 26.04 36.34
CA ARG C 321 15.64 25.89 36.59
C ARG C 321 15.22 24.46 36.90
N ILE C 322 16.07 23.47 36.64
CA ILE C 322 15.71 22.08 36.91
C ILE C 322 15.39 21.93 38.39
N ARG C 323 14.30 21.23 38.69
CA ARG C 323 13.73 21.16 40.04
C ARG C 323 13.66 19.69 40.47
N ALA C 324 14.69 19.27 41.19
CA ALA C 324 14.70 17.97 41.84
C ALA C 324 14.02 18.08 43.20
N GLY C 325 13.45 16.96 43.64
CA GLY C 325 12.73 16.93 44.91
C GLY C 325 11.75 15.78 44.94
N ASP C 326 10.73 15.93 45.79
CA ASP C 326 9.71 14.92 45.95
C ASP C 326 9.14 14.51 44.60
N LEU C 327 9.21 13.21 44.29
CA LEU C 327 8.77 12.77 42.98
C LEU C 327 7.26 12.90 42.78
N PHE C 328 6.49 13.01 43.85
CA PHE C 328 5.05 13.21 43.78
C PHE C 328 4.64 14.67 43.87
N ALA C 329 5.60 15.58 43.98
CA ALA C 329 5.29 16.99 43.97
C ALA C 329 5.04 17.45 42.54
N ASP C 330 4.14 18.42 42.40
CA ASP C 330 3.75 18.90 41.08
C ASP C 330 4.91 19.59 40.38
N ASP C 331 5.72 20.34 41.12
CA ASP C 331 6.79 21.12 40.53
C ASP C 331 8.04 20.30 40.20
N THR C 332 8.15 19.09 40.71
CA THR C 332 9.34 18.29 40.46
C THR C 332 9.39 17.83 39.01
N ASN C 333 10.53 18.04 38.35
CA ASN C 333 10.70 17.64 36.96
C ASN C 333 12.03 16.94 36.72
N PHE C 334 12.68 16.45 37.77
CA PHE C 334 13.93 15.72 37.67
C PHE C 334 13.96 14.68 38.77
N GLY C 335 14.38 13.47 38.44
CA GLY C 335 14.43 12.40 39.40
C GLY C 335 15.79 11.74 39.53
N PRO C 336 15.88 10.79 40.45
CA PRO C 336 17.12 10.02 40.58
C PRO C 336 17.22 9.05 39.43
N LEU C 337 18.41 8.46 39.29
CA LEU C 337 18.54 7.37 38.33
C LEU C 337 17.83 6.12 38.85
N VAL C 338 17.68 5.14 37.96
CA VAL C 338 16.79 4.01 38.21
C VAL C 338 17.32 3.09 39.29
N SER C 339 18.63 3.10 39.54
CA SER C 339 19.21 2.19 40.52
C SER C 339 20.55 2.75 40.95
N PHE C 340 21.09 2.19 42.02
CA PHE C 340 22.36 2.69 42.53
C PHE C 340 23.54 2.15 41.71
N PRO C 341 23.52 0.90 41.25
CA PRO C 341 24.56 0.46 40.30
C PRO C 341 24.61 1.27 39.01
N HIS C 342 23.46 1.75 38.51
CA HIS C 342 23.48 2.59 37.31
C HIS C 342 24.08 3.94 37.60
N ARG C 343 23.83 4.49 38.80
CA ARG C 343 24.49 5.74 39.15
C ARG C 343 26.00 5.59 39.16
N GLN C 344 26.50 4.47 39.67
CA GLN C 344 27.95 4.27 39.68
C GLN C 344 28.51 4.26 38.26
N ASN C 345 27.81 3.61 37.32
CA ASN C 345 28.29 3.64 35.95
C ASN C 345 28.29 5.06 35.39
N VAL C 346 27.25 5.83 35.69
CA VAL C 346 27.16 7.20 35.16
C VAL C 346 28.27 8.06 35.76
N LEU C 347 28.60 7.83 37.03
CA LEU C 347 29.68 8.59 37.65
C LEU C 347 31.03 8.28 37.01
N ARG C 348 31.25 7.02 36.64
CA ARG C 348 32.52 6.68 35.99
C ARG C 348 32.65 7.35 34.62
N TYR C 349 31.53 7.56 33.92
CA TYR C 349 31.61 8.32 32.68
C TYR C 349 31.94 9.77 32.95
N ILE C 350 31.36 10.34 34.00
CA ILE C 350 31.62 11.74 34.32
C ILE C 350 33.08 11.92 34.69
N GLU C 351 33.63 10.98 35.45
CA GLU C 351 35.03 11.09 35.81
C GLU C 351 35.93 10.89 34.61
N SER C 352 35.50 10.06 33.65
CA SER C 352 36.28 9.91 32.43
C SER C 352 36.30 11.20 31.64
N GLY C 353 35.20 11.97 31.69
CA GLY C 353 35.17 13.25 31.01
C GLY C 353 36.13 14.28 31.61
N LYS C 354 36.19 14.33 32.95
CA LYS C 354 37.16 15.22 33.60
C LYS C 354 38.59 14.78 33.29
N SER C 355 38.86 13.47 33.28
CA SER C 355 40.22 13.01 33.13
C SER C 355 40.74 13.15 31.70
N GLU C 356 39.85 13.26 30.71
CA GLU C 356 40.25 13.54 29.34
C GLU C 356 40.20 15.04 29.04
N GLY C 357 39.82 15.86 30.01
CA GLY C 357 39.94 17.29 29.88
C GLY C 357 38.71 18.00 29.34
N ALA C 358 37.58 17.33 29.21
CA ALA C 358 36.33 18.02 28.93
C ALA C 358 36.06 19.06 30.02
N ARG C 359 35.58 20.24 29.63
CA ARG C 359 35.29 21.28 30.61
C ARG C 359 33.91 21.05 31.21
N LEU C 360 33.88 20.96 32.54
CA LEU C 360 32.63 20.80 33.27
C LEU C 360 31.94 22.16 33.34
N LEU C 361 30.79 22.28 32.67
CA LEU C 361 30.06 23.54 32.70
C LEU C 361 29.16 23.63 33.95
N CYS C 362 28.51 22.54 34.31
CA CYS C 362 27.76 22.47 35.55
C CYS C 362 27.54 21.01 35.93
N GLY C 363 27.12 20.79 37.17
CA GLY C 363 26.87 19.46 37.66
C GLY C 363 28.15 18.65 37.87
N GLY C 364 28.04 17.35 37.62
CA GLY C 364 29.18 16.45 37.72
C GLY C 364 29.32 15.72 39.04
N ASP C 365 28.30 15.72 39.88
CA ASP C 365 28.40 15.16 41.22
C ASP C 365 27.01 14.67 41.63
N VAL C 366 26.97 13.89 42.70
CA VAL C 366 25.69 13.50 43.29
C VAL C 366 25.04 14.70 43.97
N LEU C 367 23.74 14.59 44.19
CA LEU C 367 23.02 15.56 45.01
C LEU C 367 23.09 15.13 46.48
N LYS C 368 23.25 16.12 47.36
CA LYS C 368 23.44 15.89 48.78
C LYS C 368 22.41 16.65 49.59
N GLY C 369 22.14 16.15 50.79
CA GLY C 369 21.24 16.80 51.73
C GLY C 369 20.05 15.93 52.07
N GLU C 370 19.25 16.44 52.98
CA GLU C 370 18.01 15.76 53.36
C GLU C 370 17.16 15.52 52.13
N GLY C 371 16.67 14.29 51.99
CA GLY C 371 15.83 13.94 50.87
C GLY C 371 16.57 13.67 49.58
N PHE C 372 17.91 13.63 49.61
CA PHE C 372 18.70 13.28 48.44
C PHE C 372 19.71 12.20 48.80
N ASP C 373 20.18 12.19 50.05
CA ASP C 373 21.26 11.30 50.45
C ASP C 373 20.87 9.82 50.38
N ASN C 374 19.57 9.51 50.29
CA ASN C 374 19.12 8.12 50.20
C ASN C 374 18.73 7.73 48.79
N GLY C 375 18.83 8.63 47.81
CA GLY C 375 18.42 8.33 46.46
C GLY C 375 19.58 8.29 45.49
N ALA C 376 19.41 7.59 44.36
CA ALA C 376 20.46 7.48 43.36
C ALA C 376 20.53 8.72 42.46
N TRP C 377 20.72 9.88 43.08
CA TRP C 377 20.68 11.17 42.37
C TRP C 377 22.02 11.52 41.75
N VAL C 378 21.97 11.99 40.50
CA VAL C 378 23.08 12.68 39.87
C VAL C 378 22.61 14.04 39.43
N ALA C 379 23.45 15.06 39.65
CA ALA C 379 23.14 16.40 39.21
C ALA C 379 23.11 16.46 37.68
N PRO C 380 22.22 17.29 37.10
CA PRO C 380 22.29 17.56 35.66
C PRO C 380 23.67 18.08 35.31
N THR C 381 24.31 17.44 34.34
CA THR C 381 25.71 17.65 34.05
C THR C 381 25.88 18.04 32.59
N VAL C 382 26.68 19.06 32.35
CA VAL C 382 26.99 19.51 30.99
C VAL C 382 28.50 19.58 30.84
N PHE C 383 29.02 18.89 29.85
CA PHE C 383 30.42 19.05 29.44
C PHE C 383 30.47 19.88 28.18
N THR C 384 31.48 20.75 28.09
CA THR C 384 31.71 21.49 26.86
C THR C 384 33.18 21.38 26.47
N ASP C 385 33.53 22.05 25.36
CA ASP C 385 34.83 21.90 24.72
C ASP C 385 35.10 20.44 24.34
N CYS C 386 34.04 19.72 23.98
CA CYS C 386 34.15 18.27 23.76
C CYS C 386 34.64 17.97 22.34
N THR C 387 35.27 16.80 22.20
CA THR C 387 35.85 16.38 20.93
C THR C 387 35.42 14.95 20.63
N ASP C 388 35.51 14.59 19.35
CA ASP C 388 34.87 13.37 18.83
C ASP C 388 35.45 12.09 19.40
N ASP C 389 36.68 12.11 19.91
CA ASP C 389 37.36 10.93 20.42
C ASP C 389 37.16 10.69 21.91
N MET C 390 36.56 11.63 22.64
CA MET C 390 36.37 11.45 24.08
C MET C 390 35.44 10.28 24.35
N THR C 391 35.64 9.63 25.50
CA THR C 391 34.77 8.53 25.90
C THR C 391 33.33 9.00 26.10
N ILE C 392 33.13 10.16 26.73
CA ILE C 392 31.77 10.63 26.96
C ILE C 392 31.10 11.04 25.67
N VAL C 393 31.85 11.26 24.60
CA VAL C 393 31.24 11.60 23.32
C VAL C 393 31.00 10.35 22.48
N ARG C 394 31.82 9.30 22.67
CA ARG C 394 31.74 8.12 21.83
C ARG C 394 30.74 7.08 22.36
N GLU C 395 30.53 7.02 23.66
CA GLU C 395 29.75 5.95 24.28
C GLU C 395 28.47 6.51 24.90
N GLU C 396 27.43 5.68 24.87
CA GLU C 396 26.17 6.06 25.50
C GLU C 396 26.29 5.97 27.01
N ILE C 397 25.92 7.05 27.69
CA ILE C 397 26.01 7.13 29.14
C ILE C 397 24.68 6.76 29.80
N PHE C 398 23.56 7.17 29.21
CA PHE C 398 22.24 6.87 29.73
C PHE C 398 22.03 7.55 31.08
N GLY C 399 22.59 8.75 31.19
CA GLY C 399 22.44 9.58 32.35
C GLY C 399 22.31 11.03 31.93
N PRO C 400 22.15 11.89 32.91
CA PRO C 400 21.93 13.33 32.63
C PRO C 400 23.24 14.06 32.33
N VAL C 401 23.87 13.72 31.21
CA VAL C 401 25.18 14.25 30.84
C VAL C 401 25.11 14.73 29.39
N MET C 402 25.14 16.04 29.18
CA MET C 402 25.13 16.64 27.86
C MET C 402 26.55 16.97 27.45
N SER C 403 26.89 16.68 26.19
CA SER C 403 28.20 17.06 25.63
C SER C 403 28.01 18.07 24.52
N ILE C 404 28.72 19.20 24.62
CA ILE C 404 28.63 20.29 23.66
C ILE C 404 29.91 20.32 22.83
N LEU C 405 29.76 20.27 21.51
CA LEU C 405 30.86 20.21 20.55
C LEU C 405 30.77 21.38 19.58
N SER C 406 31.86 22.11 19.41
CA SER C 406 31.92 23.20 18.46
CA SER C 406 31.91 23.20 18.46
C SER C 406 32.13 22.67 17.04
N TYR C 407 31.60 23.41 16.05
CA TYR C 407 31.88 23.09 14.66
C TYR C 407 31.92 24.36 13.82
N ASP C 408 32.54 24.25 12.63
CA ASP C 408 32.74 25.37 11.72
C ASP C 408 31.82 25.38 10.50
N ASP C 409 31.54 24.25 9.86
CA ASP C 409 30.79 24.29 8.59
C ASP C 409 29.91 23.06 8.43
N GLU C 410 28.95 23.17 7.51
CA GLU C 410 27.87 22.20 7.40
C GLU C 410 28.40 20.82 7.01
N ALA C 411 29.25 20.76 5.98
CA ALA C 411 29.81 19.49 5.55
C ALA C 411 30.52 18.78 6.70
N GLU C 412 31.29 19.53 7.49
CA GLU C 412 32.04 18.93 8.58
C GLU C 412 31.11 18.32 9.62
N VAL C 413 30.07 19.08 10.03
CA VAL C 413 29.22 18.59 11.11
C VAL C 413 28.44 17.36 10.66
N ILE C 414 28.11 17.27 9.38
CA ILE C 414 27.44 16.05 8.89
C ILE C 414 28.37 14.86 8.99
N ARG C 415 29.64 15.02 8.61
CA ARG C 415 30.59 13.92 8.71
C ARG C 415 30.72 13.43 10.15
N ARG C 416 30.84 14.38 11.08
CA ARG C 416 31.09 14.04 12.48
C ARG C 416 29.84 13.47 13.13
N ALA C 417 28.68 14.02 12.81
CA ALA C 417 27.43 13.43 13.30
C ALA C 417 27.32 11.97 12.90
N ASN C 418 27.67 11.65 11.65
CA ASN C 418 27.53 10.31 11.12
C ASN C 418 28.66 9.37 11.50
N ALA C 419 29.76 9.86 12.08
CA ALA C 419 30.95 9.04 12.28
C ALA C 419 30.84 8.34 13.63
N THR C 420 30.00 7.32 13.66
CA THR C 420 29.68 6.58 14.88
C THR C 420 29.03 5.27 14.45
N GLU C 421 29.12 4.27 15.33
CA GLU C 421 28.40 3.01 15.11
C GLU C 421 26.93 3.12 15.50
N TYR C 422 26.57 4.13 16.28
CA TYR C 422 25.20 4.35 16.69
C TYR C 422 24.42 5.03 15.56
N GLY C 423 23.10 4.87 15.61
CA GLY C 423 22.29 5.36 14.52
C GLY C 423 20.85 5.64 14.90
N LEU C 424 20.54 5.92 16.16
CA LEU C 424 19.15 5.90 16.57
C LEU C 424 18.41 7.15 16.11
N ALA C 425 18.80 8.33 16.61
CA ALA C 425 18.05 9.56 16.40
C ALA C 425 18.97 10.68 15.93
N ALA C 426 18.36 11.76 15.48
CA ALA C 426 19.11 12.97 15.14
C ALA C 426 18.14 14.13 15.06
N GLY C 427 18.69 15.34 15.08
CA GLY C 427 17.86 16.51 14.91
C GLY C 427 18.65 17.70 14.43
N VAL C 428 17.92 18.67 13.87
CA VAL C 428 18.51 19.91 13.39
C VAL C 428 17.59 21.04 13.82
N VAL C 429 18.19 22.17 14.20
CA VAL C 429 17.49 23.40 14.52
C VAL C 429 17.87 24.43 13.47
N THR C 430 16.91 24.84 12.66
CA THR C 430 17.16 25.80 11.59
C THR C 430 15.83 26.30 11.06
N PRO C 431 15.69 27.60 10.81
CA PRO C 431 14.45 28.09 10.19
C PRO C 431 14.44 27.98 8.67
N ASP C 432 15.55 27.54 8.06
CA ASP C 432 15.73 27.55 6.62
C ASP C 432 15.16 26.26 6.03
N LEU C 433 14.27 26.41 5.03
CA LEU C 433 13.67 25.25 4.37
C LEU C 433 14.73 24.32 3.76
N ASN C 434 15.60 24.87 2.91
CA ASN C 434 16.58 24.03 2.23
C ASN C 434 17.55 23.39 3.21
N ARG C 435 18.05 24.14 4.19
CA ARG C 435 19.03 23.59 5.12
C ARG C 435 18.44 22.46 5.95
N ALA C 436 17.19 22.60 6.39
CA ALA C 436 16.60 21.61 7.27
C ALA C 436 16.50 20.25 6.59
N HIS C 437 15.88 20.21 5.40
CA HIS C 437 15.72 18.93 4.72
C HIS C 437 17.05 18.42 4.20
N ARG C 438 17.87 19.31 3.64
CA ARG C 438 19.14 18.90 3.07
C ARG C 438 20.03 18.21 4.10
N ILE C 439 20.09 18.76 5.31
CA ILE C 439 20.92 18.14 6.35
C ILE C 439 20.31 16.82 6.80
N ILE C 440 19.01 16.83 7.09
CA ILE C 440 18.37 15.65 7.63
C ILE C 440 18.51 14.48 6.66
N HIS C 441 18.44 14.75 5.36
CA HIS C 441 18.51 13.67 4.38
C HIS C 441 19.87 12.99 4.39
N GLN C 442 20.89 13.65 4.91
CA GLN C 442 22.24 13.09 4.93
C GLN C 442 22.62 12.44 6.26
N LEU C 443 21.79 12.51 7.29
CA LEU C 443 22.15 11.94 8.58
C LEU C 443 21.76 10.47 8.61
N GLU C 444 22.60 9.66 9.25
CA GLU C 444 22.40 8.21 9.31
C GLU C 444 21.73 7.87 10.64
N ALA C 445 20.42 8.07 10.68
CA ALA C 445 19.60 7.81 11.85
C ALA C 445 18.18 7.57 11.38
N GLY C 446 17.46 6.73 12.13
CA GLY C 446 16.11 6.32 11.75
C GLY C 446 15.02 7.27 12.22
N ILE C 447 15.36 8.13 13.18
CA ILE C 447 14.43 9.04 13.83
C ILE C 447 15.00 10.44 13.76
N CYS C 448 14.32 11.36 13.06
CA CYS C 448 14.87 12.68 12.80
C CYS C 448 13.86 13.78 13.14
N TRP C 449 14.28 14.72 13.96
CA TRP C 449 13.45 15.84 14.39
C TRP C 449 13.98 17.15 13.82
N ILE C 450 13.09 17.92 13.21
CA ILE C 450 13.40 19.27 12.76
C ILE C 450 12.72 20.26 13.69
N ASN C 451 13.53 21.05 14.38
CA ASN C 451 13.09 22.09 15.32
C ASN C 451 12.22 21.51 16.43
N SER C 452 12.60 20.34 16.93
CA SER C 452 11.91 19.72 18.05
CA SER C 452 11.90 19.71 18.04
C SER C 452 12.75 18.56 18.53
N TRP C 453 12.24 17.85 19.52
CA TRP C 453 12.87 16.62 19.98
C TRP C 453 11.85 15.79 20.72
N GLY C 454 11.91 14.49 20.52
CA GLY C 454 11.31 13.58 21.45
C GLY C 454 9.91 13.09 21.11
N GLU C 455 9.19 13.73 20.21
CA GLU C 455 7.83 13.27 19.96
C GLU C 455 7.86 12.02 19.09
N SER C 456 7.13 11.00 19.53
CA SER C 456 7.15 9.67 18.89
C SER C 456 5.71 9.20 18.66
N PRO C 457 5.04 9.75 17.67
CA PRO C 457 3.64 9.37 17.41
C PRO C 457 3.48 7.89 17.09
N ALA C 458 2.30 7.36 17.43
CA ALA C 458 2.00 5.95 17.15
C ALA C 458 2.13 5.62 15.66
N GLU C 459 1.84 6.60 14.79
CA GLU C 459 1.89 6.40 13.34
C GLU C 459 3.31 6.32 12.78
N MET C 460 4.32 6.69 13.58
CA MET C 460 5.66 6.96 13.06
C MET C 460 6.60 5.80 13.42
N PRO C 461 7.10 5.04 12.44
CA PRO C 461 8.07 3.99 12.75
C PRO C 461 9.35 4.56 13.35
N VAL C 462 9.84 3.88 14.38
CA VAL C 462 11.05 4.32 15.09
C VAL C 462 11.98 3.14 15.27
N GLY C 463 13.26 3.40 15.07
CA GLY C 463 14.29 2.43 15.34
C GLY C 463 15.60 2.91 14.74
N GLY C 464 16.62 2.09 14.92
CA GLY C 464 17.98 2.52 14.65
C GLY C 464 18.60 2.01 13.37
N TYR C 465 19.49 2.83 12.82
CA TYR C 465 20.49 2.42 11.87
C TYR C 465 21.66 1.74 12.58
N LYS C 466 22.50 1.08 11.78
CA LYS C 466 23.82 0.56 12.19
C LYS C 466 23.65 -0.21 13.49
N HIS C 467 24.43 0.05 14.52
CA HIS C 467 24.41 -0.79 15.71
C HIS C 467 23.30 -0.43 16.68
N SER C 468 22.47 0.58 16.37
CA SER C 468 21.40 0.97 17.26
C SER C 468 20.14 0.14 17.11
N GLY C 469 20.05 -0.79 16.16
CA GLY C 469 18.96 -1.74 16.21
C GLY C 469 18.74 -2.49 14.93
N ILE C 470 17.72 -3.35 14.99
CA ILE C 470 17.19 -4.13 13.89
C ILE C 470 15.69 -3.93 13.88
N GLY C 471 15.13 -3.60 12.73
CA GLY C 471 13.69 -3.48 12.65
C GLY C 471 13.19 -2.16 13.22
N ARG C 472 11.87 -2.07 13.34
CA ARG C 472 11.22 -0.84 13.77
C ARG C 472 10.11 -1.14 14.75
N GLU C 473 9.68 -0.10 15.46
CA GLU C 473 8.46 -0.13 16.24
C GLU C 473 7.54 1.01 15.81
N ASN C 474 6.25 0.81 16.07
CA ASN C 474 5.17 1.74 15.74
C ASN C 474 4.99 1.83 14.22
N GLY C 475 3.98 2.57 13.79
CA GLY C 475 3.62 2.63 12.39
C GLY C 475 2.90 1.38 11.90
N VAL C 476 2.31 1.50 10.72
CA VAL C 476 1.63 0.36 10.11
CA VAL C 476 1.63 0.36 10.11
C VAL C 476 2.61 -0.78 9.86
N MET C 477 3.85 -0.45 9.49
CA MET C 477 4.80 -1.51 9.14
C MET C 477 5.07 -2.45 10.31
N THR C 478 4.96 -1.97 11.54
CA THR C 478 5.26 -2.86 12.65
C THR C 478 4.14 -3.85 12.89
N LEU C 479 2.89 -3.48 12.58
CA LEU C 479 1.81 -4.47 12.61
C LEU C 479 2.13 -5.59 11.63
N GLN C 480 2.62 -5.24 10.44
CA GLN C 480 2.92 -6.25 9.45
C GLN C 480 4.13 -7.11 9.83
N SER C 481 5.09 -6.53 10.56
CA SER C 481 6.30 -7.26 10.97
C SER C 481 6.03 -8.28 12.07
N TYR C 482 4.87 -8.24 12.72
CA TYR C 482 4.45 -9.30 13.62
C TYR C 482 3.55 -10.32 12.94
N THR C 483 3.47 -10.31 11.61
CA THR C 483 2.89 -11.40 10.85
C THR C 483 3.97 -12.00 9.97
N GLN C 484 3.72 -13.19 9.46
CA GLN C 484 4.57 -13.78 8.44
C GLN C 484 3.76 -14.06 7.19
N VAL C 485 4.40 -13.88 6.04
CA VAL C 485 3.72 -13.94 4.75
C VAL C 485 3.69 -15.38 4.27
N LYS C 486 2.50 -15.85 3.92
CA LYS C 486 2.32 -17.14 3.27
C LYS C 486 1.82 -16.87 1.87
N SER C 487 2.57 -17.32 0.87
CA SER C 487 2.19 -17.21 -0.53
C SER C 487 1.53 -18.51 -1.00
N ILE C 488 0.37 -18.37 -1.65
CA ILE C 488 -0.44 -19.50 -2.10
C ILE C 488 -0.69 -19.36 -3.59
N GLN C 489 -0.22 -20.33 -4.36
CA GLN C 489 -0.47 -20.37 -5.79
C GLN C 489 -1.60 -21.37 -6.08
N VAL C 490 -2.63 -20.91 -6.76
CA VAL C 490 -3.71 -21.76 -7.24
C VAL C 490 -3.43 -22.02 -8.71
N GLU C 491 -3.12 -23.26 -9.05
CA GLU C 491 -2.89 -23.65 -10.44
C GLU C 491 -4.15 -24.36 -10.94
N MET C 492 -4.83 -23.74 -11.89
CA MET C 492 -6.04 -24.30 -12.47
C MET C 492 -5.80 -24.93 -13.84
N GLY C 493 -4.60 -24.81 -14.40
CA GLY C 493 -4.28 -25.46 -15.65
C GLY C 493 -3.70 -26.84 -15.41
N PRO C 494 -3.52 -27.61 -16.49
CA PRO C 494 -2.91 -28.94 -16.36
C PRO C 494 -1.45 -28.83 -15.93
N PHE C 495 -1.09 -29.57 -14.90
CA PHE C 495 0.30 -29.58 -14.45
C PHE C 495 1.15 -30.42 -15.38
N GLN C 496 2.29 -29.88 -15.79
CA GLN C 496 3.20 -30.54 -16.71
C GLN C 496 4.43 -31.03 -15.95
N SER C 497 4.65 -32.33 -15.99
CA SER C 497 5.87 -32.94 -15.48
C SER C 497 6.82 -33.22 -16.64
N ILE C 498 8.11 -32.98 -16.42
CA ILE C 498 9.12 -33.31 -17.42
C ILE C 498 9.55 -34.77 -17.35
N PHE C 499 9.03 -35.54 -16.40
CA PHE C 499 9.36 -36.96 -16.25
C PHE C 499 8.25 -37.85 -16.83
N MET D 13 1.34 17.87 -46.68
CA MET D 13 1.56 16.43 -46.53
C MET D 13 0.38 15.66 -47.12
N ALA D 14 0.47 14.33 -47.05
CA ALA D 14 -0.59 13.47 -47.51
C ALA D 14 -1.84 13.64 -46.64
N GLU D 15 -2.99 13.36 -47.23
CA GLU D 15 -4.26 13.42 -46.49
C GLU D 15 -4.27 12.35 -45.40
N GLN D 16 -4.30 12.78 -44.15
CA GLN D 16 -4.16 11.87 -43.02
C GLN D 16 -5.46 11.12 -42.77
N GLN D 17 -5.34 9.84 -42.43
CA GLN D 17 -6.48 8.95 -42.27
C GLN D 17 -6.66 8.59 -40.79
N LEU D 18 -7.71 7.82 -40.51
CA LEU D 18 -7.88 7.23 -39.19
C LEU D 18 -6.91 6.06 -39.00
N TYR D 19 -6.73 5.66 -37.75
CA TYR D 19 -5.90 4.51 -37.42
C TYR D 19 -6.74 3.54 -36.58
N ILE D 20 -7.14 2.42 -37.19
CA ILE D 20 -8.02 1.44 -36.56
C ILE D 20 -7.49 0.03 -36.82
N HIS D 21 -7.35 -0.75 -35.76
CA HIS D 21 -6.87 -2.12 -35.86
C HIS D 21 -5.54 -2.21 -36.61
N GLY D 22 -4.63 -1.33 -36.26
CA GLY D 22 -3.25 -1.48 -36.71
C GLY D 22 -3.00 -1.10 -38.15
N LYS D 23 -3.87 -0.31 -38.76
CA LYS D 23 -3.61 0.20 -40.10
C LYS D 23 -4.33 1.53 -40.28
N PHE D 24 -3.84 2.32 -41.22
CA PHE D 24 -4.54 3.53 -41.61
C PHE D 24 -5.75 3.16 -42.45
N VAL D 25 -6.88 3.78 -42.15
CA VAL D 25 -8.12 3.46 -42.84
C VAL D 25 -8.85 4.75 -43.17
N ALA D 26 -9.57 4.73 -44.29
CA ALA D 26 -10.40 5.85 -44.66
C ALA D 26 -11.57 5.97 -43.69
N ALA D 27 -11.88 7.22 -43.30
CA ALA D 27 -13.08 7.51 -42.53
C ALA D 27 -14.34 7.24 -43.35
N THR D 28 -15.36 6.72 -42.66
CA THR D 28 -16.67 6.48 -43.27
C THR D 28 -17.63 7.63 -43.00
N SER D 29 -17.10 8.83 -42.75
CA SER D 29 -17.92 10.00 -42.57
C SER D 29 -18.06 10.81 -43.84
N GLY D 30 -17.10 10.69 -44.75
CA GLY D 30 -17.03 11.58 -45.89
C GLY D 30 -16.72 13.02 -45.53
N LYS D 31 -16.30 13.28 -44.30
CA LYS D 31 -15.96 14.62 -43.83
C LYS D 31 -14.47 14.72 -43.59
N THR D 32 -13.92 15.92 -43.77
CA THR D 32 -12.51 16.18 -43.51
C THR D 32 -12.35 17.56 -42.87
N PHE D 33 -11.14 17.83 -42.39
CA PHE D 33 -10.81 19.13 -41.84
C PHE D 33 -9.34 19.40 -42.10
N GLU D 34 -8.94 20.66 -41.91
CA GLU D 34 -7.58 21.09 -42.16
C GLU D 34 -6.94 21.50 -40.84
N THR D 35 -5.63 21.26 -40.74
CA THR D 35 -4.85 21.77 -39.63
C THR D 35 -3.82 22.75 -40.18
N ILE D 36 -3.76 23.92 -39.55
CA ILE D 36 -3.02 25.07 -40.04
C ILE D 36 -1.68 25.13 -39.31
N ASN D 37 -0.61 25.46 -40.06
CA ASN D 37 0.67 25.75 -39.41
C ASN D 37 0.56 27.16 -38.81
N PRO D 38 0.59 27.32 -37.48
CA PRO D 38 0.34 28.64 -36.91
C PRO D 38 1.42 29.67 -37.18
N ALA D 39 2.59 29.25 -37.67
CA ALA D 39 3.65 30.22 -37.98
C ALA D 39 3.50 30.84 -39.37
N THR D 40 2.77 30.19 -40.29
CA THR D 40 2.65 30.66 -41.67
C THR D 40 1.21 30.85 -42.14
N GLY D 41 0.23 30.28 -41.45
CA GLY D 41 -1.14 30.31 -41.92
C GLY D 41 -1.45 29.27 -42.98
N GLU D 42 -0.43 28.61 -43.54
CA GLU D 42 -0.62 27.59 -44.57
C GLU D 42 -1.29 26.35 -43.98
N VAL D 43 -1.91 25.56 -44.87
CA VAL D 43 -2.46 24.28 -44.46
C VAL D 43 -1.34 23.25 -44.38
N LEU D 44 -1.26 22.55 -43.24
CA LEU D 44 -0.28 21.48 -43.08
C LEU D 44 -0.73 20.20 -43.75
N ALA D 45 -1.99 19.83 -43.57
CA ALA D 45 -2.50 18.56 -44.06
C ALA D 45 -4.02 18.58 -43.95
N THR D 46 -4.65 17.77 -44.79
CA THR D 46 -6.07 17.47 -44.66
C THR D 46 -6.24 16.16 -43.91
N VAL D 47 -7.16 16.14 -42.97
CA VAL D 47 -7.33 15.02 -42.05
C VAL D 47 -8.78 14.54 -42.13
N GLN D 48 -8.95 13.23 -42.28
CA GLN D 48 -10.29 12.65 -42.27
C GLN D 48 -10.86 12.64 -40.86
N ALA D 49 -12.19 12.78 -40.77
CA ALA D 49 -12.89 12.95 -39.51
C ALA D 49 -13.74 11.71 -39.22
N ALA D 50 -13.56 11.13 -38.05
CA ALA D 50 -14.30 9.92 -37.69
C ALA D 50 -15.76 10.25 -37.40
N GLY D 51 -16.66 9.50 -38.01
CA GLY D 51 -18.08 9.63 -37.74
C GLY D 51 -18.54 8.59 -36.74
N ARG D 52 -19.86 8.45 -36.63
CA ARG D 52 -20.44 7.54 -35.66
C ARG D 52 -20.10 6.09 -35.97
N GLU D 53 -20.11 5.72 -37.27
CA GLU D 53 -19.72 4.38 -37.67
C GLU D 53 -18.22 4.13 -37.44
N ASP D 54 -17.40 5.15 -37.62
CA ASP D 54 -15.97 4.98 -37.37
C ASP D 54 -15.71 4.69 -35.90
N VAL D 55 -16.47 5.33 -35.00
CA VAL D 55 -16.31 5.08 -33.58
C VAL D 55 -16.73 3.66 -33.22
N ASP D 56 -17.86 3.21 -33.77
CA ASP D 56 -18.30 1.84 -33.51
C ASP D 56 -17.31 0.83 -34.06
N ARG D 57 -16.73 1.11 -35.24
CA ARG D 57 -15.68 0.24 -35.77
C ARG D 57 -14.45 0.24 -34.86
N ALA D 58 -14.05 1.42 -34.37
CA ALA D 58 -12.92 1.49 -33.47
C ALA D 58 -13.17 0.71 -32.19
N VAL D 59 -14.40 0.75 -31.69
CA VAL D 59 -14.72 0.08 -30.44
C VAL D 59 -14.67 -1.42 -30.62
N LYS D 60 -15.22 -1.90 -31.73
CA LYS D 60 -15.19 -3.34 -31.96
C LYS D 60 -13.76 -3.81 -32.15
N SER D 61 -12.96 -3.02 -32.86
CA SER D 61 -11.54 -3.34 -32.97
C SER D 61 -10.88 -3.35 -31.58
N ALA D 62 -11.19 -2.36 -30.74
CA ALA D 62 -10.56 -2.27 -29.43
C ALA D 62 -10.96 -3.45 -28.55
N GLN D 63 -12.23 -3.89 -28.64
CA GLN D 63 -12.67 -5.02 -27.83
C GLN D 63 -11.90 -6.28 -28.18
N GLN D 64 -11.67 -6.50 -29.46
CA GLN D 64 -10.87 -7.64 -29.91
C GLN D 64 -9.41 -7.52 -29.50
N GLY D 65 -8.81 -6.34 -29.66
CA GLY D 65 -7.43 -6.17 -29.25
C GLY D 65 -7.23 -6.25 -27.73
N GLN D 66 -8.20 -5.76 -26.97
CA GLN D 66 -8.03 -5.72 -25.52
C GLN D 66 -7.94 -7.13 -24.94
N LYS D 67 -8.72 -8.06 -25.50
CA LYS D 67 -8.67 -9.45 -25.03
C LYS D 67 -7.30 -10.07 -25.26
N VAL D 68 -6.72 -9.85 -26.43
CA VAL D 68 -5.36 -10.33 -26.69
C VAL D 68 -4.38 -9.70 -25.71
N TRP D 69 -4.49 -8.38 -25.54
CA TRP D 69 -3.57 -7.64 -24.67
C TRP D 69 -3.68 -8.10 -23.22
N ALA D 70 -4.91 -8.21 -22.69
CA ALA D 70 -5.07 -8.60 -21.29
C ALA D 70 -4.65 -10.05 -21.04
N ALA D 71 -4.74 -10.91 -22.04
CA ALA D 71 -4.35 -12.30 -21.88
C ALA D 71 -2.83 -12.49 -21.80
N MET D 72 -2.04 -11.54 -22.30
CA MET D 72 -0.60 -11.64 -22.16
C MET D 72 -0.20 -11.61 -20.67
N SER D 73 1.05 -11.99 -20.38
CA SER D 73 1.58 -11.80 -19.04
C SER D 73 1.82 -10.33 -18.78
N ALA D 74 1.95 -9.96 -17.51
CA ALA D 74 2.26 -8.58 -17.18
C ALA D 74 3.59 -8.15 -17.77
N MET D 75 4.61 -9.01 -17.69
CA MET D 75 5.92 -8.66 -18.24
C MET D 75 5.90 -8.60 -19.76
N ALA D 76 5.08 -9.42 -20.42
CA ALA D 76 4.96 -9.30 -21.87
C ALA D 76 4.44 -7.91 -22.26
N ARG D 77 3.43 -7.41 -21.52
CA ARG D 77 2.97 -6.03 -21.75
C ARG D 77 4.05 -5.03 -21.43
N SER D 78 4.75 -5.23 -20.31
CA SER D 78 5.82 -4.31 -19.94
CA SER D 78 5.82 -4.31 -19.94
C SER D 78 6.84 -4.18 -21.06
N ARG D 79 7.25 -5.30 -21.64
CA ARG D 79 8.30 -5.25 -22.65
C ARG D 79 7.85 -4.52 -23.90
N ILE D 80 6.59 -4.69 -24.28
CA ILE D 80 6.10 -4.01 -25.47
C ILE D 80 6.10 -2.50 -25.25
N LEU D 81 5.64 -2.03 -24.09
CA LEU D 81 5.62 -0.60 -23.85
C LEU D 81 7.03 -0.04 -23.79
N ARG D 82 7.96 -0.80 -23.20
CA ARG D 82 9.36 -0.36 -23.17
CA ARG D 82 9.36 -0.38 -23.17
C ARG D 82 9.96 -0.27 -24.57
N LYS D 83 9.57 -1.16 -25.49
CA LYS D 83 10.04 -1.03 -26.87
C LYS D 83 9.52 0.24 -27.51
N ALA D 84 8.27 0.60 -27.21
CA ALA D 84 7.73 1.86 -27.70
C ALA D 84 8.55 3.04 -27.18
N VAL D 85 8.95 2.99 -25.90
CA VAL D 85 9.80 4.02 -25.32
C VAL D 85 11.09 4.15 -26.12
N ASP D 86 11.73 3.03 -26.41
CA ASP D 86 13.00 3.08 -27.14
C ASP D 86 12.82 3.70 -28.50
N ILE D 87 11.68 3.42 -29.18
CA ILE D 87 11.43 4.05 -30.47
C ILE D 87 11.23 5.54 -30.30
N LEU D 88 10.50 5.94 -29.26
CA LEU D 88 10.22 7.36 -29.05
C LEU D 88 11.51 8.13 -28.81
N ARG D 89 12.41 7.57 -28.00
CA ARG D 89 13.70 8.22 -27.77
C ARG D 89 14.45 8.39 -29.09
N GLU D 90 14.55 7.33 -29.87
CA GLU D 90 15.30 7.38 -31.12
C GLU D 90 14.73 8.44 -32.07
N ARG D 91 13.40 8.57 -32.12
CA ARG D 91 12.74 9.46 -33.05
C ARG D 91 12.37 10.79 -32.44
N ASN D 92 13.02 11.16 -31.33
CA ASN D 92 12.64 12.36 -30.60
C ASN D 92 12.69 13.59 -31.50
N ASP D 93 13.78 13.75 -32.25
CA ASP D 93 13.94 14.97 -33.03
C ASP D 93 12.95 15.03 -34.19
N GLU D 94 12.73 13.91 -34.85
CA GLU D 94 11.73 13.83 -35.91
C GLU D 94 10.33 14.16 -35.38
N LEU D 95 9.91 13.52 -34.29
CA LEU D 95 8.59 13.80 -33.76
C LEU D 95 8.48 15.24 -33.30
N ALA D 96 9.55 15.79 -32.72
CA ALA D 96 9.50 17.15 -32.21
C ALA D 96 9.27 18.16 -33.33
N ARG D 97 9.88 17.93 -34.49
CA ARG D 97 9.71 18.86 -35.61
C ARG D 97 8.26 18.88 -36.07
N LEU D 98 7.64 17.71 -36.21
CA LEU D 98 6.23 17.65 -36.57
C LEU D 98 5.38 18.36 -35.52
N GLU D 99 5.73 18.23 -34.25
CA GLU D 99 4.98 18.91 -33.21
C GLU D 99 5.10 20.42 -33.35
N THR D 100 6.30 20.91 -33.66
CA THR D 100 6.50 22.34 -33.84
C THR D 100 5.66 22.89 -34.99
N LEU D 101 5.59 22.17 -36.11
CA LEU D 101 4.79 22.63 -37.25
C LEU D 101 3.31 22.69 -36.90
N ASP D 102 2.82 21.73 -36.11
CA ASP D 102 1.39 21.61 -35.82
C ASP D 102 0.95 22.58 -34.72
N THR D 103 1.81 22.81 -33.73
CA THR D 103 1.47 23.60 -32.54
C THR D 103 2.04 25.00 -32.55
N GLY D 104 3.17 25.22 -33.22
CA GLY D 104 3.84 26.49 -33.13
C GLY D 104 4.75 26.66 -31.93
N LYS D 105 4.92 25.62 -31.14
CA LYS D 105 5.91 25.67 -30.06
C LYS D 105 7.32 25.58 -30.62
N PRO D 106 8.25 26.39 -30.11
CA PRO D 106 9.63 26.32 -30.62
C PRO D 106 10.20 24.91 -30.51
N LEU D 107 11.05 24.55 -31.48
CA LEU D 107 11.78 23.30 -31.40
C LEU D 107 12.60 23.19 -30.12
N SER D 108 13.11 24.32 -29.62
CA SER D 108 13.87 24.27 -28.38
C SER D 108 13.03 23.69 -27.24
N GLU D 109 11.71 23.85 -27.29
CA GLU D 109 10.85 23.21 -26.31
C GLU D 109 10.51 21.76 -26.71
N THR D 110 10.03 21.56 -27.94
CA THR D 110 9.43 20.28 -28.30
C THR D 110 10.46 19.16 -28.30
N ALA D 111 11.69 19.45 -28.70
CA ALA D 111 12.73 18.43 -28.73
C ALA D 111 13.25 18.08 -27.35
N ALA D 112 12.93 18.89 -26.34
CA ALA D 112 13.48 18.74 -25.01
C ALA D 112 12.43 18.33 -23.97
N VAL D 113 11.15 18.58 -24.23
CA VAL D 113 10.08 18.36 -23.25
C VAL D 113 9.01 17.42 -23.79
N ASP D 114 8.43 17.74 -24.95
CA ASP D 114 7.16 17.12 -25.35
C ASP D 114 7.27 15.60 -25.43
N ILE D 115 8.26 15.11 -26.18
CA ILE D 115 8.37 13.65 -26.29
C ILE D 115 9.15 13.08 -25.12
N VAL D 116 10.14 13.81 -24.60
CA VAL D 116 10.92 13.29 -23.47
C VAL D 116 10.01 12.93 -22.29
N THR D 117 9.15 13.87 -21.88
CA THR D 117 8.32 13.62 -20.70
C THR D 117 7.11 12.74 -21.01
N GLY D 118 6.65 12.75 -22.26
CA GLY D 118 5.70 11.73 -22.66
C GLY D 118 6.27 10.33 -22.50
N ALA D 119 7.49 10.13 -23.02
CA ALA D 119 8.09 8.81 -22.98
C ALA D 119 8.39 8.43 -21.54
N ASP D 120 8.76 9.41 -20.71
CA ASP D 120 9.09 9.15 -19.31
C ASP D 120 7.92 8.50 -18.59
N VAL D 121 6.71 8.96 -18.90
CA VAL D 121 5.53 8.43 -18.23
C VAL D 121 5.20 7.03 -18.75
N LEU D 122 5.33 6.83 -20.06
CA LEU D 122 5.19 5.48 -20.60
C LEU D 122 6.22 4.55 -19.97
N GLU D 123 7.46 5.01 -19.85
CA GLU D 123 8.50 4.20 -19.26
C GLU D 123 8.19 3.87 -17.81
N TYR D 124 7.70 4.84 -17.05
CA TYR D 124 7.35 4.59 -15.65
C TYR D 124 6.26 3.54 -15.53
N TYR D 125 5.19 3.67 -16.32
CA TYR D 125 4.08 2.74 -16.18
C TYR D 125 4.43 1.36 -16.68
N ALA D 126 5.28 1.27 -17.71
CA ALA D 126 5.74 -0.04 -18.17
C ALA D 126 6.31 -0.86 -17.03
N GLY D 127 7.09 -0.20 -16.16
CA GLY D 127 7.72 -0.92 -15.05
C GLY D 127 6.79 -1.30 -13.92
N LEU D 128 5.66 -0.61 -13.79
CA LEU D 128 4.74 -0.87 -12.68
C LEU D 128 3.75 -1.98 -12.96
N ILE D 129 3.58 -2.41 -14.23
CA ILE D 129 2.56 -3.41 -14.56
C ILE D 129 2.66 -4.63 -13.65
N PRO D 130 3.84 -5.23 -13.44
CA PRO D 130 3.91 -6.42 -12.57
C PRO D 130 3.56 -6.15 -11.10
N ALA D 131 3.53 -4.90 -10.66
CA ALA D 131 3.21 -4.59 -9.27
C ALA D 131 1.74 -4.28 -9.05
N LEU D 132 0.93 -4.28 -10.10
CA LEU D 132 -0.52 -4.07 -9.99
C LEU D 132 -1.15 -5.31 -9.35
N GLU D 133 -1.59 -5.16 -8.10
CA GLU D 133 -2.03 -6.27 -7.27
C GLU D 133 -3.37 -5.95 -6.63
N GLY D 134 -4.19 -6.99 -6.47
CA GLY D 134 -5.36 -6.94 -5.61
C GLY D 134 -5.02 -7.28 -4.17
N SER D 135 -6.06 -7.51 -3.37
CA SER D 135 -5.90 -7.75 -1.95
CA SER D 135 -5.95 -7.72 -1.94
C SER D 135 -6.57 -9.07 -1.56
N GLN D 136 -6.26 -9.51 -0.33
CA GLN D 136 -6.87 -10.69 0.26
C GLN D 136 -7.20 -10.35 1.71
N ILE D 137 -8.45 -10.60 2.11
CA ILE D 137 -8.91 -10.28 3.44
C ILE D 137 -9.52 -11.52 4.08
N PRO D 138 -8.94 -12.07 5.15
CA PRO D 138 -9.64 -13.14 5.88
C PRO D 138 -10.82 -12.59 6.67
N LEU D 139 -11.95 -13.30 6.61
CA LEU D 139 -13.12 -12.94 7.42
C LEU D 139 -13.25 -13.80 8.66
N ARG D 140 -12.98 -15.09 8.51
CA ARG D 140 -13.09 -16.11 9.55
C ARG D 140 -12.43 -17.36 8.97
N ASP D 141 -12.27 -18.38 9.80
CA ASP D 141 -11.57 -19.58 9.34
C ASP D 141 -12.22 -20.13 8.08
N SER D 142 -13.52 -19.95 7.91
CA SER D 142 -14.24 -20.61 6.82
C SER D 142 -14.60 -19.71 5.64
N SER D 143 -14.16 -18.45 5.64
CA SER D 143 -14.45 -17.56 4.51
C SER D 143 -13.36 -16.52 4.35
N PHE D 144 -13.04 -16.20 3.10
CA PHE D 144 -12.15 -15.07 2.86
C PHE D 144 -12.58 -14.36 1.58
N VAL D 145 -12.05 -13.16 1.44
CA VAL D 145 -12.30 -12.30 0.29
C VAL D 145 -10.97 -12.02 -0.40
N TYR D 146 -10.99 -12.00 -1.73
CA TYR D 146 -9.87 -11.48 -2.49
C TYR D 146 -10.40 -10.57 -3.58
N THR D 147 -9.56 -9.66 -4.01
CA THR D 147 -9.95 -8.68 -5.02
C THR D 147 -9.08 -8.82 -6.23
N ARG D 148 -9.64 -8.59 -7.40
CA ARG D 148 -8.88 -8.50 -8.64
C ARG D 148 -8.95 -7.06 -9.13
N ARG D 149 -7.84 -6.56 -9.67
CA ARG D 149 -7.84 -5.25 -10.33
C ARG D 149 -7.97 -5.54 -11.83
N GLU D 150 -9.18 -5.45 -12.34
CA GLU D 150 -9.48 -5.86 -13.70
C GLU D 150 -9.45 -4.67 -14.66
N PRO D 151 -9.06 -4.88 -15.91
CA PRO D 151 -9.16 -3.80 -16.89
C PRO D 151 -10.60 -3.32 -17.00
N LEU D 152 -10.75 -2.02 -17.24
CA LEU D 152 -12.06 -1.49 -17.60
C LEU D 152 -12.55 -2.02 -18.93
N GLY D 153 -11.64 -2.29 -19.86
CA GLY D 153 -12.00 -2.75 -21.18
C GLY D 153 -11.52 -1.78 -22.24
N VAL D 154 -12.48 -1.08 -22.85
CA VAL D 154 -12.21 -0.03 -23.81
C VAL D 154 -12.42 1.31 -23.11
N VAL D 155 -11.41 2.18 -23.18
CA VAL D 155 -11.50 3.53 -22.63
C VAL D 155 -11.16 4.49 -23.76
N ALA D 156 -11.61 5.73 -23.60
CA ALA D 156 -11.38 6.78 -24.58
C ALA D 156 -10.65 7.95 -23.94
N GLY D 157 -9.68 8.48 -24.65
CA GLY D 157 -9.01 9.72 -24.28
C GLY D 157 -9.30 10.80 -25.30
N ILE D 158 -9.58 12.00 -24.81
CA ILE D 158 -9.77 13.16 -25.65
C ILE D 158 -8.67 14.14 -25.27
N GLY D 159 -7.80 14.45 -26.22
CA GLY D 159 -6.62 15.23 -25.96
C GLY D 159 -6.81 16.70 -26.26
N ALA D 160 -5.90 17.51 -25.73
CA ALA D 160 -5.88 18.94 -25.99
C ALA D 160 -4.80 19.27 -27.00
N TRP D 161 -4.75 20.53 -27.41
CA TRP D 161 -3.88 20.92 -28.50
C TRP D 161 -2.55 21.50 -28.05
N ASN D 162 -2.36 21.79 -26.76
CA ASN D 162 -1.13 22.46 -26.37
C ASN D 162 0.06 21.49 -26.28
N TYR D 163 -0.14 20.25 -25.80
CA TYR D 163 0.93 19.26 -25.72
C TYR D 163 0.42 17.97 -26.35
N PRO D 164 0.29 17.94 -27.68
CA PRO D 164 -0.48 16.84 -28.31
C PRO D 164 0.07 15.46 -27.97
N ILE D 165 1.36 15.21 -28.22
CA ILE D 165 1.86 13.85 -28.07
C ILE D 165 2.06 13.51 -26.59
N GLN D 166 2.47 14.48 -25.78
CA GLN D 166 2.63 14.23 -24.36
C GLN D 166 1.31 13.81 -23.73
N ILE D 167 0.24 14.52 -24.06
CA ILE D 167 -1.09 14.16 -23.56
C ILE D 167 -1.49 12.78 -24.05
N ALA D 168 -1.23 12.47 -25.32
CA ALA D 168 -1.49 11.13 -25.83
C ALA D 168 -0.73 10.08 -25.03
N LEU D 169 0.51 10.37 -24.63
CA LEU D 169 1.26 9.39 -23.85
C LEU D 169 0.77 9.31 -22.41
N TRP D 170 0.44 10.45 -21.80
CA TRP D 170 0.01 10.43 -20.41
C TRP D 170 -1.34 9.74 -20.25
N LYS D 171 -2.19 9.79 -21.27
CA LYS D 171 -3.46 9.07 -21.18
C LYS D 171 -3.31 7.61 -21.57
N SER D 172 -2.60 7.31 -22.65
CA SER D 172 -2.54 5.94 -23.14
C SER D 172 -1.63 5.07 -22.29
N ALA D 173 -0.59 5.64 -21.68
CA ALA D 173 0.35 4.81 -20.92
C ALA D 173 -0.30 4.14 -19.73
N PRO D 174 -0.97 4.83 -18.81
CA PRO D 174 -1.62 4.11 -17.72
C PRO D 174 -2.74 3.19 -18.22
N ALA D 175 -3.47 3.63 -19.25
CA ALA D 175 -4.57 2.83 -19.76
C ALA D 175 -4.10 1.50 -20.31
N LEU D 176 -3.12 1.52 -21.21
CA LEU D 176 -2.55 0.30 -21.75
C LEU D 176 -1.84 -0.50 -20.66
N ALA D 177 -1.14 0.17 -19.76
CA ALA D 177 -0.43 -0.57 -18.72
C ALA D 177 -1.42 -1.32 -17.82
N ALA D 178 -2.62 -0.78 -17.64
CA ALA D 178 -3.63 -1.42 -16.83
C ALA D 178 -4.37 -2.52 -17.59
N GLY D 179 -4.03 -2.76 -18.85
CA GLY D 179 -4.64 -3.82 -19.62
C GLY D 179 -5.82 -3.42 -20.48
N ASN D 180 -6.09 -2.13 -20.64
CA ASN D 180 -7.17 -1.68 -21.49
C ASN D 180 -6.71 -1.40 -22.91
N ALA D 181 -7.68 -1.33 -23.81
CA ALA D 181 -7.46 -0.67 -25.09
C ALA D 181 -7.95 0.76 -24.97
N MET D 182 -7.26 1.67 -25.65
CA MET D 182 -7.66 3.07 -25.69
C MET D 182 -7.98 3.48 -27.11
N ILE D 183 -9.08 4.21 -27.27
CA ILE D 183 -9.39 4.97 -28.48
C ILE D 183 -9.07 6.43 -28.18
N PHE D 184 -8.11 7.01 -28.90
CA PHE D 184 -7.66 8.38 -28.66
C PHE D 184 -8.16 9.33 -29.74
N LYS D 185 -8.80 10.41 -29.32
CA LYS D 185 -9.20 11.49 -30.22
C LYS D 185 -8.30 12.68 -29.98
N PRO D 186 -7.36 12.99 -30.86
CA PRO D 186 -6.57 14.20 -30.69
C PRO D 186 -7.39 15.44 -30.99
N SER D 187 -6.90 16.57 -30.52
CA SER D 187 -7.54 17.83 -30.85
C SER D 187 -7.49 18.06 -32.36
N GLU D 188 -8.59 18.60 -32.88
CA GLU D 188 -8.65 18.92 -34.30
C GLU D 188 -7.60 19.95 -34.70
N VAL D 189 -7.18 20.78 -33.75
CA VAL D 189 -6.11 21.75 -34.00
C VAL D 189 -4.80 21.05 -34.32
N THR D 190 -4.52 19.92 -33.66
CA THR D 190 -3.19 19.30 -33.69
C THR D 190 -3.30 17.77 -33.70
N PRO D 191 -3.73 17.20 -34.82
CA PRO D 191 -3.95 15.74 -34.86
C PRO D 191 -2.77 14.89 -35.28
N LEU D 192 -1.66 15.49 -35.73
CA LEU D 192 -0.70 14.75 -36.53
C LEU D 192 0.19 13.82 -35.70
N THR D 193 0.68 14.26 -34.54
CA THR D 193 1.60 13.39 -33.82
C THR D 193 0.89 12.19 -33.22
N ALA D 194 -0.40 12.31 -32.92
CA ALA D 194 -1.12 11.17 -32.37
C ALA D 194 -1.09 10.00 -33.34
N LEU D 195 -1.10 10.29 -34.62
CA LEU D 195 -1.10 9.23 -35.62
C LEU D 195 0.27 8.59 -35.75
N LYS D 196 1.33 9.37 -35.59
CA LYS D 196 2.67 8.81 -35.53
C LYS D 196 2.79 7.86 -34.35
N LEU D 197 2.22 8.22 -33.21
CA LEU D 197 2.32 7.37 -32.03
C LEU D 197 1.65 6.02 -32.28
N ALA D 198 0.48 6.03 -32.92
CA ALA D 198 -0.19 4.75 -33.21
C ALA D 198 0.72 3.83 -34.02
N GLU D 199 1.43 4.38 -35.01
CA GLU D 199 2.39 3.58 -35.77
C GLU D 199 3.52 3.07 -34.89
N ILE D 200 4.03 3.91 -34.01
CA ILE D 200 5.13 3.52 -33.14
C ILE D 200 4.69 2.38 -32.21
N TYR D 201 3.49 2.47 -31.67
CA TYR D 201 2.98 1.39 -30.82
C TYR D 201 2.89 0.06 -31.59
N ARG D 202 2.36 0.10 -32.81
CA ARG D 202 2.27 -1.14 -33.57
C ARG D 202 3.65 -1.71 -33.84
N GLU D 203 4.59 -0.84 -34.21
CA GLU D 203 5.97 -1.29 -34.41
C GLU D 203 6.54 -1.95 -33.16
N ALA D 204 6.17 -1.43 -31.98
CA ALA D 204 6.68 -1.98 -30.73
C ALA D 204 6.05 -3.33 -30.39
N GLY D 205 5.01 -3.74 -31.10
CA GLY D 205 4.36 -5.00 -30.86
C GLY D 205 3.02 -4.92 -30.18
N LEU D 206 2.50 -3.72 -29.98
CA LEU D 206 1.17 -3.59 -29.43
C LEU D 206 0.16 -4.31 -30.33
N PRO D 207 -0.70 -5.18 -29.79
CA PRO D 207 -1.69 -5.87 -30.64
C PRO D 207 -2.64 -4.89 -31.32
N ASP D 208 -3.06 -5.27 -32.52
CA ASP D 208 -3.97 -4.43 -33.30
C ASP D 208 -5.25 -4.17 -32.52
N GLY D 209 -5.73 -2.93 -32.59
CA GLY D 209 -6.92 -2.50 -31.87
C GLY D 209 -6.64 -1.93 -30.49
N VAL D 210 -5.45 -2.12 -29.94
CA VAL D 210 -5.24 -1.66 -28.57
C VAL D 210 -5.06 -0.15 -28.48
N PHE D 211 -4.53 0.50 -29.53
CA PHE D 211 -4.48 1.96 -29.55
C PHE D 211 -4.92 2.44 -30.93
N ASN D 212 -6.18 2.86 -31.00
CA ASN D 212 -6.80 3.39 -32.20
C ASN D 212 -6.90 4.91 -32.07
N VAL D 213 -6.66 5.61 -33.18
CA VAL D 213 -6.65 7.07 -33.19
C VAL D 213 -7.72 7.55 -34.18
N LEU D 214 -8.59 8.42 -33.70
CA LEU D 214 -9.74 8.93 -34.46
C LEU D 214 -9.72 10.46 -34.49
N PRO D 215 -8.99 11.06 -35.42
CA PRO D 215 -9.09 12.51 -35.57
C PRO D 215 -10.52 12.89 -35.91
N GLY D 216 -10.90 14.10 -35.55
CA GLY D 216 -12.22 14.60 -35.90
C GLY D 216 -12.51 15.89 -35.19
N ILE D 217 -13.80 16.25 -35.18
CA ILE D 217 -14.28 17.44 -34.48
C ILE D 217 -14.84 17.04 -33.12
N GLY D 218 -14.59 17.87 -32.11
CA GLY D 218 -15.07 17.56 -30.76
C GLY D 218 -16.57 17.55 -30.68
N ALA D 219 -17.22 18.45 -31.44
CA ALA D 219 -18.67 18.46 -31.49
C ALA D 219 -19.22 17.15 -32.03
N GLU D 220 -18.50 16.49 -32.94
CA GLU D 220 -18.96 15.20 -33.45
C GLU D 220 -18.22 14.02 -32.84
N THR D 221 -16.93 13.87 -33.18
CA THR D 221 -16.24 12.63 -32.84
C THR D 221 -16.19 12.42 -31.34
N GLY D 222 -15.83 13.48 -30.60
CA GLY D 222 -15.79 13.37 -29.16
C GLY D 222 -17.14 13.01 -28.57
N GLN D 223 -18.19 13.66 -29.03
CA GLN D 223 -19.52 13.30 -28.56
C GLN D 223 -19.84 11.84 -28.83
N TYR D 224 -19.48 11.33 -30.02
CA TYR D 224 -19.80 9.93 -30.31
C TYR D 224 -19.01 8.97 -29.41
N LEU D 225 -17.82 9.38 -28.95
CA LEU D 225 -17.08 8.56 -27.99
C LEU D 225 -17.76 8.56 -26.63
N THR D 226 -18.16 9.74 -26.15
CA THR D 226 -18.79 9.84 -24.84
C THR D 226 -20.13 9.12 -24.80
N GLU D 227 -20.80 8.96 -25.93
CA GLU D 227 -22.12 8.32 -25.98
C GLU D 227 -22.07 6.82 -26.23
N HIS D 228 -20.94 6.27 -26.60
CA HIS D 228 -20.92 4.87 -26.99
C HIS D 228 -21.11 3.96 -25.78
N PRO D 229 -22.04 2.99 -25.84
CA PRO D 229 -22.36 2.21 -24.62
C PRO D 229 -21.29 1.22 -24.20
N ASP D 230 -20.33 0.88 -25.08
CA ASP D 230 -19.34 -0.13 -24.78
C ASP D 230 -17.99 0.47 -24.39
N ILE D 231 -17.93 1.78 -24.20
CA ILE D 231 -16.73 2.45 -23.71
C ILE D 231 -16.93 2.67 -22.21
N ALA D 232 -15.95 2.23 -21.41
CA ALA D 232 -16.14 2.20 -19.97
C ALA D 232 -15.63 3.44 -19.24
N LYS D 233 -14.77 4.25 -19.85
CA LYS D 233 -14.21 5.43 -19.19
C LYS D 233 -13.80 6.43 -20.25
N ILE D 234 -13.95 7.71 -19.91
CA ILE D 234 -13.51 8.83 -20.74
C ILE D 234 -12.49 9.64 -19.95
N SER D 235 -11.34 9.92 -20.56
CA SER D 235 -10.38 10.84 -19.98
C SER D 235 -10.26 12.04 -20.91
N PHE D 236 -10.56 13.22 -20.38
CA PHE D 236 -10.66 14.44 -21.15
C PHE D 236 -9.70 15.50 -20.61
N THR D 237 -9.02 16.20 -21.50
CA THR D 237 -8.18 17.34 -21.16
C THR D 237 -8.58 18.51 -22.04
N GLY D 238 -8.84 19.65 -21.43
CA GLY D 238 -9.28 20.83 -22.17
C GLY D 238 -9.69 21.94 -21.23
N GLY D 239 -10.56 22.84 -21.72
CA GLY D 239 -11.01 23.96 -20.93
C GLY D 239 -12.23 23.61 -20.08
N VAL D 240 -12.42 24.42 -19.03
CA VAL D 240 -13.46 24.12 -18.06
C VAL D 240 -14.81 24.01 -18.74
N ALA D 241 -15.12 24.96 -19.63
CA ALA D 241 -16.42 24.94 -20.30
C ALA D 241 -16.61 23.66 -21.12
N SER D 242 -15.60 23.30 -21.92
CA SER D 242 -15.69 22.09 -22.74
C SER D 242 -15.83 20.84 -21.87
N GLY D 243 -15.15 20.81 -20.73
CA GLY D 243 -15.26 19.66 -19.85
C GLY D 243 -16.67 19.43 -19.34
N LYS D 244 -17.38 20.52 -19.02
CA LYS D 244 -18.73 20.39 -18.47
C LYS D 244 -19.68 19.74 -19.47
N LYS D 245 -19.54 20.05 -20.76
CA LYS D 245 -20.36 19.37 -21.76
C LYS D 245 -20.01 17.89 -21.88
N VAL D 246 -18.72 17.57 -21.87
CA VAL D 246 -18.28 16.19 -22.00
C VAL D 246 -18.83 15.36 -20.84
N MET D 247 -18.67 15.88 -19.61
CA MET D 247 -18.97 15.10 -18.41
C MET D 247 -20.45 14.76 -18.32
N ALA D 248 -21.32 15.70 -18.74
CA ALA D 248 -22.76 15.45 -18.77
C ALA D 248 -23.08 14.29 -19.70
N ASN D 249 -22.62 14.37 -20.96
CA ASN D 249 -22.98 13.36 -21.94
C ASN D 249 -22.51 11.97 -21.53
N SER D 250 -21.35 11.88 -20.86
CA SER D 250 -20.88 10.59 -20.36
C SER D 250 -21.74 10.07 -19.23
N ALA D 251 -22.72 10.85 -18.78
CA ALA D 251 -23.75 10.40 -17.86
C ALA D 251 -25.06 10.10 -18.57
N ALA D 252 -25.58 11.06 -19.35
CA ALA D 252 -26.90 10.94 -19.95
C ALA D 252 -26.99 9.77 -20.93
N SER D 253 -25.87 9.28 -21.43
CA SER D 253 -25.86 8.20 -22.43
C SER D 253 -25.57 6.85 -21.82
N SER D 254 -24.41 6.70 -21.19
CA SER D 254 -24.03 5.47 -20.53
C SER D 254 -23.13 5.84 -19.37
N LEU D 255 -23.24 5.09 -18.28
CA LEU D 255 -22.58 5.48 -17.04
C LEU D 255 -21.10 5.13 -17.15
N LYS D 256 -20.29 6.14 -17.45
CA LYS D 256 -18.87 5.98 -17.64
C LYS D 256 -18.13 6.59 -16.46
N GLU D 257 -17.06 5.92 -16.03
CA GLU D 257 -16.06 6.57 -15.19
C GLU D 257 -15.42 7.71 -15.97
N VAL D 258 -15.01 8.77 -15.26
CA VAL D 258 -14.51 9.97 -15.93
C VAL D 258 -13.30 10.50 -15.19
N THR D 259 -12.33 11.01 -15.97
CA THR D 259 -11.23 11.84 -15.49
C THR D 259 -11.19 13.10 -16.36
N MET D 260 -11.03 14.24 -15.73
CA MET D 260 -10.94 15.51 -16.43
C MET D 260 -9.78 16.32 -15.89
N GLU D 261 -8.94 16.82 -16.79
CA GLU D 261 -7.85 17.76 -16.50
C GLU D 261 -8.20 19.06 -17.20
N LEU D 262 -8.75 20.01 -16.47
CA LEU D 262 -9.28 21.22 -17.05
C LEU D 262 -8.30 22.37 -16.82
N GLY D 263 -8.75 23.60 -17.09
CA GLY D 263 -7.92 24.77 -16.93
C GLY D 263 -7.76 25.22 -15.50
N GLY D 264 -7.07 26.34 -15.34
CA GLY D 264 -6.92 26.93 -14.01
C GLY D 264 -6.56 28.40 -14.06
N LYS D 265 -6.55 29.06 -12.93
CA LYS D 265 -5.99 30.43 -12.79
C LYS D 265 -5.05 30.29 -11.59
N SER D 266 -3.98 29.53 -11.76
CA SER D 266 -3.11 29.16 -10.63
C SER D 266 -2.38 30.37 -9.99
N PRO D 267 -2.33 30.48 -8.65
CA PRO D 267 -1.58 31.59 -8.03
C PRO D 267 -0.13 31.24 -7.76
N LEU D 268 0.74 32.23 -7.97
CA LEU D 268 2.14 32.19 -7.60
C LEU D 268 2.35 33.22 -6.49
N ILE D 269 2.63 32.75 -5.28
CA ILE D 269 2.73 33.60 -4.11
C ILE D 269 4.19 33.84 -3.82
N ILE D 270 4.61 35.09 -3.89
CA ILE D 270 5.97 35.50 -3.57
C ILE D 270 5.96 36.03 -2.15
N ALA D 271 6.75 35.42 -1.27
CA ALA D 271 6.78 35.80 0.14
C ALA D 271 7.66 37.03 0.35
N GLU D 272 7.57 37.57 1.57
CA GLU D 272 8.34 38.77 1.91
C GLU D 272 9.84 38.50 1.92
N ASP D 273 10.25 37.32 2.36
CA ASP D 273 11.67 36.97 2.39
C ASP D 273 12.18 36.35 1.09
N ALA D 274 11.42 36.46 -0.01
CA ALA D 274 11.82 35.83 -1.25
C ALA D 274 12.93 36.63 -1.94
N ASN D 275 13.87 35.92 -2.54
CA ASN D 275 14.79 36.56 -3.48
C ASN D 275 14.04 36.92 -4.76
N LEU D 276 14.17 38.17 -5.20
CA LEU D 276 13.33 38.63 -6.30
C LEU D 276 13.86 38.23 -7.66
N ASP D 277 15.15 37.88 -7.76
CA ASP D 277 15.66 37.26 -8.98
C ASP D 277 15.05 35.87 -9.17
N LEU D 278 15.02 35.06 -8.10
CA LEU D 278 14.40 33.75 -8.16
C LEU D 278 12.90 33.87 -8.45
N ALA D 279 12.22 34.76 -7.73
CA ALA D 279 10.79 34.93 -7.93
C ALA D 279 10.49 35.34 -9.37
N ALA D 280 11.27 36.28 -9.91
CA ALA D 280 11.08 36.72 -11.28
C ALA D 280 11.34 35.60 -12.28
N ASP D 281 12.36 34.78 -12.04
CA ASP D 281 12.60 33.62 -12.91
C ASP D 281 11.44 32.64 -12.87
N ILE D 282 10.96 32.31 -11.66
CA ILE D 282 9.84 31.39 -11.51
C ILE D 282 8.61 31.95 -12.22
N ALA D 283 8.37 33.25 -12.05
CA ALA D 283 7.20 33.88 -12.66
C ALA D 283 7.30 33.88 -14.18
N MET D 284 8.51 34.06 -14.72
CA MET D 284 8.69 34.01 -16.16
C MET D 284 8.37 32.61 -16.68
N MET D 285 8.87 31.58 -16.01
CA MET D 285 8.65 30.22 -16.46
C MET D 285 7.20 29.79 -16.25
N ALA D 286 6.52 30.37 -15.28
CA ALA D 286 5.13 30.04 -15.00
C ALA D 286 4.16 30.73 -15.95
N ASN D 287 4.64 31.63 -16.82
CA ASN D 287 3.73 32.42 -17.64
C ASN D 287 4.00 32.37 -19.14
N PHE D 288 5.25 32.25 -19.55
CA PHE D 288 5.59 32.48 -20.96
C PHE D 288 6.12 31.25 -21.66
N TYR D 289 6.27 30.14 -20.97
CA TYR D 289 6.62 28.89 -21.63
C TYR D 289 5.47 28.43 -22.51
N SER D 290 5.81 27.85 -23.66
CA SER D 290 4.80 27.44 -24.65
C SER D 290 3.86 28.59 -24.99
N SER D 291 4.41 29.80 -25.01
CA SER D 291 3.68 31.04 -25.28
C SER D 291 2.48 31.21 -24.36
N GLY D 292 2.62 30.75 -23.12
CA GLY D 292 1.56 30.87 -22.14
C GLY D 292 0.39 29.92 -22.32
N GLN D 293 0.52 28.88 -23.13
CA GLN D 293 -0.57 27.94 -23.39
C GLN D 293 -0.40 26.67 -22.55
N VAL D 294 -0.47 26.85 -21.23
CA VAL D 294 -0.27 25.76 -20.27
C VAL D 294 -1.32 25.89 -19.17
N CYS D 295 -2.06 24.80 -18.90
CA CYS D 295 -3.17 24.90 -17.95
C CYS D 295 -2.69 25.20 -16.53
N THR D 296 -1.46 24.81 -16.19
CA THR D 296 -0.91 24.97 -14.85
C THR D 296 -0.22 26.30 -14.64
N ASN D 297 -0.28 27.19 -15.62
CA ASN D 297 0.46 28.49 -15.55
C ASN D 297 0.06 29.32 -14.33
N GLY D 298 1.04 29.93 -13.66
CA GLY D 298 0.81 30.78 -12.51
C GLY D 298 0.52 32.20 -12.95
N THR D 299 -0.67 32.39 -13.54
CA THR D 299 -1.09 33.65 -14.18
C THR D 299 -1.41 34.75 -13.21
N ARG D 300 -1.74 34.41 -11.98
CA ARG D 300 -1.94 35.39 -10.92
C ARG D 300 -0.69 35.38 -10.04
N VAL D 301 0.12 36.42 -10.15
CA VAL D 301 1.37 36.53 -9.40
C VAL D 301 1.15 37.51 -8.25
N PHE D 302 1.12 36.98 -7.03
CA PHE D 302 0.91 37.80 -5.84
C PHE D 302 2.26 38.24 -5.28
N VAL D 303 2.46 39.55 -5.17
CA VAL D 303 3.75 40.06 -4.71
C VAL D 303 3.51 41.03 -3.54
N PRO D 304 4.36 41.03 -2.51
CA PRO D 304 4.20 42.03 -1.44
C PRO D 304 4.27 43.43 -2.02
N ALA D 305 3.39 44.30 -1.53
CA ALA D 305 3.37 45.67 -2.01
C ALA D 305 4.74 46.32 -1.84
N LYS D 306 5.45 45.99 -0.76
CA LYS D 306 6.75 46.58 -0.49
C LYS D 306 7.78 46.26 -1.57
N PHE D 307 7.59 45.17 -2.31
CA PHE D 307 8.53 44.78 -3.36
C PHE D 307 7.98 44.93 -4.77
N LYS D 308 6.76 45.42 -4.92
CA LYS D 308 6.11 45.44 -6.23
C LYS D 308 6.98 46.10 -7.29
N ALA D 309 7.47 47.31 -7.01
CA ALA D 309 8.20 48.07 -8.03
C ALA D 309 9.46 47.34 -8.47
N GLU D 310 10.18 46.75 -7.54
CA GLU D 310 11.40 46.01 -7.87
C GLU D 310 11.06 44.77 -8.70
N PHE D 311 10.05 44.01 -8.28
CA PHE D 311 9.66 42.84 -9.04
C PHE D 311 9.23 43.22 -10.45
N GLU D 312 8.49 44.32 -10.60
CA GLU D 312 8.10 44.78 -11.93
C GLU D 312 9.33 45.05 -12.79
N HIS D 313 10.34 45.71 -12.24
CA HIS D 313 11.56 45.97 -13.01
C HIS D 313 12.23 44.67 -13.43
N LYS D 314 12.31 43.71 -12.52
CA LYS D 314 12.97 42.45 -12.88
C LYS D 314 12.19 41.67 -13.93
N ILE D 315 10.85 41.77 -13.91
CA ILE D 315 10.04 41.12 -14.93
C ILE D 315 10.29 41.74 -16.30
N LEU D 316 10.36 43.07 -16.38
CA LEU D 316 10.57 43.74 -17.66
C LEU D 316 11.95 43.43 -18.22
N GLU D 317 12.97 43.34 -17.35
CA GLU D 317 14.28 42.93 -17.81
C GLU D 317 14.24 41.55 -18.47
N ARG D 318 13.56 40.60 -17.83
CA ARG D 318 13.54 39.25 -18.37
C ARG D 318 12.65 39.15 -19.60
N VAL D 319 11.55 39.91 -19.65
CA VAL D 319 10.71 39.90 -20.83
C VAL D 319 11.48 40.41 -22.05
N GLY D 320 12.46 41.30 -21.83
CA GLY D 320 13.25 41.80 -22.93
C GLY D 320 14.19 40.77 -23.54
N ARG D 321 14.55 39.73 -22.79
CA ARG D 321 15.38 38.65 -23.30
C ARG D 321 14.62 37.64 -24.12
N ILE D 322 13.28 37.70 -24.14
CA ILE D 322 12.49 36.70 -24.86
C ILE D 322 12.77 36.83 -26.35
N ARG D 323 12.98 35.67 -27.00
CA ARG D 323 13.45 35.62 -28.39
C ARG D 323 12.39 34.91 -29.24
N ALA D 324 11.56 35.70 -29.89
CA ALA D 324 10.66 35.17 -30.89
C ALA D 324 11.37 35.13 -32.24
N GLY D 325 11.02 34.14 -33.05
CA GLY D 325 11.61 34.05 -34.38
C GLY D 325 11.36 32.69 -35.01
N ASP D 326 12.28 32.31 -35.90
CA ASP D 326 12.23 31.03 -36.57
C ASP D 326 12.09 29.90 -35.57
N LEU D 327 11.02 29.12 -35.67
CA LEU D 327 10.76 28.14 -34.63
C LEU D 327 11.76 26.99 -34.64
N PHE D 328 12.53 26.82 -35.70
CA PHE D 328 13.56 25.79 -35.75
C PHE D 328 14.95 26.32 -35.38
N ALA D 329 15.07 27.61 -35.09
CA ALA D 329 16.32 28.21 -34.64
C ALA D 329 16.59 27.84 -33.18
N ASP D 330 17.88 27.68 -32.86
CA ASP D 330 18.30 27.22 -31.54
C ASP D 330 17.96 28.22 -30.44
N ASP D 331 18.11 29.50 -30.72
CA ASP D 331 17.89 30.50 -29.68
C ASP D 331 16.42 30.92 -29.52
N THR D 332 15.54 30.57 -30.47
CA THR D 332 14.13 30.89 -30.31
C THR D 332 13.54 30.18 -29.09
N ASN D 333 12.84 30.95 -28.24
CA ASN D 333 12.18 30.38 -27.06
C ASN D 333 10.76 30.91 -26.87
N PHE D 334 10.19 31.56 -27.87
CA PHE D 334 8.82 32.06 -27.81
C PHE D 334 8.20 31.83 -29.18
N GLY D 335 6.97 31.29 -29.19
CA GLY D 335 6.31 30.97 -30.43
C GLY D 335 4.97 31.65 -30.61
N PRO D 336 4.37 31.47 -31.78
CA PRO D 336 3.01 31.95 -32.00
C PRO D 336 2.00 31.12 -31.23
N LEU D 337 0.79 31.64 -31.13
CA LEU D 337 -0.27 30.83 -30.55
C LEU D 337 -0.70 29.75 -31.55
N VAL D 338 -1.46 28.79 -31.05
CA VAL D 338 -1.72 27.59 -31.83
C VAL D 338 -2.59 27.85 -33.05
N SER D 339 -3.32 28.97 -33.10
CA SER D 339 -4.25 29.25 -34.19
C SER D 339 -4.69 30.69 -34.12
N PHE D 340 -5.08 31.24 -35.27
CA PHE D 340 -5.60 32.60 -35.31
C PHE D 340 -6.90 32.76 -34.54
N PRO D 341 -7.86 31.84 -34.59
CA PRO D 341 -9.03 31.96 -33.70
C PRO D 341 -8.68 32.05 -32.22
N HIS D 342 -7.70 31.27 -31.75
CA HIS D 342 -7.32 31.38 -30.34
C HIS D 342 -6.70 32.74 -30.07
N ARG D 343 -5.82 33.22 -30.95
CA ARG D 343 -5.28 34.57 -30.79
C ARG D 343 -6.39 35.61 -30.65
N GLN D 344 -7.46 35.50 -31.43
CA GLN D 344 -8.52 36.50 -31.31
C GLN D 344 -9.13 36.46 -29.92
N ASN D 345 -9.36 35.27 -29.37
CA ASN D 345 -9.87 35.19 -28.00
C ASN D 345 -8.86 35.78 -27.00
N VAL D 346 -7.56 35.55 -27.23
CA VAL D 346 -6.57 36.09 -26.30
C VAL D 346 -6.50 37.61 -26.38
N LEU D 347 -6.62 38.17 -27.59
CA LEU D 347 -6.59 39.63 -27.71
C LEU D 347 -7.83 40.26 -27.08
N ARG D 348 -8.97 39.57 -27.10
CA ARG D 348 -10.16 40.13 -26.46
C ARG D 348 -9.98 40.22 -24.96
N TYR D 349 -9.29 39.24 -24.35
CA TYR D 349 -8.98 39.34 -22.93
C TYR D 349 -8.02 40.49 -22.64
N ILE D 350 -7.03 40.70 -23.52
CA ILE D 350 -6.07 41.77 -23.30
C ILE D 350 -6.77 43.12 -23.38
N GLU D 351 -7.74 43.26 -24.28
CA GLU D 351 -8.45 44.53 -24.36
C GLU D 351 -9.35 44.74 -23.14
N SER D 352 -9.91 43.67 -22.58
CA SER D 352 -10.72 43.84 -21.38
C SER D 352 -9.87 44.26 -20.18
N GLY D 353 -8.61 43.82 -20.14
CA GLY D 353 -7.73 44.27 -19.08
C GLY D 353 -7.41 45.75 -19.19
N LYS D 354 -7.17 46.22 -20.41
CA LYS D 354 -6.97 47.65 -20.62
C LYS D 354 -8.20 48.44 -20.20
N SER D 355 -9.39 48.00 -20.63
CA SER D 355 -10.60 48.78 -20.38
C SER D 355 -10.95 48.81 -18.90
N GLU D 356 -10.59 47.77 -18.15
CA GLU D 356 -10.93 47.67 -16.73
C GLU D 356 -9.91 48.35 -15.82
N GLY D 357 -8.90 49.02 -16.38
CA GLY D 357 -8.02 49.87 -15.62
C GLY D 357 -6.70 49.25 -15.23
N ALA D 358 -6.48 47.99 -15.55
CA ALA D 358 -5.17 47.39 -15.29
C ALA D 358 -4.11 48.16 -16.05
N ARG D 359 -2.93 48.29 -15.44
CA ARG D 359 -1.82 49.00 -16.04
C ARG D 359 -1.03 48.05 -16.92
N LEU D 360 -0.86 48.43 -18.19
CA LEU D 360 -0.14 47.60 -19.15
C LEU D 360 1.36 47.81 -18.98
N LEU D 361 2.02 46.84 -18.33
CA LEU D 361 3.45 46.95 -18.11
C LEU D 361 4.26 46.63 -19.37
N CYS D 362 3.75 45.80 -20.26
CA CYS D 362 4.40 45.54 -21.55
C CYS D 362 3.52 44.64 -22.42
N GLY D 363 3.89 44.55 -23.69
CA GLY D 363 3.18 43.71 -24.64
C GLY D 363 1.79 44.23 -24.94
N GLY D 364 0.85 43.30 -25.14
CA GLY D 364 -0.55 43.64 -25.34
C GLY D 364 -0.97 43.81 -26.78
N ASP D 365 -0.08 43.55 -27.73
CA ASP D 365 -0.39 43.64 -29.15
C ASP D 365 0.16 42.39 -29.85
N VAL D 366 -0.22 42.23 -31.11
CA VAL D 366 0.42 41.23 -31.96
C VAL D 366 1.81 41.70 -32.35
N LEU D 367 2.62 40.76 -32.82
CA LEU D 367 3.94 41.07 -33.35
C LEU D 367 3.84 41.31 -34.85
N LYS D 368 4.71 42.20 -35.34
CA LYS D 368 4.63 42.73 -36.69
C LYS D 368 6.00 42.61 -37.36
N GLY D 369 5.98 42.66 -38.69
CA GLY D 369 7.19 42.70 -39.49
C GLY D 369 7.41 41.42 -40.26
N GLU D 370 8.58 41.36 -40.91
CA GLU D 370 8.92 40.19 -41.72
C GLU D 370 8.97 38.95 -40.84
N GLY D 371 8.16 37.95 -41.21
CA GLY D 371 8.13 36.68 -40.51
C GLY D 371 7.11 36.57 -39.40
N PHE D 372 6.48 37.67 -39.01
CA PHE D 372 5.45 37.66 -37.98
C PHE D 372 4.07 37.98 -38.49
N ASP D 373 3.97 38.69 -39.63
CA ASP D 373 2.67 39.07 -40.16
C ASP D 373 1.85 37.84 -40.56
N ASN D 374 2.50 36.74 -40.92
CA ASN D 374 1.83 35.53 -41.36
C ASN D 374 1.59 34.53 -40.22
N GLY D 375 2.07 34.81 -39.01
CA GLY D 375 1.90 33.93 -37.88
C GLY D 375 0.84 34.46 -36.90
N ALA D 376 0.47 33.59 -35.97
CA ALA D 376 -0.52 33.93 -34.95
C ALA D 376 0.15 34.43 -33.67
N TRP D 377 1.01 35.43 -33.80
CA TRP D 377 1.81 35.91 -32.68
C TRP D 377 1.07 36.89 -31.78
N VAL D 378 1.29 36.75 -30.47
CA VAL D 378 0.94 37.76 -29.48
C VAL D 378 2.18 38.03 -28.64
N ALA D 379 2.49 39.31 -28.44
CA ALA D 379 3.65 39.68 -27.65
C ALA D 379 3.48 39.26 -26.19
N PRO D 380 4.57 38.91 -25.50
CA PRO D 380 4.48 38.67 -24.06
C PRO D 380 3.92 39.89 -23.34
N THR D 381 2.88 39.67 -22.56
CA THR D 381 2.09 40.74 -21.99
C THR D 381 2.05 40.61 -20.47
N VAL D 382 2.21 41.75 -19.79
CA VAL D 382 2.12 41.80 -18.34
C VAL D 382 1.20 42.95 -17.94
N PHE D 383 0.21 42.65 -17.11
CA PHE D 383 -0.58 43.65 -16.43
C PHE D 383 -0.20 43.70 -14.96
N THR D 384 -0.26 44.90 -14.39
CA THR D 384 -0.07 45.09 -12.96
C THR D 384 -1.16 46.04 -12.45
N ASP D 385 -1.11 46.33 -11.15
CA ASP D 385 -2.18 47.09 -10.50
C ASP D 385 -3.52 46.37 -10.67
N CYS D 386 -3.49 45.04 -10.74
CA CYS D 386 -4.70 44.26 -10.98
C CYS D 386 -5.45 44.03 -9.68
N THR D 387 -6.78 43.95 -9.78
CA THR D 387 -7.64 43.67 -8.65
C THR D 387 -8.46 42.42 -8.93
N ASP D 388 -8.96 41.80 -7.86
CA ASP D 388 -9.54 40.48 -7.94
C ASP D 388 -10.82 40.41 -8.77
N ASP D 389 -11.45 41.54 -9.07
CA ASP D 389 -12.69 41.54 -9.84
C ASP D 389 -12.48 41.62 -11.34
N MET D 390 -11.27 41.89 -11.80
CA MET D 390 -11.02 42.09 -13.22
C MET D 390 -11.15 40.78 -13.99
N THR D 391 -11.62 40.89 -15.23
CA THR D 391 -11.81 39.70 -16.04
C THR D 391 -10.50 38.92 -16.21
N ILE D 392 -9.40 39.62 -16.49
CA ILE D 392 -8.13 38.96 -16.74
C ILE D 392 -7.61 38.22 -15.52
N VAL D 393 -8.17 38.49 -14.34
CA VAL D 393 -7.69 37.93 -13.09
C VAL D 393 -8.56 36.73 -12.71
N ARG D 394 -9.81 36.74 -13.17
CA ARG D 394 -10.76 35.70 -12.78
C ARG D 394 -10.87 34.57 -13.79
N GLU D 395 -10.52 34.81 -15.05
CA GLU D 395 -10.76 33.84 -16.11
C GLU D 395 -9.45 33.37 -16.73
N GLU D 396 -9.46 32.13 -17.18
CA GLU D 396 -8.26 31.55 -17.83
C GLU D 396 -8.14 32.13 -19.25
N ILE D 397 -7.01 32.74 -19.53
CA ILE D 397 -6.74 33.31 -20.84
C ILE D 397 -6.11 32.28 -21.77
N PHE D 398 -5.20 31.47 -21.23
CA PHE D 398 -4.47 30.47 -22.01
C PHE D 398 -3.61 31.14 -23.06
N GLY D 399 -3.00 32.26 -22.69
CA GLY D 399 -2.09 32.98 -23.54
C GLY D 399 -1.04 33.67 -22.70
N PRO D 400 -0.09 34.35 -23.34
CA PRO D 400 1.07 34.92 -22.61
C PRO D 400 0.70 36.25 -21.96
N VAL D 401 -0.07 36.15 -20.89
CA VAL D 401 -0.60 37.30 -20.17
C VAL D 401 -0.45 37.06 -18.67
N MET D 402 0.54 37.70 -18.06
CA MET D 402 0.76 37.64 -16.62
C MET D 402 0.00 38.77 -15.93
N SER D 403 -0.67 38.45 -14.84
CA SER D 403 -1.32 39.43 -13.98
C SER D 403 -0.56 39.52 -12.66
N ILE D 404 -0.07 40.73 -12.33
CA ILE D 404 0.62 40.98 -11.07
C ILE D 404 -0.35 41.63 -10.09
N LEU D 405 -0.42 41.08 -8.88
CA LEU D 405 -1.32 41.58 -7.83
C LEU D 405 -0.54 41.81 -6.55
N SER D 406 -0.70 42.98 -5.95
CA SER D 406 -0.04 43.30 -4.70
CA SER D 406 -0.05 43.31 -4.69
C SER D 406 -0.88 42.81 -3.51
N TYR D 407 -0.17 42.43 -2.44
CA TYR D 407 -0.81 41.99 -1.21
C TYR D 407 0.00 42.48 -0.02
N ASP D 408 -0.61 42.42 1.17
CA ASP D 408 -0.05 43.01 2.39
C ASP D 408 0.21 42.01 3.51
N ASP D 409 -0.63 40.98 3.67
CA ASP D 409 -0.42 40.00 4.73
C ASP D 409 -0.71 38.59 4.24
N GLU D 410 -0.14 37.62 4.97
CA GLU D 410 -0.16 36.22 4.57
C GLU D 410 -1.58 35.66 4.59
N ALA D 411 -2.38 36.02 5.59
CA ALA D 411 -3.75 35.54 5.62
C ALA D 411 -4.52 36.06 4.42
N GLU D 412 -4.33 37.33 4.08
CA GLU D 412 -4.99 37.93 2.94
C GLU D 412 -4.67 37.18 1.66
N VAL D 413 -3.38 36.95 1.41
CA VAL D 413 -2.99 36.35 0.14
C VAL D 413 -3.51 34.94 0.03
N ILE D 414 -3.58 34.20 1.13
CA ILE D 414 -4.14 32.85 1.08
C ILE D 414 -5.64 32.90 0.74
N ARG D 415 -6.40 33.78 1.39
CA ARG D 415 -7.82 33.92 1.03
C ARG D 415 -7.99 34.26 -0.45
N ARG D 416 -7.24 35.26 -0.93
CA ARG D 416 -7.39 35.69 -2.31
C ARG D 416 -6.97 34.60 -3.28
N ALA D 417 -5.88 33.89 -2.99
CA ALA D 417 -5.44 32.80 -3.85
C ALA D 417 -6.54 31.74 -3.98
N ASN D 418 -7.20 31.42 -2.88
CA ASN D 418 -8.23 30.39 -2.83
C ASN D 418 -9.60 30.85 -3.32
N ALA D 419 -9.83 32.16 -3.46
CA ALA D 419 -11.16 32.69 -3.79
C ALA D 419 -11.41 32.57 -5.29
N THR D 420 -11.52 31.33 -5.74
CA THR D 420 -11.67 31.06 -7.17
C THR D 420 -12.37 29.72 -7.30
N GLU D 421 -13.02 29.52 -8.44
CA GLU D 421 -13.56 28.21 -8.78
C GLU D 421 -12.50 27.28 -9.36
N TYR D 422 -11.39 27.83 -9.88
CA TYR D 422 -10.28 27.03 -10.36
C TYR D 422 -9.46 26.48 -9.19
N GLY D 423 -8.77 25.37 -9.44
CA GLY D 423 -8.04 24.70 -8.38
C GLY D 423 -6.84 23.88 -8.83
N LEU D 424 -6.17 24.25 -9.93
CA LEU D 424 -5.25 23.30 -10.55
C LEU D 424 -3.90 23.27 -9.86
N ALA D 425 -3.17 24.38 -9.89
CA ALA D 425 -1.82 24.44 -9.37
C ALA D 425 -1.69 25.68 -8.50
N ALA D 426 -0.54 25.77 -7.84
CA ALA D 426 -0.22 26.87 -6.95
C ALA D 426 1.25 26.74 -6.59
N GLY D 427 1.83 27.84 -6.15
CA GLY D 427 3.24 27.80 -5.80
C GLY D 427 3.56 28.93 -4.84
N VAL D 428 4.65 28.74 -4.10
CA VAL D 428 5.13 29.73 -3.15
C VAL D 428 6.64 29.83 -3.29
N VAL D 429 7.16 31.05 -3.20
CA VAL D 429 8.59 31.33 -3.23
C VAL D 429 8.96 31.89 -1.85
N THR D 430 9.70 31.11 -1.07
CA THR D 430 10.16 31.56 0.23
C THR D 430 11.30 30.66 0.66
N PRO D 431 12.34 31.19 1.31
CA PRO D 431 13.37 30.33 1.89
C PRO D 431 13.04 29.81 3.28
N ASP D 432 11.92 30.22 3.86
CA ASP D 432 11.62 29.88 5.25
C ASP D 432 10.91 28.53 5.34
N LEU D 433 11.39 27.66 6.24
CA LEU D 433 10.84 26.33 6.39
C LEU D 433 9.35 26.36 6.73
N ASN D 434 8.98 27.09 7.78
CA ASN D 434 7.61 27.08 8.27
C ASN D 434 6.67 27.77 7.30
N ARG D 435 7.11 28.86 6.70
CA ARG D 435 6.24 29.60 5.79
C ARG D 435 5.92 28.77 4.56
N ALA D 436 6.89 28.02 4.03
CA ALA D 436 6.66 27.26 2.82
C ALA D 436 5.60 26.19 3.03
N HIS D 437 5.81 25.31 4.01
CA HIS D 437 4.84 24.24 4.26
C HIS D 437 3.50 24.79 4.74
N ARG D 438 3.54 25.78 5.64
CA ARG D 438 2.32 26.33 6.21
C ARG D 438 1.42 26.94 5.14
N ILE D 439 1.99 27.76 4.25
CA ILE D 439 1.19 28.35 3.20
C ILE D 439 0.65 27.28 2.24
N ILE D 440 1.51 26.33 1.86
CA ILE D 440 1.11 25.34 0.87
C ILE D 440 0.00 24.45 1.39
N HIS D 441 0.03 24.09 2.68
CA HIS D 441 -1.01 23.21 3.18
C HIS D 441 -2.38 23.86 3.17
N GLN D 442 -2.47 25.19 3.12
CA GLN D 442 -3.76 25.89 3.08
C GLN D 442 -4.25 26.25 1.68
N LEU D 443 -3.45 26.07 0.65
CA LEU D 443 -3.91 26.41 -0.70
C LEU D 443 -4.76 25.28 -1.26
N GLU D 444 -5.83 25.65 -1.95
CA GLU D 444 -6.77 24.68 -2.50
C GLU D 444 -6.40 24.41 -3.95
N ALA D 445 -5.35 23.60 -4.13
CA ALA D 445 -4.85 23.22 -5.44
C ALA D 445 -4.22 21.85 -5.36
N GLY D 446 -4.28 21.11 -6.47
CA GLY D 446 -3.76 19.75 -6.49
C GLY D 446 -2.28 19.62 -6.77
N ILE D 447 -1.68 20.65 -7.37
CA ILE D 447 -0.29 20.64 -7.82
C ILE D 447 0.39 21.87 -7.21
N CYS D 448 1.26 21.65 -6.23
CA CYS D 448 1.90 22.75 -5.51
C CYS D 448 3.42 22.68 -5.64
N TRP D 449 4.02 23.79 -6.03
CA TRP D 449 5.48 23.87 -6.18
C TRP D 449 6.06 24.86 -5.17
N ILE D 450 7.13 24.44 -4.49
CA ILE D 450 7.86 25.32 -3.59
C ILE D 450 9.19 25.67 -4.24
N ASN D 451 9.40 26.95 -4.49
CA ASN D 451 10.64 27.48 -5.08
C ASN D 451 10.93 26.90 -6.45
N SER D 452 9.90 26.63 -7.23
CA SER D 452 10.05 26.13 -8.59
CA SER D 452 10.08 26.18 -8.61
C SER D 452 8.72 26.30 -9.30
N TRP D 453 8.65 25.84 -10.55
CA TRP D 453 7.39 25.79 -11.26
C TRP D 453 7.50 24.79 -12.40
N GLY D 454 6.41 24.08 -12.66
CA GLY D 454 6.23 23.37 -13.91
C GLY D 454 6.73 21.93 -13.93
N GLU D 455 7.60 21.53 -13.02
CA GLU D 455 8.11 20.17 -13.08
C GLU D 455 7.01 19.19 -12.69
N SER D 456 6.85 18.12 -13.48
CA SER D 456 5.72 17.21 -13.34
C SER D 456 6.19 15.76 -13.46
N PRO D 457 6.86 15.24 -12.42
CA PRO D 457 7.43 13.89 -12.52
C PRO D 457 6.36 12.82 -12.72
N ALA D 458 6.75 11.75 -13.43
CA ALA D 458 5.86 10.62 -13.68
C ALA D 458 5.29 10.06 -12.38
N GLU D 459 6.06 10.14 -11.30
CA GLU D 459 5.69 9.62 -9.99
C GLU D 459 4.64 10.45 -9.26
N MET D 460 4.39 11.67 -9.71
CA MET D 460 3.64 12.65 -8.94
C MET D 460 2.22 12.77 -9.48
N PRO D 461 1.18 12.36 -8.74
CA PRO D 461 -0.19 12.57 -9.22
C PRO D 461 -0.48 14.05 -9.40
N VAL D 462 -1.15 14.40 -10.51
CA VAL D 462 -1.46 15.79 -10.83
C VAL D 462 -2.89 15.90 -11.31
N GLY D 463 -3.56 16.96 -10.89
CA GLY D 463 -4.94 17.20 -11.26
C GLY D 463 -5.54 18.25 -10.34
N GLY D 464 -6.78 18.62 -10.64
CA GLY D 464 -7.36 19.83 -10.10
C GLY D 464 -8.32 19.63 -8.94
N TYR D 465 -8.30 20.61 -8.03
CA TYR D 465 -9.39 20.83 -7.10
C TYR D 465 -10.57 21.55 -7.79
N LYS D 466 -11.76 21.41 -7.20
CA LYS D 466 -12.94 22.24 -7.52
C LYS D 466 -13.22 22.11 -9.02
N HIS D 467 -13.36 23.23 -9.77
CA HIS D 467 -13.74 23.16 -11.17
C HIS D 467 -12.61 22.80 -12.10
N SER D 468 -11.41 22.54 -11.59
CA SER D 468 -10.26 22.28 -12.45
C SER D 468 -10.06 20.83 -12.81
N GLY D 469 -10.84 19.92 -12.25
CA GLY D 469 -10.74 18.55 -12.73
C GLY D 469 -11.47 17.57 -11.86
N ILE D 470 -11.49 16.35 -12.37
CA ILE D 470 -11.94 15.15 -11.67
C ILE D 470 -10.84 14.13 -11.84
N GLY D 471 -10.43 13.51 -10.75
CA GLY D 471 -9.38 12.53 -10.82
C GLY D 471 -8.00 13.13 -11.01
N ARG D 472 -7.07 12.24 -11.34
CA ARG D 472 -5.65 12.53 -11.35
C ARG D 472 -5.00 11.82 -12.53
N GLU D 473 -3.86 12.33 -12.94
CA GLU D 473 -2.97 11.67 -13.89
C GLU D 473 -1.61 11.47 -13.26
N ASN D 474 -0.85 10.51 -13.78
CA ASN D 474 0.47 10.14 -13.29
C ASN D 474 0.42 9.56 -11.87
N GLY D 475 1.55 9.02 -11.43
CA GLY D 475 1.62 8.33 -10.15
C GLY D 475 1.02 6.93 -10.20
N VAL D 476 1.32 6.16 -9.16
CA VAL D 476 0.78 4.81 -9.05
CA VAL D 476 0.79 4.81 -9.05
C VAL D 476 -0.74 4.84 -9.06
N MET D 477 -1.34 5.81 -8.40
CA MET D 477 -2.80 5.81 -8.30
C MET D 477 -3.49 5.90 -9.65
N THR D 478 -2.89 6.57 -10.64
CA THR D 478 -3.56 6.65 -11.93
C THR D 478 -3.57 5.30 -12.63
N LEU D 479 -2.52 4.50 -12.45
CA LEU D 479 -2.55 3.12 -12.92
C LEU D 479 -3.73 2.38 -12.31
N GLN D 480 -3.95 2.55 -11.00
CA GLN D 480 -5.06 1.85 -10.35
C GLN D 480 -6.41 2.34 -10.86
N SER D 481 -6.52 3.62 -11.19
CA SER D 481 -7.80 4.18 -11.64
C SER D 481 -8.17 3.75 -13.06
N TYR D 482 -7.26 3.10 -13.79
CA TYR D 482 -7.61 2.50 -15.06
C TYR D 482 -7.93 1.01 -14.90
N THR D 483 -8.09 0.54 -13.66
CA THR D 483 -8.66 -0.75 -13.37
C THR D 483 -9.93 -0.56 -12.57
N GLN D 484 -10.74 -1.61 -12.51
CA GLN D 484 -11.92 -1.65 -11.66
C GLN D 484 -11.77 -2.83 -10.71
N VAL D 485 -12.21 -2.64 -9.48
CA VAL D 485 -12.07 -3.69 -8.47
C VAL D 485 -13.21 -4.70 -8.60
N LYS D 486 -12.84 -5.98 -8.60
CA LYS D 486 -13.80 -7.06 -8.42
C LYS D 486 -13.51 -7.71 -7.07
N SER D 487 -14.53 -7.75 -6.22
CA SER D 487 -14.43 -8.41 -4.92
C SER D 487 -15.04 -9.79 -5.01
N ILE D 488 -14.32 -10.78 -4.51
CA ILE D 488 -14.72 -12.17 -4.57
C ILE D 488 -14.69 -12.76 -3.16
N GLN D 489 -15.84 -13.25 -2.70
CA GLN D 489 -15.94 -13.94 -1.42
C GLN D 489 -16.01 -15.44 -1.63
N VAL D 490 -15.09 -16.17 -1.01
CA VAL D 490 -15.06 -17.62 -1.00
C VAL D 490 -15.67 -18.10 0.31
N GLU D 491 -16.90 -18.61 0.27
CA GLU D 491 -17.56 -19.12 1.47
C GLU D 491 -17.39 -20.64 1.51
N MET D 492 -16.59 -21.12 2.47
CA MET D 492 -16.34 -22.56 2.60
C MET D 492 -17.18 -23.20 3.71
N GLY D 493 -17.90 -22.40 4.49
CA GLY D 493 -18.81 -22.89 5.48
C GLY D 493 -20.17 -23.21 4.90
N PRO D 494 -21.04 -23.80 5.72
CA PRO D 494 -22.41 -24.10 5.26
C PRO D 494 -23.23 -22.82 5.18
N PHE D 495 -23.90 -22.65 4.06
CA PHE D 495 -24.73 -21.47 3.85
C PHE D 495 -26.09 -21.67 4.50
N GLN D 496 -26.54 -20.66 5.25
CA GLN D 496 -27.78 -20.70 6.01
C GLN D 496 -28.81 -19.83 5.31
N SER D 497 -29.96 -20.40 4.97
CA SER D 497 -31.08 -19.63 4.48
C SER D 497 -32.08 -19.47 5.62
N ILE D 498 -32.78 -18.33 5.63
CA ILE D 498 -33.83 -18.09 6.61
C ILE D 498 -35.22 -18.45 6.07
N PHE D 499 -35.31 -19.00 4.85
CA PHE D 499 -36.58 -19.41 4.26
C PHE D 499 -36.77 -20.93 4.29
N BET E . 15.12 -22.30 -5.55
CA BET E . 15.12 -22.64 -4.07
C BET E . 15.56 -24.01 -3.52
O BET E . 16.75 -24.31 -3.75
OXT BET E . 14.70 -24.67 -2.92
C1 BET E . 14.17 -21.17 -5.77
C2 BET E . 16.49 -21.91 -5.99
C3 BET E . 14.67 -23.48 -6.37
N BET F . -27.28 -3.20 0.19
CA BET F . -27.12 -3.06 -1.29
C BET F . -28.29 -3.32 -2.29
O BET F . -29.35 -2.68 -2.06
OXT BET F . -28.05 -4.12 -3.20
C1 BET F . -25.94 -3.34 0.82
C2 BET F . -28.00 -2.02 0.75
C3 BET F . -28.08 -4.43 0.52
N BET G . 11.21 5.81 24.38
CA BET G . 12.57 5.64 23.74
C BET G . 13.91 5.70 24.54
O BET G . 13.90 5.23 25.71
OXT BET G . 14.86 6.21 23.95
C1 BET G . 10.18 6.10 23.36
C2 BET G . 10.87 4.56 25.13
C3 BET G . 11.26 6.96 25.33
N BET H . 1.17 20.02 -18.91
CA BET H . 0.50 21.16 -18.18
C BET H . -0.86 21.75 -18.67
O BET H . -1.75 21.86 -17.82
OXT BET H . -0.92 22.05 -19.89
C1 BET H . 1.82 19.10 -17.94
C2 BET H . 0.20 19.29 -19.80
C3 BET H . 2.25 20.60 -19.77
#